data_7F1U
#
_entry.id   7F1U
#
_cell.length_a   153.907
_cell.length_b   152.557
_cell.length_c   80.900
_cell.angle_alpha   90.00
_cell.angle_beta   90.00
_cell.angle_gamma   90.00
#
_symmetry.space_group_name_H-M   'P 21 21 2'
#
loop_
_entity.id
_entity.type
_entity.pdbx_description
1 polymer 'L-methionine gamma-lyase'
2 polymer 'L-methionine gamma-lyase'
3 non-polymer '(2E)-2-[({3-hydroxy-2-methyl-5-[(phosphonooxy)methyl]pyridin-4-yl}methyl)amino]-4-(methylsulfanyl)but-2-enoic acid'
4 non-polymer METHIONINE
5 water water
#
loop_
_entity_poly.entity_id
_entity_poly.type
_entity_poly.pdbx_seq_one_letter_code
_entity_poly.pdbx_strand_id
1 'polypeptide(L)'
;MHGSNKLPGFATRAIHHGYDPQDHGGALVPPVYQTATFTFPTVEYGAACFAGEQAGHFYSRISNPTLNLLEARMASLEGG
EAGLALASGMGAITSTLWTLLRPGDEVLLGNTLYGCTFAFLHHGIGEFGVKLRHVDMADLQALEAAMTPATRVIYFESPA
NPNMHMADIAGVAKIARKHGATVVVDNTYCTPYLQRPLELGADLVVHSATKYLSGHGDITAGIVVGSQALVDRIRLQGLK
DMTGAVLSPHDAALLMRGIKTLNLRMDRHCANAQVLAEFLARQPQVELIHYPGLASFPQYTLARQQMSQPGGMIAFELKG
GIGAGRRFMNALQLFSRAVSLGDAESLASHPASMTHSSYTPEERAHYGISEGLVRLSVGLEDIDDLLADVQQALKASA
;
A,C,D
2 'polypeptide(L)'
;MHGSNKLPGFATRAIHHGYDPQDHGGALVPPVYQTATFTFPTVEYGAACFAGEQAGHFYSRISNPTLNLLEARMASLEGG
EAGLALASGMGAITSTLWTLLRPGDEVLLGNTLYGCTFAFLHHGIGEFGVKLRHVDMADLQALEAAMTPATRVIYFESPA
NPNMHMADIAGVAKIARKHGATVVVDNTYCTPYLQRPLELGADLVVHSAT(LLP)YLSGHGDITAGIVVGSQALVDRIRL
QGLKDMTGAVLSPHDAALLMRGIKTLNLRMDRHCANAQVLAEFLARQPQVELIHYPGLASFPQYTLARQQMSQPGGMIAF
ELKGGIGAGRRFMNALQLFSRAVSLGDAESLASHPASMTHSSYTPEERAHYGISEGLVRLSVGLEDIDDLLADVQQALKA
SA
;
B
#
loop_
_chem_comp.id
_chem_comp.type
_chem_comp.name
_chem_comp.formula
3LM non-polymer '(2E)-2-[({3-hydroxy-2-methyl-5-[(phosphonooxy)methyl]pyridin-4-yl}methyl)amino]-4-(methylsulfanyl)but-2-enoic acid' 'C13 H19 N2 O7 P S'
#
# COMPACT_ATOMS: atom_id res chain seq x y z
N GLY A 3 30.56 -18.49 21.30
CA GLY A 3 30.21 -19.19 20.03
C GLY A 3 28.80 -18.91 19.49
N SER A 4 28.37 -19.74 18.54
CA SER A 4 27.11 -19.54 17.79
C SER A 4 25.80 -19.97 18.49
N ASN A 5 25.89 -20.68 19.62
CA ASN A 5 24.70 -21.09 20.39
C ASN A 5 24.11 -20.01 21.32
N LYS A 6 24.70 -18.81 21.28
CA LYS A 6 24.15 -17.65 22.01
C LYS A 6 22.98 -17.11 21.20
N LEU A 7 21.90 -16.75 21.89
CA LEU A 7 20.72 -16.17 21.24
C LEU A 7 21.05 -14.73 20.81
N PRO A 8 20.71 -14.33 19.57
CA PRO A 8 20.88 -12.91 19.26
C PRO A 8 20.02 -11.95 20.13
N GLY A 9 20.48 -10.71 20.28
CA GLY A 9 19.76 -9.72 21.06
C GLY A 9 18.37 -9.43 20.51
N PHE A 10 17.50 -8.92 21.37
CA PHE A 10 16.12 -8.61 21.04
C PHE A 10 16.03 -7.76 19.75
N ALA A 11 16.77 -6.66 19.73
CA ALA A 11 16.75 -5.75 18.60
C ALA A 11 17.19 -6.42 17.31
N THR A 12 18.21 -7.27 17.37
CA THR A 12 18.64 -8.04 16.22
C THR A 12 17.52 -8.94 15.71
N ARG A 13 16.87 -9.67 16.61
CA ARG A 13 15.78 -10.55 16.22
C ARG A 13 14.57 -9.76 15.71
N ALA A 14 14.31 -8.59 16.27
CA ALA A 14 13.18 -7.73 15.82
C ALA A 14 13.35 -7.17 14.40
N ILE A 15 14.59 -7.20 13.90
CA ILE A 15 14.94 -6.75 12.56
C ILE A 15 15.17 -7.91 11.60
N HIS A 16 15.65 -9.06 12.09
CA HIS A 16 16.17 -10.12 11.21
C HIS A 16 15.49 -11.47 11.32
N HIS A 17 14.98 -11.83 12.49
CA HIS A 17 14.57 -13.21 12.70
C HIS A 17 13.59 -13.70 11.63
N GLY A 18 13.95 -14.83 11.04
CA GLY A 18 13.10 -15.58 10.14
C GLY A 18 13.25 -15.20 8.68
N TYR A 19 14.17 -14.27 8.37
CA TYR A 19 14.34 -13.78 7.01
C TYR A 19 15.80 -13.76 6.60
N ASP A 20 16.09 -14.41 5.48
CA ASP A 20 17.37 -14.33 4.80
C ASP A 20 17.09 -13.71 3.43
N PRO A 21 17.70 -12.55 3.12
CA PRO A 21 17.49 -11.98 1.77
C PRO A 21 17.86 -12.91 0.59
N GLN A 22 18.81 -13.84 0.77
CA GLN A 22 19.18 -14.85 -0.26
C GLN A 22 18.00 -15.67 -0.78
N ASP A 23 16.99 -15.92 0.05
CA ASP A 23 15.84 -16.76 -0.35
C ASP A 23 14.75 -16.00 -1.13
N HIS A 24 14.95 -14.69 -1.40
CA HIS A 24 13.97 -13.86 -2.10
C HIS A 24 14.61 -12.89 -3.07
N GLY A 25 15.45 -13.42 -3.95
CA GLY A 25 16.20 -12.62 -4.93
C GLY A 25 17.06 -11.50 -4.34
N GLY A 26 17.48 -11.65 -3.09
CA GLY A 26 18.26 -10.62 -2.41
C GLY A 26 17.51 -9.44 -1.82
N ALA A 27 16.19 -9.36 -1.97
CA ALA A 27 15.44 -8.22 -1.42
C ALA A 27 15.73 -8.03 0.06
N LEU A 28 16.12 -6.83 0.46
CA LEU A 28 16.51 -6.58 1.86
C LEU A 28 15.27 -6.52 2.73
N VAL A 29 14.25 -5.86 2.23
CA VAL A 29 12.94 -5.90 2.83
C VAL A 29 12.22 -7.08 2.20
N PRO A 30 11.55 -7.93 3.02
CA PRO A 30 10.79 -9.02 2.42
C PRO A 30 9.70 -8.49 1.47
N PRO A 31 9.55 -9.12 0.30
CA PRO A 31 8.47 -8.65 -0.57
C PRO A 31 7.11 -9.04 0.02
N VAL A 32 6.09 -8.26 -0.31
CA VAL A 32 4.77 -8.41 0.29
C VAL A 32 3.91 -9.35 -0.55
N TYR A 33 3.51 -10.49 0.00
CA TYR A 33 2.60 -11.41 -0.68
C TYR A 33 1.12 -10.96 -0.61
N GLN A 34 0.81 -9.88 -1.33
CA GLN A 34 -0.56 -9.34 -1.39
C GLN A 34 -1.30 -10.17 -2.45
N THR A 35 -1.59 -11.41 -2.06
CA THR A 35 -2.26 -12.41 -2.89
C THR A 35 -3.26 -13.20 -2.02
N ALA A 36 -4.48 -13.37 -2.51
CA ALA A 36 -5.49 -14.15 -1.78
C ALA A 36 -5.22 -15.65 -1.86
N THR A 37 -4.78 -16.14 -3.01
CA THR A 37 -4.63 -17.58 -3.24
C THR A 37 -3.26 -17.97 -3.78
N PHE A 38 -2.94 -19.25 -3.61
CA PHE A 38 -1.68 -19.83 -4.06
C PHE A 38 -1.99 -21.08 -4.91
N THR A 39 -1.17 -21.38 -5.90
CA THR A 39 -1.42 -22.47 -6.85
C THR A 39 -0.46 -23.60 -6.63
N PHE A 40 -0.76 -24.74 -7.27
CA PHE A 40 0.01 -26.00 -7.11
C PHE A 40 0.63 -26.48 -8.45
N PRO A 41 1.83 -27.10 -8.39
CA PRO A 41 2.47 -27.62 -9.62
C PRO A 41 1.84 -28.91 -10.15
N THR A 42 1.38 -29.77 -9.23
CA THR A 42 0.50 -30.89 -9.53
C THR A 42 -0.65 -30.88 -8.51
N VAL A 43 -1.69 -31.64 -8.79
CA VAL A 43 -2.87 -31.71 -7.92
C VAL A 43 -2.69 -32.68 -6.73
N GLU A 44 -1.62 -33.48 -6.74
CA GLU A 44 -1.24 -34.33 -5.61
C GLU A 44 -0.50 -33.49 -4.55
N TYR A 45 0.37 -32.59 -5.00
CA TYR A 45 0.97 -31.53 -4.15
C TYR A 45 -0.10 -30.63 -3.51
N GLY A 46 -1.19 -30.36 -4.25
CA GLY A 46 -2.34 -29.65 -3.71
C GLY A 46 -3.14 -30.41 -2.65
N ALA A 47 -3.21 -31.73 -2.76
CA ALA A 47 -3.88 -32.60 -1.78
C ALA A 47 -3.18 -32.60 -0.43
N ALA A 48 -1.85 -32.68 -0.46
CA ALA A 48 -1.03 -32.65 0.76
C ALA A 48 -1.01 -31.30 1.53
N CYS A 49 -1.37 -30.18 0.88
CA CYS A 49 -1.38 -28.84 1.51
C CYS A 49 -2.67 -28.48 2.29
N PHE A 50 -3.78 -29.15 1.96
CA PHE A 50 -4.99 -29.13 2.79
C PHE A 50 -4.98 -30.23 3.86
N ALA A 51 -4.21 -31.30 3.63
CA ALA A 51 -3.98 -32.33 4.65
C ALA A 51 -2.98 -31.84 5.71
N GLY A 52 -1.75 -31.55 5.27
CA GLY A 52 -0.64 -31.19 6.16
C GLY A 52 0.54 -32.17 6.21
N GLU A 53 0.73 -32.94 5.14
CA GLU A 53 1.95 -33.76 4.95
C GLU A 53 3.06 -32.90 4.31
N GLN A 54 2.66 -32.05 3.36
CA GLN A 54 3.59 -31.17 2.63
C GLN A 54 3.60 -29.75 3.23
N ALA A 55 4.79 -29.13 3.24
CA ALA A 55 4.99 -27.74 3.69
C ALA A 55 4.77 -26.79 2.51
N GLY A 56 3.88 -25.81 2.69
CA GLY A 56 3.51 -24.90 1.61
C GLY A 56 2.21 -24.13 1.83
N HIS A 57 1.67 -23.56 0.76
CA HIS A 57 0.57 -22.59 0.82
C HIS A 57 -0.56 -22.84 -0.16
N PHE A 58 -1.75 -22.37 0.22
CA PHE A 58 -2.96 -22.49 -0.63
C PHE A 58 -3.94 -21.30 -0.56
N TYR A 59 -4.16 -20.75 0.63
CA TYR A 59 -5.11 -19.65 0.80
C TYR A 59 -4.70 -18.78 1.99
N SER A 60 -4.73 -17.46 1.81
CA SER A 60 -4.22 -16.50 2.80
C SER A 60 -5.01 -16.44 4.14
N ARG A 61 -6.31 -16.73 4.11
CA ARG A 61 -7.11 -16.79 5.35
C ARG A 61 -6.60 -17.84 6.33
N ILE A 62 -5.95 -18.88 5.80
CA ILE A 62 -5.33 -19.92 6.62
C ILE A 62 -3.87 -19.55 6.94
N SER A 63 -3.11 -19.14 5.90
CA SER A 63 -1.64 -18.92 6.00
C SER A 63 -1.03 -18.28 4.70
N ASN A 64 0.00 -17.44 4.88
CA ASN A 64 0.57 -16.55 3.85
C ASN A 64 2.06 -16.20 4.22
N PRO A 65 2.99 -16.20 3.26
CA PRO A 65 4.41 -16.01 3.66
C PRO A 65 4.78 -14.71 4.42
N THR A 66 4.07 -13.62 4.13
CA THR A 66 4.31 -12.34 4.81
C THR A 66 3.81 -12.44 6.25
N LEU A 67 2.60 -12.98 6.42
CA LEU A 67 2.05 -13.27 7.74
C LEU A 67 2.87 -14.28 8.52
N ASN A 68 3.36 -15.36 7.88
CA ASN A 68 4.25 -16.32 8.58
C ASN A 68 5.53 -15.69 9.12
N LEU A 69 6.11 -14.74 8.40
CA LEU A 69 7.33 -14.10 8.87
C LEU A 69 7.04 -13.31 10.14
N LEU A 70 5.97 -12.51 10.09
CA LEU A 70 5.49 -11.73 11.24
C LEU A 70 5.22 -12.63 12.45
N GLU A 71 4.59 -13.75 12.18
CA GLU A 71 4.24 -14.74 13.20
C GLU A 71 5.47 -15.32 13.88
N ALA A 72 6.41 -15.82 13.08
CA ALA A 72 7.66 -16.42 13.60
C ALA A 72 8.50 -15.39 14.35
N ARG A 73 8.48 -14.15 13.88
CA ARG A 73 9.25 -13.07 14.52
C ARG A 73 8.68 -12.68 15.88
N MET A 74 7.36 -12.51 15.98
CA MET A 74 6.69 -12.27 17.26
C MET A 74 6.86 -13.43 18.24
N ALA A 75 6.86 -14.66 17.73
CA ALA A 75 7.14 -15.84 18.59
C ALA A 75 8.53 -15.79 19.20
N SER A 76 9.52 -15.43 18.39
CA SER A 76 10.88 -15.26 18.87
C SER A 76 10.96 -14.22 19.97
N LEU A 77 10.31 -13.07 19.75
CA LEU A 77 10.35 -11.96 20.72
C LEU A 77 9.66 -12.30 22.04
N GLU A 78 8.51 -12.97 21.99
CA GLU A 78 7.80 -13.45 23.19
C GLU A 78 8.42 -14.72 23.81
N GLY A 79 9.24 -15.44 23.06
CA GLY A 79 9.86 -16.66 23.55
C GLY A 79 8.90 -17.83 23.54
N GLY A 80 8.06 -17.90 22.50
CA GLY A 80 7.08 -18.98 22.27
C GLY A 80 7.40 -19.76 21.01
N GLU A 81 6.79 -20.94 20.87
CA GLU A 81 7.02 -21.85 19.75
C GLU A 81 6.46 -21.30 18.46
N ALA A 82 5.26 -20.70 18.52
CA ALA A 82 4.55 -20.32 17.28
C ALA A 82 3.71 -19.08 17.42
N GLY A 83 3.36 -18.49 16.29
CA GLY A 83 2.60 -17.25 16.25
C GLY A 83 1.47 -17.30 15.25
N LEU A 84 0.52 -16.40 15.41
CA LEU A 84 -0.62 -16.25 14.50
C LEU A 84 -0.93 -14.77 14.42
N ALA A 85 -1.20 -14.27 13.22
CA ALA A 85 -1.51 -12.86 13.01
C ALA A 85 -2.97 -12.76 12.61
N LEU A 86 -3.68 -11.78 13.17
CA LEU A 86 -5.10 -11.60 12.94
C LEU A 86 -5.39 -10.16 12.67
N ALA A 87 -6.64 -9.88 12.28
CA ALA A 87 -7.04 -8.55 11.81
C ALA A 87 -7.16 -7.50 12.89
N SER A 88 -7.25 -7.91 14.15
CA SER A 88 -7.34 -6.98 15.27
C SER A 88 -7.02 -7.70 16.55
N GLY A 89 -6.70 -6.92 17.59
CA GLY A 89 -6.67 -7.42 18.96
C GLY A 89 -7.86 -8.27 19.33
N MET A 90 -9.07 -7.78 19.03
CA MET A 90 -10.28 -8.58 19.29
C MET A 90 -10.35 -9.84 18.46
N GLY A 91 -9.85 -9.80 17.23
CA GLY A 91 -9.68 -11.02 16.43
C GLY A 91 -8.78 -12.07 17.09
N ALA A 92 -7.70 -11.62 17.74
CA ALA A 92 -6.82 -12.53 18.47
C ALA A 92 -7.50 -13.13 19.69
N ILE A 93 -8.21 -12.28 20.44
CA ILE A 93 -8.86 -12.70 21.69
C ILE A 93 -10.01 -13.67 21.41
N THR A 94 -10.89 -13.27 20.48
CA THR A 94 -12.08 -14.06 20.16
C THR A 94 -11.70 -15.36 19.48
N SER A 95 -10.78 -15.29 18.53
CA SER A 95 -10.30 -16.50 17.85
C SER A 95 -9.69 -17.46 18.86
N THR A 96 -8.98 -16.96 19.87
CA THR A 96 -8.42 -17.81 20.92
C THR A 96 -9.50 -18.42 21.81
N LEU A 97 -10.39 -17.59 22.36
CA LEU A 97 -11.43 -18.08 23.29
C LEU A 97 -12.54 -18.95 22.64
N TRP A 98 -12.92 -18.66 21.41
CA TRP A 98 -13.87 -19.52 20.69
C TRP A 98 -13.32 -20.94 20.45
N THR A 99 -11.99 -21.10 20.34
CA THR A 99 -11.43 -22.44 20.10
C THR A 99 -11.20 -23.22 21.38
N LEU A 100 -10.79 -22.53 22.46
CA LEU A 100 -10.51 -23.17 23.76
C LEU A 100 -11.73 -23.53 24.63
N LEU A 101 -12.84 -22.83 24.46
CA LEU A 101 -14.01 -22.99 25.34
C LEU A 101 -15.22 -23.61 24.62
N ARG A 102 -16.02 -24.36 25.37
CA ARG A 102 -17.29 -24.93 24.91
C ARG A 102 -18.32 -24.83 26.06
N PRO A 103 -19.62 -24.96 25.73
CA PRO A 103 -20.66 -24.93 26.78
C PRO A 103 -20.34 -25.86 27.94
N GLY A 104 -20.42 -25.35 29.18
CA GLY A 104 -20.07 -26.12 30.38
C GLY A 104 -18.73 -25.71 30.99
N ASP A 105 -17.77 -25.27 30.16
CA ASP A 105 -16.48 -24.80 30.64
C ASP A 105 -16.65 -23.48 31.39
N GLU A 106 -15.72 -23.24 32.32
CA GLU A 106 -15.66 -22.00 33.08
C GLU A 106 -14.37 -21.30 32.72
N VAL A 107 -14.44 -19.97 32.60
CA VAL A 107 -13.24 -19.16 32.43
C VAL A 107 -13.13 -18.25 33.64
N LEU A 108 -11.98 -18.27 34.31
CA LEU A 108 -11.67 -17.32 35.38
C LEU A 108 -11.04 -16.12 34.77
N LEU A 109 -11.54 -14.94 35.12
CA LEU A 109 -11.20 -13.67 34.48
C LEU A 109 -10.61 -12.67 35.47
N GLY A 110 -9.65 -11.87 35.02
CA GLY A 110 -9.15 -10.77 35.81
C GLY A 110 -10.26 -9.80 36.15
N ASN A 111 -10.06 -9.05 37.23
CA ASN A 111 -11.09 -8.15 37.77
C ASN A 111 -11.45 -7.05 36.80
N THR A 112 -10.47 -6.50 36.08
CA THR A 112 -10.79 -5.50 35.06
C THR A 112 -10.22 -5.88 33.69
N LEU A 113 -11.03 -5.62 32.66
CA LEU A 113 -10.74 -5.95 31.28
C LEU A 113 -11.10 -4.79 30.39
N TYR A 114 -10.39 -4.72 29.27
CA TYR A 114 -10.74 -3.85 28.16
C TYR A 114 -12.22 -4.10 27.79
N GLY A 115 -12.93 -3.00 27.46
CA GLY A 115 -14.39 -2.98 27.30
C GLY A 115 -14.95 -4.03 26.39
N CYS A 116 -14.44 -4.08 25.16
CA CYS A 116 -14.91 -5.05 24.20
C CYS A 116 -14.60 -6.50 24.62
N THR A 117 -13.53 -6.72 25.40
CA THR A 117 -13.22 -8.07 25.93
C THR A 117 -14.26 -8.44 26.99
N PHE A 118 -14.56 -7.50 27.89
CA PHE A 118 -15.66 -7.67 28.85
C PHE A 118 -16.96 -8.00 28.14
N ALA A 119 -17.30 -7.19 27.15
CA ALA A 119 -18.55 -7.34 26.41
C ALA A 119 -18.62 -8.68 25.65
N PHE A 120 -17.52 -9.05 25.01
CA PHE A 120 -17.41 -10.36 24.35
C PHE A 120 -17.71 -11.46 25.33
N LEU A 121 -17.09 -11.38 26.49
CA LEU A 121 -17.25 -12.43 27.52
C LEU A 121 -18.65 -12.51 28.12
N HIS A 122 -19.26 -11.39 28.47
CA HIS A 122 -20.56 -11.40 29.15
C HIS A 122 -21.75 -11.47 28.19
N HIS A 123 -21.72 -10.69 27.12
CA HIS A 123 -22.83 -10.59 26.19
C HIS A 123 -22.64 -11.44 24.95
N GLY A 124 -21.44 -11.99 24.75
CA GLY A 124 -21.13 -12.84 23.60
C GLY A 124 -21.03 -14.29 24.00
N ILE A 125 -19.81 -14.76 24.20
CA ILE A 125 -19.55 -16.19 24.45
C ILE A 125 -20.18 -16.67 25.76
N GLY A 126 -20.35 -15.78 26.74
CA GLY A 126 -21.14 -16.08 27.95
C GLY A 126 -22.58 -16.50 27.69
N GLU A 127 -23.23 -15.88 26.72
CA GLU A 127 -24.59 -16.22 26.34
C GLU A 127 -24.69 -17.53 25.57
N PHE A 128 -23.54 -18.14 25.24
CA PHE A 128 -23.53 -19.44 24.54
C PHE A 128 -23.18 -20.61 25.46
N GLY A 129 -23.36 -20.47 26.77
CA GLY A 129 -23.25 -21.62 27.72
C GLY A 129 -21.91 -21.78 28.42
N VAL A 130 -21.06 -20.75 28.33
CA VAL A 130 -19.75 -20.72 28.95
C VAL A 130 -19.88 -19.89 30.19
N LYS A 131 -19.44 -20.44 31.32
CA LYS A 131 -19.62 -19.82 32.61
C LYS A 131 -18.41 -18.92 32.90
N LEU A 132 -18.66 -17.79 33.56
CA LEU A 132 -17.66 -16.76 33.84
C LEU A 132 -17.55 -16.43 35.32
N ARG A 133 -16.33 -16.25 35.81
CA ARG A 133 -16.06 -15.79 37.17
C ARG A 133 -14.89 -14.80 37.18
N HIS A 134 -15.13 -13.64 37.78
CA HIS A 134 -14.07 -12.68 38.03
C HIS A 134 -13.32 -12.97 39.34
N VAL A 135 -12.01 -12.82 39.32
CA VAL A 135 -11.15 -13.02 40.50
C VAL A 135 -10.02 -11.99 40.46
N ASP A 136 -9.66 -11.47 41.64
CA ASP A 136 -8.46 -10.64 41.81
C ASP A 136 -7.23 -11.54 41.63
N MET A 137 -6.55 -11.38 40.50
CA MET A 137 -5.48 -12.28 40.11
C MET A 137 -4.16 -11.94 40.82
N ALA A 138 -4.13 -10.82 41.56
CA ALA A 138 -3.02 -10.51 42.46
C ALA A 138 -3.10 -11.29 43.78
N ASP A 139 -4.30 -11.79 44.09
CA ASP A 139 -4.62 -12.53 45.31
C ASP A 139 -4.63 -14.03 44.97
N LEU A 140 -3.49 -14.68 45.17
CA LEU A 140 -3.30 -16.08 44.80
C LEU A 140 -4.18 -17.05 45.61
N GLN A 141 -4.45 -16.70 46.87
CA GLN A 141 -5.32 -17.50 47.74
C GLN A 141 -6.75 -17.52 47.18
N ALA A 142 -7.26 -16.36 46.78
CA ALA A 142 -8.59 -16.26 46.15
C ALA A 142 -8.69 -17.04 44.82
N LEU A 143 -7.67 -16.90 43.97
CA LEU A 143 -7.60 -17.66 42.72
C LEU A 143 -7.64 -19.15 42.99
N GLU A 144 -6.80 -19.65 43.89
CA GLU A 144 -6.83 -21.08 44.26
C GLU A 144 -8.24 -21.51 44.72
N ALA A 145 -8.85 -20.70 45.56
CA ALA A 145 -10.20 -20.98 46.06
C ALA A 145 -11.25 -21.03 44.96
N ALA A 146 -11.13 -20.13 43.98
CA ALA A 146 -12.06 -20.04 42.85
C ALA A 146 -11.95 -21.15 41.79
N MET A 147 -10.85 -21.90 41.76
CA MET A 147 -10.67 -23.00 40.81
C MET A 147 -11.70 -24.09 41.09
N THR A 148 -12.32 -24.60 40.03
CA THR A 148 -13.27 -25.73 40.08
C THR A 148 -12.80 -26.70 39.01
N PRO A 149 -13.34 -27.94 38.99
CA PRO A 149 -12.91 -28.86 37.91
C PRO A 149 -13.45 -28.51 36.50
N ALA A 150 -14.45 -27.64 36.41
CA ALA A 150 -14.90 -27.09 35.12
C ALA A 150 -14.05 -25.92 34.61
N THR A 151 -13.15 -25.38 35.45
CA THR A 151 -12.26 -24.26 35.05
C THR A 151 -11.28 -24.73 33.97
N ARG A 152 -11.40 -24.10 32.81
CA ARG A 152 -10.68 -24.48 31.59
C ARG A 152 -9.64 -23.43 31.16
N VAL A 153 -9.96 -22.15 31.33
CA VAL A 153 -9.10 -21.05 30.91
C VAL A 153 -9.03 -20.03 32.06
N ILE A 154 -7.85 -19.48 32.30
CA ILE A 154 -7.65 -18.32 33.14
C ILE A 154 -7.17 -17.22 32.20
N TYR A 155 -7.87 -16.07 32.18
CA TYR A 155 -7.62 -15.01 31.20
C TYR A 155 -7.56 -13.69 31.92
N PHE A 156 -6.52 -12.91 31.69
CA PHE A 156 -6.39 -11.59 32.30
C PHE A 156 -5.37 -10.72 31.56
N GLU A 157 -5.46 -9.42 31.80
CA GLU A 157 -4.49 -8.45 31.30
C GLU A 157 -3.58 -8.11 32.46
N SER A 158 -2.33 -7.73 32.17
CA SER A 158 -1.43 -7.21 33.21
C SER A 158 -0.34 -6.31 32.62
N PRO A 159 -0.31 -5.03 32.98
CA PRO A 159 -1.30 -4.25 33.74
C PRO A 159 -2.65 -4.25 33.03
N ALA A 160 -3.72 -4.22 33.81
CA ALA A 160 -5.09 -4.18 33.29
C ALA A 160 -5.44 -2.82 32.71
N ASN A 161 -6.31 -2.85 31.70
CA ASN A 161 -6.86 -1.66 31.07
C ASN A 161 -8.15 -1.29 31.83
N PRO A 162 -8.24 -0.07 32.43
CA PRO A 162 -7.37 1.09 32.36
C PRO A 162 -6.67 1.47 33.70
N ASN A 163 -6.86 0.67 34.76
CA ASN A 163 -6.41 1.06 36.10
C ASN A 163 -5.02 0.54 36.51
N MET A 164 -4.35 -0.18 35.61
CA MET A 164 -2.99 -0.70 35.86
C MET A 164 -2.91 -1.78 36.93
N HIS A 165 -4.03 -2.40 37.32
CA HIS A 165 -3.97 -3.52 38.26
C HIS A 165 -3.17 -4.65 37.63
N MET A 166 -2.37 -5.33 38.45
CA MET A 166 -1.48 -6.38 37.97
C MET A 166 -1.83 -7.72 38.53
N ALA A 167 -1.26 -8.76 37.91
CA ALA A 167 -1.36 -10.13 38.39
C ALA A 167 0.02 -10.78 38.46
N ASP A 168 0.21 -11.68 39.41
CA ASP A 168 1.45 -12.45 39.50
C ASP A 168 1.33 -13.57 38.49
N ILE A 169 2.01 -13.41 37.37
CA ILE A 169 1.85 -14.34 36.24
C ILE A 169 2.41 -15.70 36.61
N ALA A 170 3.62 -15.71 37.18
CA ALA A 170 4.28 -16.94 37.64
C ALA A 170 3.42 -17.70 38.64
N GLY A 171 2.76 -16.96 39.53
CA GLY A 171 1.89 -17.54 40.54
C GLY A 171 0.61 -18.13 39.98
N VAL A 172 0.01 -17.42 39.03
CA VAL A 172 -1.19 -17.91 38.35
C VAL A 172 -0.85 -19.20 37.58
N ALA A 173 0.28 -19.20 36.87
CA ALA A 173 0.71 -20.38 36.11
C ALA A 173 0.91 -21.62 36.99
N LYS A 174 1.45 -21.42 38.18
CA LYS A 174 1.70 -22.53 39.12
C LYS A 174 0.39 -23.18 39.56
N ILE A 175 -0.58 -22.35 39.95
CA ILE A 175 -1.94 -22.81 40.28
C ILE A 175 -2.59 -23.52 39.10
N ALA A 176 -2.36 -22.99 37.90
CA ALA A 176 -2.89 -23.59 36.68
C ALA A 176 -2.23 -24.94 36.35
N ARG A 177 -0.92 -25.05 36.59
CA ARG A 177 -0.23 -26.33 36.39
C ARG A 177 -0.83 -27.42 37.29
N LYS A 178 -1.07 -27.07 38.55
CA LYS A 178 -1.67 -27.98 39.54
C LYS A 178 -3.11 -28.40 39.24
N HIS A 179 -3.96 -27.46 38.83
CA HIS A 179 -5.38 -27.77 38.53
C HIS A 179 -5.66 -28.22 37.10
N GLY A 180 -4.87 -27.74 36.15
CA GLY A 180 -5.00 -28.16 34.76
C GLY A 180 -5.54 -27.14 33.77
N ALA A 181 -5.60 -25.87 34.14
CA ALA A 181 -6.16 -24.80 33.28
C ALA A 181 -5.16 -24.20 32.28
N THR A 182 -5.67 -23.64 31.19
CA THR A 182 -4.83 -22.95 30.19
C THR A 182 -4.79 -21.46 30.51
N VAL A 183 -3.59 -20.91 30.71
CA VAL A 183 -3.42 -19.50 31.06
C VAL A 183 -3.18 -18.62 29.82
N VAL A 184 -4.01 -17.60 29.66
CA VAL A 184 -3.98 -16.68 28.50
C VAL A 184 -3.81 -15.26 29.02
N VAL A 185 -2.73 -14.59 28.63
CA VAL A 185 -2.40 -13.26 29.12
C VAL A 185 -2.45 -12.27 27.95
N ASP A 186 -3.19 -11.18 28.12
CA ASP A 186 -3.20 -10.10 27.14
C ASP A 186 -2.04 -9.20 27.52
N ASN A 187 -1.03 -9.17 26.65
CA ASN A 187 0.24 -8.52 26.90
C ASN A 187 0.38 -7.20 26.14
N THR A 188 -0.74 -6.66 25.66
CA THR A 188 -0.75 -5.43 24.86
C THR A 188 0.08 -4.30 25.46
N TYR A 189 -0.13 -4.02 26.73
CA TYR A 189 0.45 -2.86 27.39
C TYR A 189 1.98 -2.90 27.46
N CYS A 190 2.56 -4.04 27.83
CA CYS A 190 4.01 -4.11 27.98
C CYS A 190 4.74 -4.33 26.66
N THR A 191 4.18 -5.17 25.78
CA THR A 191 4.90 -5.76 24.62
C THR A 191 5.95 -6.78 25.09
N PRO A 192 6.43 -7.66 24.19
CA PRO A 192 7.48 -8.59 24.62
C PRO A 192 8.81 -7.93 25.04
N TYR A 193 9.01 -6.66 24.68
CA TYR A 193 10.19 -5.94 25.11
C TYR A 193 10.24 -5.70 26.62
N LEU A 194 9.08 -5.51 27.24
CA LEU A 194 9.01 -5.23 28.69
C LEU A 194 8.58 -6.42 29.54
N GLN A 195 7.80 -7.35 28.97
CA GLN A 195 7.23 -8.45 29.74
C GLN A 195 6.94 -9.64 28.83
N ARG A 196 7.27 -10.83 29.31
CA ARG A 196 7.17 -12.06 28.51
C ARG A 196 6.44 -13.16 29.28
N PRO A 197 5.09 -13.09 29.31
CA PRO A 197 4.31 -14.04 30.13
C PRO A 197 4.52 -15.52 29.84
N LEU A 198 4.89 -15.87 28.63
CA LEU A 198 5.22 -17.26 28.33
C LEU A 198 6.44 -17.71 29.12
N GLU A 199 7.41 -16.80 29.32
CA GLU A 199 8.63 -17.13 30.08
C GLU A 199 8.35 -17.25 31.58
N LEU A 200 7.30 -16.59 32.08
CA LEU A 200 6.83 -16.76 33.46
C LEU A 200 5.85 -17.95 33.65
N GLY A 201 5.50 -18.66 32.57
CA GLY A 201 4.64 -19.84 32.66
C GLY A 201 3.25 -19.78 31.99
N ALA A 202 2.85 -18.64 31.43
CA ALA A 202 1.57 -18.57 30.68
C ALA A 202 1.61 -19.50 29.47
N ASP A 203 0.44 -19.95 29.02
CA ASP A 203 0.34 -20.87 27.87
C ASP A 203 0.23 -20.11 26.55
N LEU A 204 -0.55 -19.02 26.56
CA LEU A 204 -0.78 -18.17 25.38
C LEU A 204 -0.67 -16.69 25.77
N VAL A 205 -0.17 -15.86 24.87
CA VAL A 205 -0.30 -14.42 25.01
C VAL A 205 -1.01 -13.85 23.79
N VAL A 206 -1.85 -12.84 24.00
CA VAL A 206 -2.53 -12.14 22.91
C VAL A 206 -2.14 -10.67 22.96
N HIS A 207 -2.17 -10.03 21.79
CA HIS A 207 -1.87 -8.62 21.67
C HIS A 207 -2.85 -7.94 20.78
N SER A 208 -3.14 -6.68 21.11
CA SER A 208 -3.61 -5.74 20.14
C SER A 208 -2.35 -5.11 19.57
N ALA A 209 -1.96 -5.58 18.39
CA ALA A 209 -0.75 -5.08 17.74
C ALA A 209 -1.01 -3.70 17.14
N THR A 210 -2.29 -3.33 17.07
CA THR A 210 -2.73 -1.96 16.80
C THR A 210 -2.02 -0.90 17.64
N LYS A 211 -1.62 -1.29 18.85
CA LYS A 211 -1.04 -0.37 19.82
C LYS A 211 0.53 -0.29 19.69
N TYR A 212 1.31 -0.68 20.68
CA TYR A 212 2.75 -0.39 20.68
C TYR A 212 3.54 -1.13 19.58
N LEU A 213 3.15 -2.36 19.26
CA LEU A 213 3.89 -3.13 18.26
C LEU A 213 3.94 -2.43 16.90
N SER A 214 2.78 -1.96 16.43
CA SER A 214 2.72 -1.10 15.25
C SER A 214 3.40 0.22 15.52
N GLY A 215 3.02 0.85 16.63
CA GLY A 215 3.65 2.07 17.10
C GLY A 215 3.23 3.37 16.42
N HIS A 216 2.56 3.29 15.26
CA HIS A 216 2.33 4.48 14.46
C HIS A 216 0.87 4.70 14.12
N GLY A 217 -0.01 3.91 14.72
CA GLY A 217 -1.45 4.15 14.70
C GLY A 217 -2.14 4.05 13.35
N ASP A 218 -1.51 3.36 12.40
CA ASP A 218 -2.03 3.30 11.04
C ASP A 218 -2.68 1.98 10.65
N ILE A 219 -2.53 0.94 11.46
CA ILE A 219 -3.14 -0.37 11.19
C ILE A 219 -3.94 -0.88 12.40
N THR A 220 -4.84 -1.83 12.15
CA THR A 220 -5.44 -2.63 13.19
C THR A 220 -4.92 -4.06 13.03
N ALA A 221 -4.58 -4.71 14.14
CA ALA A 221 -3.92 -6.02 14.05
C ALA A 221 -3.87 -6.74 15.39
N GLY A 222 -3.89 -8.06 15.33
CA GLY A 222 -3.75 -8.91 16.52
C GLY A 222 -2.66 -9.94 16.32
N ILE A 223 -2.15 -10.44 17.45
CA ILE A 223 -1.16 -11.51 17.49
C ILE A 223 -1.53 -12.45 18.63
N VAL A 224 -1.38 -13.75 18.38
CA VAL A 224 -1.39 -14.78 19.41
C VAL A 224 -0.04 -15.51 19.34
N VAL A 225 0.56 -15.78 20.49
CA VAL A 225 1.80 -16.55 20.55
C VAL A 225 1.64 -17.59 21.64
N GLY A 226 2.12 -18.79 21.38
CA GLY A 226 2.07 -19.88 22.34
C GLY A 226 2.69 -21.15 21.79
N SER A 227 2.26 -22.29 22.31
CA SER A 227 2.76 -23.58 21.86
C SER A 227 2.28 -23.81 20.43
N GLN A 228 3.03 -24.61 19.67
CA GLN A 228 2.65 -24.98 18.31
C GLN A 228 1.24 -25.58 18.29
N ALA A 229 0.96 -26.49 19.23
CA ALA A 229 -0.32 -27.22 19.26
C ALA A 229 -1.50 -26.29 19.46
N LEU A 230 -1.39 -25.37 20.42
CA LEU A 230 -2.47 -24.45 20.70
C LEU A 230 -2.66 -23.40 19.60
N VAL A 231 -1.57 -22.93 19.02
CA VAL A 231 -1.63 -21.93 17.94
C VAL A 231 -2.13 -22.53 16.64
N ASP A 232 -1.76 -23.78 16.36
CA ASP A 232 -2.33 -24.50 15.22
C ASP A 232 -3.84 -24.69 15.35
N ARG A 233 -4.28 -25.03 16.56
CA ARG A 233 -5.69 -25.23 16.83
C ARG A 233 -6.46 -23.91 16.62
N ILE A 234 -5.88 -22.80 17.10
CA ILE A 234 -6.50 -21.49 16.95
C ILE A 234 -6.52 -21.06 15.48
N ARG A 235 -5.43 -21.32 14.75
CA ARG A 235 -5.38 -21.05 13.32
C ARG A 235 -6.49 -21.76 12.58
N LEU A 236 -6.61 -23.07 12.79
CA LEU A 236 -7.50 -23.93 11.99
C LEU A 236 -8.96 -24.03 12.49
N GLN A 237 -9.28 -23.41 13.62
CA GLN A 237 -10.65 -23.41 14.14
C GLN A 237 -11.14 -22.01 14.40
N GLY A 238 -10.47 -21.31 15.29
CA GLY A 238 -10.84 -19.94 15.62
C GLY A 238 -10.82 -19.00 14.42
N LEU A 239 -9.67 -18.89 13.79
CA LEU A 239 -9.50 -17.96 12.68
C LEU A 239 -10.21 -18.46 11.40
N LYS A 240 -9.92 -19.70 10.99
CA LYS A 240 -10.45 -20.25 9.74
C LYS A 240 -11.99 -20.32 9.68
N ASP A 241 -12.60 -20.88 10.72
CA ASP A 241 -14.05 -21.14 10.77
C ASP A 241 -14.85 -20.14 11.59
N MET A 242 -14.29 -19.60 12.69
CA MET A 242 -15.13 -18.90 13.66
C MET A 242 -15.06 -17.39 13.69
N THR A 243 -14.01 -16.80 13.16
CA THR A 243 -13.92 -15.34 13.07
C THR A 243 -13.62 -14.80 11.68
N GLY A 244 -12.81 -15.49 10.89
CA GLY A 244 -12.34 -14.96 9.62
C GLY A 244 -11.62 -13.61 9.71
N ALA A 245 -10.97 -13.36 10.83
CA ALA A 245 -10.29 -12.08 11.07
C ALA A 245 -8.87 -12.17 10.51
N VAL A 246 -8.79 -12.07 9.18
CA VAL A 246 -7.57 -12.29 8.43
C VAL A 246 -6.83 -10.99 8.30
N LEU A 247 -5.55 -10.98 8.64
CA LEU A 247 -4.75 -9.76 8.54
C LEU A 247 -4.31 -9.59 7.09
N SER A 248 -4.56 -8.40 6.54
CA SER A 248 -4.01 -8.00 5.25
C SER A 248 -2.47 -8.09 5.24
N PRO A 249 -1.89 -8.73 4.21
CA PRO A 249 -0.41 -8.75 4.09
C PRO A 249 0.27 -7.35 4.08
N HIS A 250 -0.42 -6.36 3.55
CA HIS A 250 0.04 -4.98 3.56
C HIS A 250 0.18 -4.48 5.00
N ASP A 251 -0.86 -4.69 5.81
CA ASP A 251 -0.85 -4.29 7.21
C ASP A 251 0.16 -5.09 8.04
N ALA A 252 0.36 -6.36 7.71
CA ALA A 252 1.41 -7.16 8.36
C ALA A 252 2.81 -6.65 8.02
N ALA A 253 3.03 -6.19 6.80
CA ALA A 253 4.33 -5.57 6.42
C ALA A 253 4.60 -4.29 7.22
N LEU A 254 3.56 -3.49 7.42
CA LEU A 254 3.67 -2.27 8.24
C LEU A 254 3.94 -2.57 9.71
N LEU A 255 3.27 -3.60 10.22
CA LEU A 255 3.51 -4.09 11.57
C LEU A 255 4.98 -4.52 11.75
N MET A 256 5.49 -5.33 10.83
CA MET A 256 6.92 -5.71 10.86
C MET A 256 7.85 -4.50 10.82
N ARG A 257 7.51 -3.51 10.01
CA ARG A 257 8.24 -2.24 9.96
C ARG A 257 8.26 -1.57 11.33
N GLY A 258 7.12 -1.53 12.00
CA GLY A 258 7.04 -0.98 13.36
C GLY A 258 7.87 -1.75 14.40
N ILE A 259 7.83 -3.09 14.33
CA ILE A 259 8.55 -3.93 15.27
C ILE A 259 10.06 -3.72 15.23
N LYS A 260 10.59 -3.26 14.09
CA LYS A 260 12.03 -2.93 13.97
C LYS A 260 12.51 -1.78 14.87
N THR A 261 11.59 -0.93 15.34
CA THR A 261 11.90 0.14 16.28
C THR A 261 11.22 -0.02 17.63
N LEU A 262 10.69 -1.20 17.93
CA LEU A 262 9.96 -1.42 19.18
C LEU A 262 10.83 -1.07 20.40
N ASN A 263 12.06 -1.56 20.43
CA ASN A 263 12.93 -1.30 21.59
C ASN A 263 13.19 0.18 21.79
N LEU A 264 13.40 0.91 20.70
CA LEU A 264 13.73 2.31 20.80
C LEU A 264 12.52 3.16 21.23
N ARG A 265 11.35 2.84 20.68
CA ARG A 265 10.13 3.54 20.97
C ARG A 265 9.68 3.31 22.41
N MET A 266 9.72 2.04 22.85
CA MET A 266 9.39 1.70 24.24
C MET A 266 10.31 2.39 25.24
N ASP A 267 11.61 2.42 24.96
CA ASP A 267 12.55 3.12 25.80
C ASP A 267 12.09 4.55 26.00
N ARG A 268 11.74 5.22 24.91
CA ARG A 268 11.34 6.62 24.96
C ARG A 268 9.93 6.82 25.54
N HIS A 269 9.02 5.87 25.28
CA HIS A 269 7.71 5.93 25.93
C HIS A 269 7.89 5.92 27.45
N CYS A 270 8.67 4.96 27.95
CA CYS A 270 8.88 4.80 29.39
C CYS A 270 9.62 5.97 30.01
N ALA A 271 10.65 6.48 29.37
CA ALA A 271 11.38 7.64 29.87
C ALA A 271 10.49 8.88 29.95
N ASN A 272 9.67 9.10 28.92
CA ASN A 272 8.73 10.22 28.93
C ASN A 272 7.67 10.09 30.03
N ALA A 273 7.05 8.93 30.13
CA ALA A 273 5.97 8.72 31.08
C ALA A 273 6.45 8.82 32.53
N GLN A 274 7.67 8.36 32.81
CA GLN A 274 8.32 8.43 34.14
C GLN A 274 8.49 9.89 34.61
N VAL A 275 9.01 10.73 33.73
CA VAL A 275 9.17 12.16 34.01
C VAL A 275 7.80 12.84 34.18
N LEU A 276 6.84 12.44 33.37
CA LEU A 276 5.50 12.99 33.44
C LEU A 276 4.75 12.52 34.70
N ALA A 277 4.98 11.27 35.10
CA ALA A 277 4.31 10.72 36.27
C ALA A 277 4.82 11.37 37.56
N GLU A 278 6.13 11.58 37.65
CA GLU A 278 6.75 12.25 38.80
C GLU A 278 6.30 13.69 38.90
N PHE A 279 6.14 14.35 37.76
CA PHE A 279 5.61 15.70 37.70
C PHE A 279 4.16 15.76 38.18
N LEU A 280 3.33 14.83 37.70
CA LEU A 280 1.93 14.76 38.13
C LEU A 280 1.78 14.39 39.63
N ALA A 281 2.73 13.62 40.17
CA ALA A 281 2.69 13.23 41.59
C ALA A 281 2.86 14.43 42.50
N ARG A 282 3.70 15.38 42.08
CA ARG A 282 3.97 16.60 42.84
C ARG A 282 2.90 17.70 42.77
N GLN A 283 1.77 17.45 42.09
CA GLN A 283 0.85 18.54 41.73
C GLN A 283 -0.38 18.62 42.63
N PRO A 284 -0.78 19.87 43.01
CA PRO A 284 -1.89 20.06 43.96
C PRO A 284 -3.27 19.59 43.48
N GLN A 285 -3.53 19.64 42.17
CA GLN A 285 -4.83 19.21 41.62
C GLN A 285 -5.04 17.69 41.62
N VAL A 286 -3.96 16.91 41.72
CA VAL A 286 -4.02 15.47 41.50
C VAL A 286 -4.38 14.69 42.78
N GLU A 287 -5.58 14.11 42.77
CA GLU A 287 -6.04 13.23 43.84
C GLU A 287 -5.10 12.01 43.96
N LEU A 288 -5.13 11.12 42.98
CA LEU A 288 -4.18 9.99 42.93
C LEU A 288 -3.64 9.79 41.51
N ILE A 289 -2.61 8.95 41.41
CA ILE A 289 -1.93 8.66 40.15
C ILE A 289 -1.40 7.23 40.19
N HIS A 290 -1.79 6.43 39.21
CA HIS A 290 -1.26 5.08 39.02
C HIS A 290 -0.25 5.07 37.88
N TYR A 291 1.03 5.06 38.23
CA TYR A 291 2.10 4.79 37.28
C TYR A 291 3.03 3.75 37.94
N PRO A 292 3.28 2.61 37.27
CA PRO A 292 4.14 1.55 37.87
C PRO A 292 5.57 1.93 38.31
N GLY A 293 6.08 3.06 37.84
CA GLY A 293 7.40 3.52 38.21
C GLY A 293 7.50 4.43 39.42
N LEU A 294 6.37 4.78 40.03
CA LEU A 294 6.33 5.51 41.29
C LEU A 294 6.17 4.50 42.43
N ALA A 295 6.88 4.73 43.53
CA ALA A 295 6.82 3.88 44.72
C ALA A 295 5.42 3.81 45.34
N SER A 296 4.63 4.86 45.19
CA SER A 296 3.24 4.88 45.65
C SER A 296 2.28 3.96 44.86
N PHE A 297 2.75 3.33 43.80
CA PHE A 297 1.92 2.40 43.01
C PHE A 297 1.59 1.19 43.88
N PRO A 298 0.29 0.88 44.04
CA PRO A 298 -0.12 -0.20 44.96
C PRO A 298 0.69 -1.50 44.85
N GLN A 299 1.03 -1.90 43.62
CA GLN A 299 1.78 -3.16 43.40
C GLN A 299 3.20 -2.93 42.88
N TYR A 300 3.89 -1.99 43.49
CA TYR A 300 5.21 -1.52 43.03
C TYR A 300 6.27 -2.63 42.86
N THR A 301 6.37 -3.54 43.83
CA THR A 301 7.39 -4.61 43.79
C THR A 301 7.06 -5.68 42.75
N LEU A 302 5.77 -5.94 42.55
CA LEU A 302 5.32 -6.87 41.54
C LEU A 302 5.59 -6.33 40.15
N ALA A 303 5.33 -5.04 39.93
CA ALA A 303 5.67 -4.36 38.69
C ALA A 303 7.16 -4.52 38.38
N ARG A 304 8.00 -4.12 39.34
CA ARG A 304 9.47 -4.24 39.21
C ARG A 304 9.92 -5.67 38.89
N GLN A 305 9.26 -6.65 39.49
CA GLN A 305 9.62 -8.06 39.33
C GLN A 305 9.25 -8.64 37.94
N GLN A 306 8.18 -8.15 37.30
CA GLN A 306 7.68 -8.70 36.02
C GLN A 306 7.98 -7.86 34.77
N MET A 307 7.96 -6.52 34.91
CA MET A 307 8.17 -5.57 33.81
C MET A 307 9.56 -4.98 33.93
N SER A 308 10.33 -4.98 32.84
CA SER A 308 11.69 -4.46 32.93
C SER A 308 11.74 -2.95 32.94
N GLN A 309 10.64 -2.32 32.51
CA GLN A 309 10.46 -0.88 32.59
C GLN A 309 8.98 -0.56 32.87
N PRO A 310 8.69 0.60 33.46
CA PRO A 310 7.33 0.85 33.95
C PRO A 310 6.23 1.13 32.90
N GLY A 311 6.60 1.33 31.64
CA GLY A 311 5.60 1.43 30.56
C GLY A 311 5.27 2.85 30.20
N GLY A 312 4.36 3.01 29.25
CA GLY A 312 3.98 4.33 28.71
C GLY A 312 2.64 4.91 29.15
N MET A 313 1.90 4.18 29.99
CA MET A 313 0.53 4.54 30.35
C MET A 313 0.48 5.14 31.73
N ILE A 314 -0.19 6.27 31.88
CA ILE A 314 -0.45 6.88 33.19
C ILE A 314 -1.97 6.96 33.38
N ALA A 315 -2.42 6.71 34.61
CA ALA A 315 -3.81 6.87 35.00
C ALA A 315 -3.83 7.74 36.24
N PHE A 316 -4.70 8.74 36.26
CA PHE A 316 -4.80 9.63 37.40
C PHE A 316 -6.20 10.19 37.60
N GLU A 317 -6.37 10.91 38.71
CA GLU A 317 -7.63 11.58 39.02
C GLU A 317 -7.32 12.98 39.49
N LEU A 318 -8.14 13.93 39.08
CA LEU A 318 -8.07 15.29 39.57
C LEU A 318 -9.08 15.51 40.70
N LYS A 319 -8.74 16.41 41.62
CA LYS A 319 -9.73 16.95 42.58
C LYS A 319 -10.63 17.93 41.81
N GLY A 320 -11.92 17.71 41.95
CA GLY A 320 -12.92 18.29 41.05
C GLY A 320 -13.67 17.20 40.28
N GLY A 321 -13.19 15.95 40.37
CA GLY A 321 -13.90 14.77 39.85
C GLY A 321 -13.94 14.63 38.32
N ILE A 322 -15.12 14.25 37.81
CA ILE A 322 -15.37 14.25 36.37
C ILE A 322 -15.41 15.65 35.76
N GLY A 323 -15.98 16.62 36.49
CA GLY A 323 -16.01 18.02 36.06
C GLY A 323 -14.64 18.55 35.71
N ALA A 324 -13.68 18.31 36.61
CA ALA A 324 -12.29 18.75 36.40
C ALA A 324 -11.56 18.01 35.26
N GLY A 325 -11.87 16.72 35.09
CA GLY A 325 -11.47 15.94 33.92
C GLY A 325 -11.79 16.62 32.61
N ARG A 326 -13.09 16.75 32.31
CA ARG A 326 -13.60 17.63 31.22
C ARG A 326 -12.71 18.85 30.88
N ARG A 327 -12.47 19.72 31.86
CA ARG A 327 -11.82 21.02 31.58
C ARG A 327 -10.35 20.88 31.28
N PHE A 328 -9.72 19.88 31.90
CA PHE A 328 -8.31 19.56 31.70
C PHE A 328 -8.11 19.02 30.28
N MET A 329 -8.86 17.97 29.96
CA MET A 329 -8.75 17.33 28.65
C MET A 329 -9.09 18.28 27.51
N ASN A 330 -10.07 19.17 27.70
CA ASN A 330 -10.43 20.16 26.67
C ASN A 330 -9.38 21.25 26.49
N ALA A 331 -8.52 21.44 27.48
CA ALA A 331 -7.43 22.44 27.39
C ALA A 331 -6.13 21.92 26.76
N LEU A 332 -5.98 20.61 26.57
CA LEU A 332 -4.77 20.03 25.97
C LEU A 332 -4.64 20.44 24.49
N GLN A 333 -3.45 20.86 24.09
CA GLN A 333 -3.17 21.26 22.70
C GLN A 333 -2.12 20.41 21.96
N LEU A 334 -1.30 19.65 22.68
CA LEU A 334 -0.33 18.72 22.08
C LEU A 334 -0.79 17.28 22.24
N PHE A 335 -1.23 16.92 23.44
CA PHE A 335 -1.97 15.67 23.61
C PHE A 335 -3.23 15.78 22.75
N SER A 336 -3.69 14.66 22.21
CA SER A 336 -4.97 14.58 21.51
C SER A 336 -5.98 13.88 22.39
N ARG A 337 -7.25 14.23 22.23
CA ARG A 337 -8.35 13.53 22.88
C ARG A 337 -8.77 12.34 21.99
N ALA A 338 -8.42 11.13 22.38
CA ALA A 338 -8.75 9.96 21.57
C ALA A 338 -8.55 8.68 22.33
N VAL A 339 -9.22 7.62 21.89
CA VAL A 339 -8.96 6.26 22.43
C VAL A 339 -7.74 5.66 21.74
N SER A 340 -7.38 4.45 22.14
CA SER A 340 -6.17 3.77 21.67
C SER A 340 -4.95 4.29 22.42
N LEU A 341 -3.82 3.62 22.16
CA LEU A 341 -2.59 3.87 22.88
C LEU A 341 -1.41 3.27 22.15
N GLY A 342 -0.22 3.61 22.61
CA GLY A 342 1.01 3.11 22.01
C GLY A 342 1.37 3.70 20.66
N ASP A 343 0.89 4.92 20.40
CA ASP A 343 1.20 5.68 19.17
C ASP A 343 2.32 6.66 19.44
N ALA A 344 2.94 7.15 18.38
CA ALA A 344 3.92 8.25 18.50
C ALA A 344 3.30 9.53 19.09
N GLU A 345 2.01 9.74 18.83
CA GLU A 345 1.27 10.88 19.33
C GLU A 345 0.75 10.59 20.72
N SER A 346 0.89 11.55 21.64
CA SER A 346 0.36 11.40 22.99
C SER A 346 -1.16 11.56 22.98
N LEU A 347 -1.85 10.67 23.68
CA LEU A 347 -3.31 10.68 23.75
C LEU A 347 -3.77 10.75 25.20
N ALA A 348 -4.92 11.40 25.40
CA ALA A 348 -5.65 11.42 26.67
C ALA A 348 -7.07 10.95 26.41
N SER A 349 -7.63 10.13 27.30
CA SER A 349 -8.99 9.58 27.14
C SER A 349 -9.68 9.54 28.48
N HIS A 350 -10.95 9.15 28.49
CA HIS A 350 -11.78 9.05 29.72
C HIS A 350 -12.57 7.72 29.68
N PRO A 351 -11.98 6.62 30.22
CA PRO A 351 -12.55 5.26 30.11
C PRO A 351 -14.07 5.06 30.35
N ALA A 352 -14.67 5.79 31.28
CA ALA A 352 -16.08 5.58 31.64
C ALA A 352 -17.08 5.95 30.56
N SER A 353 -16.74 6.96 29.76
CA SER A 353 -17.53 7.36 28.57
C SER A 353 -16.93 6.86 27.25
N MET A 354 -15.72 6.34 27.33
CA MET A 354 -14.89 5.92 26.20
C MET A 354 -14.66 4.41 26.03
N THR A 355 -13.47 3.95 26.38
CA THR A 355 -13.03 2.57 26.23
C THR A 355 -13.77 1.56 27.05
N HIS A 356 -14.48 2.03 28.07
CA HIS A 356 -15.23 1.18 28.95
C HIS A 356 -16.71 1.50 28.97
N SER A 357 -17.20 2.11 27.92
CA SER A 357 -18.61 2.46 27.81
C SER A 357 -19.49 1.23 27.73
N SER A 358 -18.91 0.13 27.33
CA SER A 358 -19.58 -1.16 27.22
C SER A 358 -20.07 -1.61 28.58
N TYR A 359 -19.33 -1.24 29.61
CA TYR A 359 -19.70 -1.51 31.00
C TYR A 359 -20.90 -0.64 31.39
N THR A 360 -21.80 -1.21 32.19
CA THR A 360 -22.91 -0.45 32.78
C THR A 360 -22.32 0.38 33.97
N PRO A 361 -23.03 1.43 34.45
CA PRO A 361 -22.45 2.29 35.53
C PRO A 361 -22.06 1.58 36.84
N GLU A 362 -22.81 0.56 37.25
CA GLU A 362 -22.51 -0.22 38.44
C GLU A 362 -21.37 -1.25 38.20
N GLU A 363 -21.28 -1.76 36.97
CA GLU A 363 -20.13 -2.59 36.56
C GLU A 363 -18.82 -1.78 36.48
N ARG A 364 -18.88 -0.44 36.38
CA ARG A 364 -17.68 0.43 36.42
C ARG A 364 -17.20 0.73 37.84
N ALA A 365 -18.11 1.06 38.76
CA ALA A 365 -17.78 1.20 40.19
C ALA A 365 -17.26 -0.15 40.78
N HIS A 366 -17.99 -1.24 40.53
CA HIS A 366 -17.48 -2.62 40.69
C HIS A 366 -16.46 -2.83 39.56
N TYR A 367 -15.54 -3.78 39.69
CA TYR A 367 -14.43 -3.95 38.74
C TYR A 367 -13.51 -2.70 38.57
N GLY A 368 -13.38 -1.87 39.61
CA GLY A 368 -12.40 -0.77 39.69
C GLY A 368 -12.19 0.26 38.57
N ILE A 369 -13.27 0.81 38.03
CA ILE A 369 -13.20 1.90 37.02
C ILE A 369 -13.98 3.15 37.48
N SER A 370 -13.25 4.12 38.05
CA SER A 370 -13.84 5.39 38.53
C SER A 370 -14.42 6.26 37.41
N GLU A 371 -15.26 7.21 37.83
CA GLU A 371 -15.83 8.20 36.91
C GLU A 371 -14.85 9.33 36.58
N GLY A 372 -14.09 9.82 37.59
CA GLY A 372 -13.11 10.91 37.37
C GLY A 372 -11.73 10.52 36.80
N LEU A 373 -11.57 9.23 36.47
CA LEU A 373 -10.31 8.69 35.95
C LEU A 373 -10.00 9.20 34.54
N VAL A 374 -8.81 9.76 34.36
CA VAL A 374 -8.31 10.20 33.04
C VAL A 374 -7.05 9.38 32.71
N ARG A 375 -7.06 8.70 31.56
CA ARG A 375 -5.96 7.85 31.12
C ARG A 375 -5.08 8.58 30.11
N LEU A 376 -3.77 8.51 30.28
CA LEU A 376 -2.82 9.07 29.32
C LEU A 376 -1.92 7.99 28.66
N SER A 377 -1.88 7.97 27.33
CA SER A 377 -0.88 7.22 26.56
C SER A 377 0.21 8.21 26.19
N VAL A 378 1.35 8.13 26.85
CA VAL A 378 2.43 9.10 26.65
C VAL A 378 3.19 8.71 25.40
N GLY A 379 3.31 9.66 24.47
CA GLY A 379 3.95 9.43 23.20
C GLY A 379 5.45 9.69 23.19
N LEU A 380 5.95 9.95 21.99
CA LEU A 380 7.38 10.09 21.73
C LEU A 380 7.80 11.53 21.52
N GLU A 381 6.92 12.48 21.83
CA GLU A 381 7.27 13.89 21.67
C GLU A 381 8.35 14.30 22.69
N ASP A 382 8.99 15.44 22.44
CA ASP A 382 9.91 16.09 23.39
C ASP A 382 9.19 16.31 24.73
N ILE A 383 9.79 15.79 25.79
CA ILE A 383 9.23 15.84 27.15
C ILE A 383 8.90 17.26 27.65
N ASP A 384 9.67 18.26 27.25
CA ASP A 384 9.38 19.64 27.67
C ASP A 384 8.12 20.19 27.01
N ASP A 385 7.82 19.74 25.81
CA ASP A 385 6.59 20.10 25.13
C ASP A 385 5.39 19.47 25.82
N LEU A 386 5.55 18.23 26.26
CA LEU A 386 4.48 17.49 26.93
C LEU A 386 4.19 18.01 28.35
N LEU A 387 5.24 18.26 29.13
CA LEU A 387 5.08 18.84 30.46
C LEU A 387 4.34 20.17 30.39
N ALA A 388 4.81 21.05 29.51
CA ALA A 388 4.20 22.37 29.28
C ALA A 388 2.72 22.29 28.95
N ASP A 389 2.34 21.27 28.18
CA ASP A 389 0.95 21.10 27.78
C ASP A 389 0.10 20.62 28.93
N VAL A 390 0.64 19.67 29.71
CA VAL A 390 -0.03 19.18 30.90
C VAL A 390 -0.09 20.29 31.98
N GLN A 391 0.98 21.07 32.13
CA GLN A 391 1.02 22.14 33.14
C GLN A 391 -0.01 23.22 32.87
N GLN A 392 -0.07 23.72 31.63
CA GLN A 392 -1.08 24.71 31.25
C GLN A 392 -2.51 24.16 31.31
N ALA A 393 -2.66 22.85 31.09
CA ALA A 393 -3.95 22.20 31.18
C ALA A 393 -4.45 22.01 32.61
N LEU A 394 -3.54 21.89 33.57
CA LEU A 394 -3.94 21.81 34.98
C LEU A 394 -4.37 23.20 35.47
N LYS A 395 -3.71 24.25 34.98
CA LYS A 395 -4.12 25.64 35.27
C LYS A 395 -5.59 25.88 34.91
N ALA A 396 -5.96 25.55 33.68
CA ALA A 396 -7.35 25.74 33.23
C ALA A 396 -8.37 24.80 33.92
N SER A 397 -7.92 23.68 34.45
CA SER A 397 -8.79 22.75 35.20
C SER A 397 -9.08 23.17 36.64
N ALA A 398 -8.40 24.22 37.14
CA ALA A 398 -8.71 24.81 38.44
C ALA A 398 -10.03 25.58 38.34
N LEU B 7 -32.74 7.71 -10.96
CA LEU B 7 -31.88 6.63 -10.37
C LEU B 7 -30.79 6.18 -11.39
N PRO B 8 -29.50 6.56 -11.15
CA PRO B 8 -28.40 6.23 -12.10
C PRO B 8 -28.13 4.74 -12.32
N GLY B 9 -27.51 4.42 -13.46
CA GLY B 9 -27.28 3.04 -13.86
C GLY B 9 -26.30 2.32 -12.96
N PHE B 10 -26.31 0.99 -13.00
CA PHE B 10 -25.43 0.15 -12.18
C PHE B 10 -23.98 0.57 -12.27
N ALA B 11 -23.45 0.71 -13.48
CA ALA B 11 -22.03 1.04 -13.67
C ALA B 11 -21.69 2.44 -13.17
N THR B 12 -22.60 3.39 -13.36
CA THR B 12 -22.41 4.74 -12.83
C THR B 12 -22.31 4.73 -11.31
N ARG B 13 -23.12 3.90 -10.67
CA ARG B 13 -23.14 3.81 -9.20
C ARG B 13 -21.90 3.08 -8.67
N ALA B 14 -21.45 2.05 -9.37
CA ALA B 14 -20.22 1.34 -9.02
C ALA B 14 -18.96 2.20 -9.10
N ILE B 15 -19.04 3.31 -9.83
CA ILE B 15 -17.96 4.27 -9.94
C ILE B 15 -18.10 5.48 -9.02
N HIS B 16 -19.33 5.94 -8.81
CA HIS B 16 -19.58 7.22 -8.12
C HIS B 16 -20.33 7.16 -6.81
N HIS B 17 -21.14 6.13 -6.56
CA HIS B 17 -22.08 6.24 -5.46
C HIS B 17 -21.45 6.55 -4.10
N GLY B 18 -21.95 7.63 -3.48
CA GLY B 18 -21.63 8.01 -2.10
C GLY B 18 -20.42 8.91 -1.94
N TYR B 19 -19.83 9.35 -3.05
CA TYR B 19 -18.60 10.14 -3.00
C TYR B 19 -18.74 11.38 -3.89
N ASP B 20 -18.40 12.56 -3.36
CA ASP B 20 -18.24 13.77 -4.16
C ASP B 20 -16.80 14.28 -3.88
N PRO B 21 -15.97 14.46 -4.94
CA PRO B 21 -14.62 15.01 -4.78
C PRO B 21 -14.53 16.40 -4.10
N GLN B 22 -15.59 17.21 -4.19
CA GLN B 22 -15.64 18.52 -3.49
C GLN B 22 -15.51 18.41 -1.97
N ASP B 23 -15.94 17.28 -1.39
CA ASP B 23 -15.82 17.07 0.06
C ASP B 23 -14.42 16.70 0.53
N HIS B 24 -13.48 16.42 -0.37
CA HIS B 24 -12.14 15.98 0.00
C HIS B 24 -11.06 16.64 -0.85
N GLY B 25 -11.07 17.98 -0.87
CA GLY B 25 -10.06 18.79 -1.55
C GLY B 25 -10.01 18.64 -3.07
N GLY B 26 -11.09 18.12 -3.65
CA GLY B 26 -11.16 17.84 -5.07
C GLY B 26 -10.68 16.46 -5.50
N ALA B 27 -10.19 15.61 -4.58
CA ALA B 27 -9.53 14.35 -4.97
C ALA B 27 -10.44 13.46 -5.80
N LEU B 28 -10.04 13.15 -7.03
CA LEU B 28 -10.86 12.32 -7.90
C LEU B 28 -11.12 10.95 -7.29
N VAL B 29 -10.04 10.33 -6.81
CA VAL B 29 -10.09 9.04 -6.12
C VAL B 29 -10.16 9.33 -4.61
N PRO B 30 -11.06 8.65 -3.88
CA PRO B 30 -11.15 8.96 -2.44
C PRO B 30 -9.85 8.67 -1.68
N PRO B 31 -9.42 9.58 -0.80
CA PRO B 31 -8.21 9.32 -0.01
C PRO B 31 -8.40 8.21 1.00
N VAL B 32 -7.32 7.47 1.25
CA VAL B 32 -7.40 6.28 2.08
C VAL B 32 -7.11 6.66 3.51
N TYR B 33 -8.08 6.40 4.39
CA TYR B 33 -7.94 6.64 5.82
C TYR B 33 -7.28 5.45 6.50
N GLN B 34 -5.98 5.29 6.25
CA GLN B 34 -5.18 4.24 6.88
C GLN B 34 -4.82 4.73 8.30
N THR B 35 -5.80 4.64 9.21
CA THR B 35 -5.70 5.20 10.57
C THR B 35 -6.49 4.32 11.53
N ALA B 36 -5.93 4.06 12.71
CA ALA B 36 -6.62 3.27 13.74
C ALA B 36 -7.61 4.13 14.52
N THR B 37 -7.19 5.33 14.91
CA THR B 37 -8.02 6.19 15.76
C THR B 37 -8.30 7.57 15.20
N PHE B 38 -9.33 8.19 15.78
CA PHE B 38 -9.77 9.53 15.40
C PHE B 38 -9.90 10.35 16.65
N THR B 39 -9.49 11.60 16.58
CA THR B 39 -9.48 12.50 17.73
C THR B 39 -10.77 13.30 17.79
N PHE B 40 -11.01 13.91 18.94
CA PHE B 40 -12.20 14.73 19.19
C PHE B 40 -11.76 16.17 19.53
N PRO B 41 -12.56 17.18 19.13
CA PRO B 41 -12.24 18.58 19.45
C PRO B 41 -12.53 18.93 20.93
N THR B 42 -13.54 18.29 21.51
CA THR B 42 -13.81 18.26 22.95
C THR B 42 -14.18 16.83 23.40
N VAL B 43 -14.35 16.61 24.71
CA VAL B 43 -14.68 15.27 25.22
C VAL B 43 -16.19 15.02 25.26
N GLU B 44 -16.98 16.09 25.35
CA GLU B 44 -18.44 15.97 25.15
C GLU B 44 -18.77 15.45 23.74
N TYR B 45 -18.04 15.93 22.74
CA TYR B 45 -18.13 15.41 21.37
C TYR B 45 -17.76 13.91 21.31
N GLY B 46 -16.68 13.51 21.99
CA GLY B 46 -16.27 12.10 22.05
C GLY B 46 -17.23 11.16 22.75
N ALA B 47 -17.81 11.62 23.87
CA ALA B 47 -18.82 10.84 24.64
C ALA B 47 -20.10 10.64 23.84
N ALA B 48 -20.53 11.68 23.12
CA ALA B 48 -21.62 11.58 22.17
C ALA B 48 -21.39 10.52 21.05
N CYS B 49 -20.17 10.44 20.50
CA CYS B 49 -19.82 9.44 19.46
C CYS B 49 -20.01 7.98 19.89
N PHE B 50 -19.58 7.67 21.11
CA PHE B 50 -19.80 6.32 21.70
C PHE B 50 -21.28 6.08 22.06
N ALA B 51 -22.00 7.13 22.47
CA ALA B 51 -23.43 7.03 22.75
C ALA B 51 -24.31 6.92 21.49
N GLY B 52 -23.79 7.35 20.33
CA GLY B 52 -24.56 7.41 19.08
C GLY B 52 -25.32 8.71 18.86
N GLU B 53 -25.09 9.71 19.72
CA GLU B 53 -25.80 11.00 19.65
C GLU B 53 -25.22 11.89 18.55
N GLN B 54 -23.89 11.97 18.52
CA GLN B 54 -23.13 12.78 17.55
C GLN B 54 -22.63 11.89 16.40
N ALA B 55 -22.64 12.42 15.17
CA ALA B 55 -22.24 11.68 13.96
C ALA B 55 -20.77 11.96 13.62
N GLY B 56 -19.92 10.96 13.83
CA GLY B 56 -18.48 11.09 13.63
C GLY B 56 -17.76 9.76 13.70
N HIS B 57 -16.45 9.81 13.97
CA HIS B 57 -15.60 8.62 13.97
C HIS B 57 -14.70 8.56 15.19
N PHE B 58 -14.45 7.34 15.68
CA PHE B 58 -13.59 7.15 16.85
C PHE B 58 -12.58 6.01 16.75
N TYR B 59 -12.94 4.89 16.13
CA TYR B 59 -12.04 3.74 16.05
C TYR B 59 -12.40 2.84 14.86
N SER B 60 -11.43 2.63 13.98
CA SER B 60 -11.65 1.89 12.73
C SER B 60 -12.25 0.47 12.83
N ARG B 61 -12.01 -0.25 13.94
CA ARG B 61 -12.66 -1.55 14.16
C ARG B 61 -14.20 -1.42 14.15
N ILE B 62 -14.71 -0.32 14.70
CA ILE B 62 -16.16 -0.04 14.68
C ILE B 62 -16.56 0.59 13.34
N SER B 63 -15.86 1.64 12.91
CA SER B 63 -16.23 2.42 11.73
C SER B 63 -15.08 3.33 11.22
N ASN B 64 -14.92 3.37 9.90
CA ASN B 64 -13.82 4.10 9.22
C ASN B 64 -14.39 4.71 7.93
N PRO B 65 -14.10 5.99 7.63
CA PRO B 65 -14.69 6.64 6.43
C PRO B 65 -14.44 5.92 5.10
N THR B 66 -13.25 5.32 4.93
CA THR B 66 -12.94 4.56 3.73
C THR B 66 -13.79 3.30 3.63
N LEU B 67 -13.92 2.59 4.76
CA LEU B 67 -14.82 1.44 4.84
C LEU B 67 -16.29 1.85 4.64
N ASN B 68 -16.70 3.00 5.17
CA ASN B 68 -18.08 3.48 5.00
C ASN B 68 -18.47 3.73 3.56
N LEU B 69 -17.53 4.29 2.79
CA LEU B 69 -17.79 4.57 1.39
C LEU B 69 -18.00 3.26 0.63
N LEU B 70 -17.13 2.28 0.85
CA LEU B 70 -17.31 0.95 0.29
C LEU B 70 -18.66 0.31 0.67
N GLU B 71 -19.05 0.48 1.93
CA GLU B 71 -20.29 -0.08 2.48
C GLU B 71 -21.53 0.54 1.86
N ALA B 72 -21.58 1.87 1.83
CA ALA B 72 -22.67 2.58 1.15
C ALA B 72 -22.77 2.20 -0.33
N ARG B 73 -21.63 2.09 -1.01
CA ARG B 73 -21.64 1.71 -2.43
C ARG B 73 -22.13 0.29 -2.65
N MET B 74 -21.66 -0.67 -1.86
CA MET B 74 -22.17 -2.06 -1.95
C MET B 74 -23.66 -2.18 -1.60
N ALA B 75 -24.12 -1.35 -0.67
CA ALA B 75 -25.56 -1.24 -0.37
C ALA B 75 -26.36 -0.72 -1.56
N SER B 76 -25.87 0.31 -2.22
CA SER B 76 -26.56 0.82 -3.40
C SER B 76 -26.71 -0.23 -4.48
N LEU B 77 -25.66 -1.00 -4.70
CA LEU B 77 -25.67 -2.00 -5.77
C LEU B 77 -26.64 -3.15 -5.50
N GLU B 78 -26.71 -3.60 -4.23
CA GLU B 78 -27.64 -4.68 -3.82
C GLU B 78 -29.07 -4.20 -3.49
N GLY B 79 -29.34 -2.89 -3.55
CA GLY B 79 -30.63 -2.33 -3.17
C GLY B 79 -30.97 -2.49 -1.70
N GLY B 80 -30.00 -2.22 -0.84
CA GLY B 80 -30.13 -2.41 0.61
C GLY B 80 -29.98 -1.08 1.31
N GLU B 81 -30.38 -1.04 2.57
CA GLU B 81 -30.26 0.18 3.37
C GLU B 81 -28.82 0.44 3.82
N ALA B 82 -28.08 -0.61 4.17
CA ALA B 82 -26.76 -0.44 4.78
C ALA B 82 -25.82 -1.60 4.54
N GLY B 83 -24.52 -1.32 4.64
CA GLY B 83 -23.46 -2.30 4.41
C GLY B 83 -22.40 -2.34 5.49
N LEU B 84 -21.72 -3.47 5.61
CA LEU B 84 -20.62 -3.64 6.54
C LEU B 84 -19.48 -4.35 5.84
N ALA B 85 -18.27 -3.79 5.95
CA ALA B 85 -17.06 -4.39 5.38
C ALA B 85 -16.29 -5.15 6.46
N LEU B 86 -15.88 -6.37 6.14
CA LEU B 86 -15.15 -7.21 7.07
C LEU B 86 -13.91 -7.86 6.43
N ALA B 87 -13.08 -8.49 7.26
CA ALA B 87 -11.75 -8.95 6.84
C ALA B 87 -11.77 -10.09 5.84
N SER B 88 -12.89 -10.79 5.75
CA SER B 88 -13.04 -11.91 4.82
C SER B 88 -14.49 -12.27 4.72
N GLY B 89 -14.82 -13.07 3.72
CA GLY B 89 -16.15 -13.68 3.62
C GLY B 89 -16.59 -14.47 4.85
N MET B 90 -15.68 -15.26 5.43
CA MET B 90 -15.97 -15.91 6.69
C MET B 90 -16.19 -14.87 7.81
N GLY B 91 -15.41 -13.79 7.77
CA GLY B 91 -15.66 -12.64 8.62
C GLY B 91 -17.11 -12.18 8.57
N ALA B 92 -17.63 -12.00 7.37
CA ALA B 92 -19.01 -11.57 7.16
C ALA B 92 -20.02 -12.60 7.64
N ILE B 93 -19.78 -13.87 7.33
CA ILE B 93 -20.72 -14.96 7.66
C ILE B 93 -20.81 -15.18 9.17
N THR B 94 -19.66 -15.28 9.81
CA THR B 94 -19.56 -15.55 11.24
C THR B 94 -20.08 -14.36 12.06
N SER B 95 -19.69 -13.13 11.70
CA SER B 95 -20.20 -11.95 12.38
C SER B 95 -21.73 -11.85 12.29
N THR B 96 -22.29 -12.28 11.15
CA THR B 96 -23.75 -12.25 10.95
C THR B 96 -24.44 -13.28 11.85
N LEU B 97 -23.96 -14.52 11.80
CA LEU B 97 -24.62 -15.60 12.51
C LEU B 97 -24.44 -15.55 14.03
N TRP B 98 -23.26 -15.14 14.50
CA TRP B 98 -23.02 -15.00 15.94
C TRP B 98 -23.95 -13.96 16.53
N THR B 99 -24.23 -12.90 15.77
CA THR B 99 -25.18 -11.87 16.15
C THR B 99 -26.64 -12.35 16.20
N LEU B 100 -27.08 -13.13 15.22
CA LEU B 100 -28.50 -13.52 15.07
C LEU B 100 -28.93 -14.77 15.82
N LEU B 101 -27.98 -15.64 16.19
CA LEU B 101 -28.31 -16.91 16.83
C LEU B 101 -27.89 -16.96 18.30
N ARG B 102 -28.66 -17.69 19.10
CA ARG B 102 -28.29 -18.06 20.47
C ARG B 102 -28.65 -19.54 20.67
N PRO B 103 -28.12 -20.17 21.73
CA PRO B 103 -28.44 -21.60 21.97
C PRO B 103 -29.96 -21.90 22.03
N GLY B 104 -30.37 -22.99 21.36
CA GLY B 104 -31.77 -23.34 21.21
C GLY B 104 -32.40 -22.83 19.92
N ASP B 105 -31.88 -21.74 19.35
CA ASP B 105 -32.26 -21.32 18.01
C ASP B 105 -31.87 -22.43 17.00
N GLU B 106 -32.66 -22.55 15.93
CA GLU B 106 -32.39 -23.48 14.85
C GLU B 106 -32.04 -22.64 13.62
N VAL B 107 -31.07 -23.11 12.83
CA VAL B 107 -30.78 -22.53 11.51
C VAL B 107 -31.01 -23.57 10.41
N LEU B 108 -31.83 -23.17 9.43
CA LEU B 108 -32.14 -23.98 8.25
C LEU B 108 -31.13 -23.69 7.14
N LEU B 109 -30.55 -24.75 6.61
CA LEU B 109 -29.38 -24.67 5.71
C LEU B 109 -29.64 -25.28 4.36
N GLY B 110 -29.17 -24.62 3.30
CA GLY B 110 -29.09 -25.22 1.96
C GLY B 110 -28.33 -26.53 2.04
N ASN B 111 -28.67 -27.47 1.16
CA ASN B 111 -28.09 -28.83 1.21
C ASN B 111 -26.58 -28.87 1.09
N THR B 112 -26.03 -28.02 0.22
CA THR B 112 -24.59 -27.95 0.07
C THR B 112 -24.12 -26.54 0.39
N LEU B 113 -22.90 -26.46 0.92
CA LEU B 113 -22.35 -25.23 1.45
C LEU B 113 -20.86 -25.19 1.18
N TYR B 114 -20.33 -23.98 1.08
CA TYR B 114 -18.90 -23.74 1.05
C TYR B 114 -18.27 -24.41 2.28
N GLY B 115 -17.13 -25.06 2.08
CA GLY B 115 -16.52 -25.91 3.10
C GLY B 115 -16.38 -25.30 4.49
N CYS B 116 -15.83 -24.09 4.56
CA CYS B 116 -15.60 -23.44 5.87
C CYS B 116 -16.89 -22.95 6.54
N THR B 117 -17.90 -22.58 5.74
CA THR B 117 -19.24 -22.28 6.25
C THR B 117 -19.83 -23.52 6.91
N PHE B 118 -19.74 -24.66 6.23
CA PHE B 118 -20.17 -25.95 6.77
C PHE B 118 -19.46 -26.24 8.07
N ALA B 119 -18.13 -26.10 8.05
CA ALA B 119 -17.32 -26.36 9.23
C ALA B 119 -17.71 -25.44 10.39
N PHE B 120 -17.88 -24.15 10.09
CA PHE B 120 -18.32 -23.19 11.10
C PHE B 120 -19.62 -23.64 11.76
N LEU B 121 -20.62 -23.89 10.92
CA LEU B 121 -21.93 -24.32 11.39
C LEU B 121 -21.89 -25.63 12.19
N HIS B 122 -21.19 -26.64 11.69
CA HIS B 122 -21.22 -27.95 12.33
C HIS B 122 -20.25 -28.08 13.49
N HIS B 123 -19.01 -27.65 13.31
CA HIS B 123 -17.97 -27.78 14.33
C HIS B 123 -17.73 -26.53 15.16
N GLY B 124 -18.41 -25.43 14.84
CA GLY B 124 -18.25 -24.16 15.57
C GLY B 124 -19.51 -23.86 16.35
N ILE B 125 -20.33 -22.93 15.82
CA ILE B 125 -21.56 -22.45 16.46
C ILE B 125 -22.57 -23.55 16.77
N GLY B 126 -22.56 -24.64 15.99
CA GLY B 126 -23.39 -25.81 16.27
C GLY B 126 -23.05 -26.53 17.56
N GLU B 127 -21.77 -26.53 17.94
CA GLU B 127 -21.31 -27.09 19.23
C GLU B 127 -21.53 -26.13 20.43
N PHE B 128 -21.97 -24.90 20.17
CA PHE B 128 -22.45 -24.00 21.23
C PHE B 128 -23.98 -23.99 21.43
N GLY B 129 -24.66 -25.11 21.15
CA GLY B 129 -26.11 -25.23 21.40
C GLY B 129 -27.08 -24.74 20.30
N VAL B 130 -26.58 -24.36 19.13
CA VAL B 130 -27.42 -23.96 18.00
C VAL B 130 -27.75 -25.20 17.14
N LYS B 131 -29.04 -25.40 16.84
CA LYS B 131 -29.49 -26.55 16.00
C LYS B 131 -29.35 -26.29 14.52
N LEU B 132 -28.92 -27.32 13.79
CA LEU B 132 -28.74 -27.27 12.34
C LEU B 132 -29.72 -28.21 11.68
N ARG B 133 -30.41 -27.74 10.64
CA ARG B 133 -31.02 -28.66 9.68
C ARG B 133 -30.75 -28.26 8.23
N HIS B 134 -30.39 -29.25 7.42
CA HIS B 134 -30.20 -29.09 5.99
C HIS B 134 -31.48 -29.42 5.24
N VAL B 135 -31.81 -28.64 4.21
CA VAL B 135 -33.07 -28.78 3.43
C VAL B 135 -32.82 -28.30 2.00
N ASP B 136 -33.53 -28.89 1.04
CA ASP B 136 -33.49 -28.45 -0.35
C ASP B 136 -34.31 -27.15 -0.49
N MET B 137 -33.63 -26.03 -0.73
CA MET B 137 -34.28 -24.72 -0.79
C MET B 137 -34.97 -24.42 -2.12
N ALA B 138 -34.88 -25.34 -3.07
CA ALA B 138 -35.72 -25.31 -4.28
C ALA B 138 -37.13 -25.89 -4.02
N ASP B 139 -37.19 -26.86 -3.10
CA ASP B 139 -38.42 -27.59 -2.76
C ASP B 139 -39.19 -26.91 -1.62
N LEU B 140 -40.12 -26.03 -1.99
CA LEU B 140 -40.94 -25.29 -1.01
C LEU B 140 -41.83 -26.16 -0.09
N GLN B 141 -42.16 -27.38 -0.50
CA GLN B 141 -42.95 -28.29 0.35
C GLN B 141 -42.15 -28.70 1.60
N ALA B 142 -40.93 -29.18 1.35
CA ALA B 142 -40.05 -29.71 2.40
C ALA B 142 -39.49 -28.62 3.33
N LEU B 143 -39.35 -27.40 2.80
CA LEU B 143 -38.87 -26.25 3.56
C LEU B 143 -39.94 -25.83 4.57
N GLU B 144 -41.18 -25.66 4.10
CA GLU B 144 -42.34 -25.41 4.98
C GLU B 144 -42.47 -26.52 6.03
N ALA B 145 -42.31 -27.77 5.64
CA ALA B 145 -42.37 -28.90 6.59
C ALA B 145 -41.24 -28.86 7.61
N ALA B 146 -40.07 -28.39 7.19
CA ALA B 146 -38.90 -28.30 8.08
C ALA B 146 -38.94 -27.13 9.08
N MET B 147 -39.71 -26.08 8.81
CA MET B 147 -39.79 -24.93 9.73
C MET B 147 -40.30 -25.39 11.09
N THR B 148 -39.67 -24.88 12.14
CA THR B 148 -40.05 -25.13 13.53
C THR B 148 -40.12 -23.76 14.22
N PRO B 149 -40.77 -23.68 15.38
CA PRO B 149 -40.69 -22.43 16.18
C PRO B 149 -39.26 -21.98 16.52
N ALA B 150 -38.33 -22.93 16.63
CA ALA B 150 -36.92 -22.63 16.86
C ALA B 150 -36.24 -21.97 15.66
N THR B 151 -36.74 -22.19 14.45
CA THR B 151 -36.13 -21.63 13.25
C THR B 151 -36.05 -20.12 13.32
N ARG B 152 -34.83 -19.60 13.47
CA ARG B 152 -34.61 -18.16 13.50
C ARG B 152 -33.92 -17.62 12.25
N VAL B 153 -33.13 -18.45 11.59
CA VAL B 153 -32.40 -18.04 10.38
C VAL B 153 -32.48 -19.09 9.29
N ILE B 154 -32.63 -18.64 8.05
CA ILE B 154 -32.54 -19.51 6.87
C ILE B 154 -31.35 -19.04 6.07
N TYR B 155 -30.36 -19.93 5.90
CA TYR B 155 -29.08 -19.58 5.28
C TYR B 155 -28.78 -20.49 4.07
N PHE B 156 -28.48 -19.88 2.93
CA PHE B 156 -28.09 -20.66 1.75
C PHE B 156 -27.31 -19.83 0.76
N GLU B 157 -26.71 -20.52 -0.19
CA GLU B 157 -26.00 -19.92 -1.32
C GLU B 157 -26.83 -20.27 -2.52
N SER B 158 -26.82 -19.41 -3.51
CA SER B 158 -27.51 -19.69 -4.75
C SER B 158 -26.86 -18.86 -5.84
N PRO B 159 -26.19 -19.51 -6.80
CA PRO B 159 -25.96 -20.96 -6.90
C PRO B 159 -25.07 -21.49 -5.81
N ALA B 160 -25.23 -22.73 -5.44
CA ALA B 160 -24.46 -23.31 -4.38
C ALA B 160 -23.19 -24.00 -4.79
N ASN B 161 -22.11 -23.62 -4.16
CA ASN B 161 -20.81 -24.17 -4.38
C ASN B 161 -20.88 -25.60 -3.94
N PRO B 162 -20.35 -26.62 -4.71
CA PRO B 162 -19.77 -26.27 -6.00
C PRO B 162 -20.57 -26.85 -7.16
N ASN B 163 -21.74 -27.41 -6.90
CA ASN B 163 -22.61 -28.04 -7.90
C ASN B 163 -23.67 -27.22 -8.65
N MET B 164 -23.73 -25.92 -8.41
CA MET B 164 -24.63 -24.91 -9.03
C MET B 164 -26.14 -25.00 -8.70
N HIS B 165 -26.50 -25.82 -7.71
CA HIS B 165 -27.88 -25.96 -7.29
C HIS B 165 -28.45 -24.60 -6.79
N MET B 166 -29.70 -24.34 -7.13
CA MET B 166 -30.34 -23.04 -6.95
C MET B 166 -31.41 -23.12 -5.87
N ALA B 167 -31.76 -21.97 -5.30
CA ALA B 167 -32.85 -21.87 -4.34
C ALA B 167 -33.88 -20.89 -4.87
N ASP B 168 -35.15 -21.12 -4.52
CA ASP B 168 -36.24 -20.19 -4.84
C ASP B 168 -36.26 -19.10 -3.77
N ILE B 169 -35.46 -18.06 -3.97
CA ILE B 169 -35.28 -16.99 -2.97
C ILE B 169 -36.61 -16.33 -2.57
N ALA B 170 -37.44 -15.96 -3.54
CA ALA B 170 -38.72 -15.30 -3.25
C ALA B 170 -39.73 -16.23 -2.56
N GLY B 171 -39.66 -17.52 -2.89
CA GLY B 171 -40.52 -18.53 -2.27
C GLY B 171 -40.11 -18.82 -0.84
N VAL B 172 -38.79 -18.88 -0.64
CA VAL B 172 -38.20 -19.05 0.69
C VAL B 172 -38.55 -17.84 1.56
N ALA B 173 -38.35 -16.63 1.03
CA ALA B 173 -38.70 -15.41 1.77
C ALA B 173 -40.17 -15.35 2.19
N LYS B 174 -41.06 -15.75 1.29
CA LYS B 174 -42.49 -15.81 1.59
C LYS B 174 -42.77 -16.76 2.78
N ILE B 175 -42.18 -17.95 2.75
CA ILE B 175 -42.30 -18.90 3.85
C ILE B 175 -41.68 -18.36 5.15
N ALA B 176 -40.54 -17.70 5.05
CA ALA B 176 -39.90 -17.06 6.22
C ALA B 176 -40.78 -16.01 6.87
N ARG B 177 -41.49 -15.22 6.06
CA ARG B 177 -42.33 -14.11 6.55
C ARG B 177 -43.48 -14.59 7.46
N LYS B 178 -43.97 -15.81 7.19
CA LYS B 178 -45.02 -16.46 7.99
C LYS B 178 -44.57 -16.95 9.39
N HIS B 179 -43.27 -17.07 9.63
CA HIS B 179 -42.72 -17.48 10.93
C HIS B 179 -41.72 -16.44 11.50
N GLY B 180 -41.70 -15.23 10.93
CA GLY B 180 -40.78 -14.17 11.35
C GLY B 180 -39.28 -14.45 11.27
N ALA B 181 -38.88 -15.39 10.41
CA ALA B 181 -37.48 -15.79 10.30
C ALA B 181 -36.68 -14.91 9.32
N THR B 182 -35.38 -14.83 9.59
CA THR B 182 -34.44 -13.98 8.87
C THR B 182 -33.72 -14.81 7.78
N VAL B 183 -33.82 -14.35 6.54
CA VAL B 183 -33.22 -15.03 5.38
C VAL B 183 -31.91 -14.35 5.01
N VAL B 184 -30.84 -15.14 5.01
CA VAL B 184 -29.50 -14.67 4.71
C VAL B 184 -29.00 -15.42 3.48
N VAL B 185 -28.71 -14.68 2.40
CA VAL B 185 -28.23 -15.30 1.17
C VAL B 185 -26.76 -14.98 0.90
N ASP B 186 -25.95 -16.01 0.71
CA ASP B 186 -24.58 -15.83 0.22
C ASP B 186 -24.62 -15.61 -1.29
N ASN B 187 -24.37 -14.36 -1.72
CA ASN B 187 -24.53 -13.93 -3.11
C ASN B 187 -23.16 -13.77 -3.78
N THR B 188 -22.19 -14.61 -3.37
CA THR B 188 -20.79 -14.46 -3.78
C THR B 188 -20.58 -14.73 -5.26
N TYR B 189 -21.14 -15.85 -5.73
CA TYR B 189 -21.03 -16.28 -7.13
C TYR B 189 -21.60 -15.30 -8.14
N CYS B 190 -22.76 -14.75 -7.85
CA CYS B 190 -23.45 -13.89 -8.78
C CYS B 190 -22.96 -12.45 -8.74
N THR B 191 -22.69 -11.92 -7.55
CA THR B 191 -22.46 -10.48 -7.33
C THR B 191 -23.75 -9.70 -7.53
N PRO B 192 -23.83 -8.48 -6.99
CA PRO B 192 -25.07 -7.74 -7.24
C PRO B 192 -25.35 -7.41 -8.72
N TYR B 193 -24.33 -7.51 -9.58
CA TYR B 193 -24.51 -7.27 -11.00
C TYR B 193 -25.46 -8.30 -11.65
N LEU B 194 -25.38 -9.56 -11.23
CA LEU B 194 -26.19 -10.65 -11.78
C LEU B 194 -27.48 -11.01 -11.02
N GLN B 195 -27.50 -10.83 -9.70
CA GLN B 195 -28.62 -11.26 -8.85
C GLN B 195 -28.68 -10.35 -7.64
N ARG B 196 -29.88 -10.03 -7.19
CA ARG B 196 -30.06 -9.14 -6.06
C ARG B 196 -31.10 -9.71 -5.10
N PRO B 197 -30.66 -10.64 -4.21
CA PRO B 197 -31.56 -11.35 -3.29
C PRO B 197 -32.42 -10.46 -2.38
N LEU B 198 -31.95 -9.27 -2.05
CA LEU B 198 -32.77 -8.33 -1.27
C LEU B 198 -34.02 -7.90 -2.03
N GLU B 199 -33.92 -7.77 -3.35
CA GLU B 199 -35.06 -7.36 -4.16
C GLU B 199 -36.05 -8.49 -4.44
N LEU B 200 -35.63 -9.72 -4.15
CA LEU B 200 -36.48 -10.90 -4.15
C LEU B 200 -36.94 -11.33 -2.75
N GLY B 201 -36.78 -10.49 -1.72
CA GLY B 201 -37.33 -10.76 -0.38
C GLY B 201 -36.40 -11.13 0.78
N ALA B 202 -35.13 -11.46 0.49
CA ALA B 202 -34.17 -11.77 1.55
C ALA B 202 -33.90 -10.57 2.46
N ASP B 203 -33.43 -10.87 3.67
CA ASP B 203 -33.16 -9.86 4.68
C ASP B 203 -31.71 -9.36 4.65
N LEU B 204 -30.77 -10.29 4.51
CA LEU B 204 -29.35 -9.99 4.47
C LEU B 204 -28.69 -10.70 3.32
N VAL B 205 -27.73 -10.06 2.67
CA VAL B 205 -26.77 -10.78 1.81
C VAL B 205 -25.35 -10.66 2.34
N VAL B 206 -24.62 -11.77 2.19
CA VAL B 206 -23.20 -11.84 2.48
C VAL B 206 -22.40 -12.13 1.19
N HIS B 207 -21.17 -11.61 1.15
CA HIS B 207 -20.21 -11.86 0.07
C HIS B 207 -18.82 -12.17 0.58
N SER B 208 -18.17 -13.14 -0.07
CA SER B 208 -16.73 -13.14 -0.12
C SER B 208 -16.33 -12.18 -1.21
N ALA B 209 -15.96 -10.97 -0.81
CA ALA B 209 -15.52 -9.94 -1.75
C ALA B 209 -14.11 -10.25 -2.23
N THR B 210 -13.43 -11.16 -1.53
CA THR B 210 -12.23 -11.87 -2.03
C THR B 210 -12.38 -12.37 -3.48
N1 LLP B 211 -18.74 -18.14 0.41
C2 LLP B 211 -18.47 -18.54 -0.85
C2' LLP B 211 -19.55 -18.91 -1.82
C3 LLP B 211 -17.06 -18.60 -1.29
O3 LLP B 211 -16.74 -18.96 -2.55
C4 LLP B 211 -16.00 -18.22 -0.33
C4' LLP B 211 -14.54 -18.28 -0.79
C5 LLP B 211 -16.45 -17.82 1.04
C6 LLP B 211 -17.81 -17.81 1.31
C5' LLP B 211 -15.49 -17.41 2.14
OP4 LLP B 211 -14.82 -16.20 1.81
P LLP B 211 -13.33 -15.88 2.34
OP1 LLP B 211 -13.17 -14.51 1.75
OP2 LLP B 211 -12.47 -16.98 1.77
OP3 LLP B 211 -13.46 -15.96 3.84
N LLP B 211 -13.60 -12.75 -3.89
CA LLP B 211 -13.82 -13.33 -5.23
CB LLP B 211 -14.87 -14.43 -5.07
CG LLP B 211 -14.69 -15.41 -3.92
CD LLP B 211 -13.38 -16.18 -3.85
CE LLP B 211 -13.21 -16.89 -2.50
NZ LLP B 211 -14.31 -17.80 -2.18
C LLP B 211 -14.10 -12.23 -6.27
O LLP B 211 -13.26 -11.34 -6.45
N TYR B 212 -15.24 -12.26 -6.94
CA TYR B 212 -15.51 -11.36 -8.09
C TYR B 212 -15.46 -9.89 -7.80
N LEU B 213 -15.94 -9.45 -6.63
CA LEU B 213 -16.01 -8.00 -6.31
C LEU B 213 -14.64 -7.35 -6.41
N SER B 214 -13.64 -8.03 -5.84
CA SER B 214 -12.22 -7.63 -5.96
C SER B 214 -11.78 -7.82 -7.40
N GLY B 215 -12.02 -9.04 -7.90
CA GLY B 215 -11.72 -9.39 -9.29
C GLY B 215 -10.28 -9.75 -9.63
N HIS B 216 -9.33 -9.38 -8.77
CA HIS B 216 -7.91 -9.45 -9.13
C HIS B 216 -7.05 -10.29 -8.18
N GLY B 217 -7.69 -11.01 -7.26
CA GLY B 217 -7.01 -11.97 -6.41
C GLY B 217 -5.96 -11.46 -5.45
N ASP B 218 -6.06 -10.19 -5.07
CA ASP B 218 -5.03 -9.57 -4.26
C ASP B 218 -5.48 -9.16 -2.86
N ILE B 219 -6.77 -9.31 -2.52
CA ILE B 219 -7.26 -9.03 -1.17
C ILE B 219 -8.17 -10.10 -0.67
N THR B 220 -8.31 -10.17 0.65
CA THR B 220 -9.32 -10.97 1.31
C THR B 220 -10.29 -9.96 1.95
N ALA B 221 -11.60 -10.12 1.70
CA ALA B 221 -12.61 -9.19 2.21
C ALA B 221 -14.00 -9.81 2.21
N GLY B 222 -14.83 -9.39 3.17
CA GLY B 222 -16.23 -9.78 3.26
C GLY B 222 -17.13 -8.57 3.22
N ILE B 223 -18.33 -8.74 2.69
CA ILE B 223 -19.37 -7.72 2.77
C ILE B 223 -20.68 -8.31 3.35
N VAL B 224 -21.35 -7.54 4.19
CA VAL B 224 -22.75 -7.79 4.57
C VAL B 224 -23.59 -6.61 4.10
N VAL B 225 -24.77 -6.87 3.54
CA VAL B 225 -25.73 -5.79 3.18
C VAL B 225 -27.12 -6.19 3.62
N GLY B 226 -27.87 -5.22 4.13
CA GLY B 226 -29.23 -5.45 4.61
C GLY B 226 -29.88 -4.22 5.24
N SER B 227 -30.87 -4.46 6.08
CA SER B 227 -31.59 -3.38 6.78
C SER B 227 -30.67 -2.72 7.80
N GLN B 228 -30.85 -1.41 8.00
CA GLN B 228 -30.05 -0.62 8.92
C GLN B 228 -29.98 -1.25 10.29
N ALA B 229 -31.12 -1.67 10.82
CA ALA B 229 -31.21 -2.19 12.19
C ALA B 229 -30.42 -3.49 12.37
N LEU B 230 -30.53 -4.39 11.40
CA LEU B 230 -29.77 -5.65 11.39
C LEU B 230 -28.26 -5.39 11.27
N VAL B 231 -27.90 -4.56 10.30
CA VAL B 231 -26.49 -4.26 10.01
C VAL B 231 -25.83 -3.55 11.20
N ASP B 232 -26.54 -2.61 11.82
CA ASP B 232 -26.05 -1.94 13.02
C ASP B 232 -25.66 -2.95 14.10
N ARG B 233 -26.49 -3.97 14.28
CA ARG B 233 -26.21 -4.98 15.29
C ARG B 233 -25.05 -5.91 14.95
N ILE B 234 -24.85 -6.23 13.68
CA ILE B 234 -23.72 -7.07 13.27
C ILE B 234 -22.38 -6.29 13.43
N ARG B 235 -22.41 -5.01 13.07
CA ARG B 235 -21.32 -4.08 13.31
C ARG B 235 -20.97 -4.00 14.79
N LEU B 236 -21.95 -3.72 15.65
CA LEU B 236 -21.71 -3.42 17.07
C LEU B 236 -21.65 -4.63 17.98
N GLN B 237 -21.94 -5.82 17.45
CA GLN B 237 -21.86 -7.06 18.23
C GLN B 237 -20.96 -8.07 17.55
N GLY B 238 -21.35 -8.54 16.37
CA GLY B 238 -20.58 -9.52 15.61
C GLY B 238 -19.16 -9.07 15.34
N LEU B 239 -19.01 -7.92 14.69
CA LEU B 239 -17.70 -7.42 14.30
C LEU B 239 -16.94 -6.91 15.52
N LYS B 240 -17.57 -6.02 16.28
CA LYS B 240 -16.90 -5.31 17.36
C LYS B 240 -16.37 -6.25 18.43
N ASP B 241 -17.21 -7.19 18.85
CA ASP B 241 -16.95 -8.03 20.03
C ASP B 241 -16.68 -9.50 19.73
N MET B 242 -17.28 -10.06 18.69
CA MET B 242 -17.28 -11.52 18.55
C MET B 242 -16.33 -12.12 17.53
N THR B 243 -15.88 -11.30 16.58
CA THR B 243 -14.91 -11.73 15.57
C THR B 243 -13.69 -10.83 15.40
N GLY B 244 -13.86 -9.52 15.55
CA GLY B 244 -12.75 -8.59 15.28
C GLY B 244 -12.20 -8.71 13.88
N ALA B 245 -13.09 -9.01 12.93
CA ALA B 245 -12.74 -9.22 11.54
C ALA B 245 -12.71 -7.90 10.82
N VAL B 246 -11.74 -7.08 11.19
CA VAL B 246 -11.65 -5.70 10.70
C VAL B 246 -10.97 -5.71 9.31
N LEU B 247 -11.55 -5.02 8.34
CA LEU B 247 -10.97 -4.88 7.01
C LEU B 247 -10.00 -3.70 7.02
N SER B 248 -8.80 -3.89 6.50
CA SER B 248 -7.84 -2.79 6.33
C SER B 248 -8.37 -1.76 5.32
N PRO B 249 -8.23 -0.45 5.62
CA PRO B 249 -8.66 0.55 4.64
C PRO B 249 -7.96 0.43 3.30
N HIS B 250 -6.73 -0.07 3.31
CA HIS B 250 -5.93 -0.23 2.10
C HIS B 250 -6.60 -1.26 1.21
N ASP B 251 -6.99 -2.38 1.81
CA ASP B 251 -7.74 -3.41 1.11
C ASP B 251 -9.12 -2.95 0.67
N ALA B 252 -9.78 -2.11 1.47
CA ALA B 252 -11.09 -1.56 1.08
C ALA B 252 -10.98 -0.63 -0.10
N ALA B 253 -9.86 0.09 -0.22
CA ALA B 253 -9.62 0.98 -1.37
C ALA B 253 -9.42 0.19 -2.65
N LEU B 254 -8.66 -0.91 -2.57
CA LEU B 254 -8.50 -1.87 -3.67
C LEU B 254 -9.80 -2.55 -4.07
N LEU B 255 -10.62 -2.91 -3.09
CA LEU B 255 -11.91 -3.54 -3.37
C LEU B 255 -12.79 -2.58 -4.18
N MET B 256 -12.81 -1.30 -3.79
CA MET B 256 -13.55 -0.29 -4.53
C MET B 256 -12.97 -0.06 -5.91
N ARG B 257 -11.65 -0.19 -6.04
CA ARG B 257 -11.00 -0.12 -7.36
C ARG B 257 -11.48 -1.28 -8.23
N GLY B 258 -11.60 -2.48 -7.67
CA GLY B 258 -12.13 -3.61 -8.39
C GLY B 258 -13.60 -3.47 -8.78
N ILE B 259 -14.39 -2.84 -7.92
CA ILE B 259 -15.83 -2.69 -8.15
C ILE B 259 -16.13 -1.81 -9.37
N LYS B 260 -15.23 -0.88 -9.68
CA LYS B 260 -15.39 0.01 -10.83
C LYS B 260 -15.43 -0.67 -12.20
N THR B 261 -14.98 -1.92 -12.30
CA THR B 261 -15.05 -2.68 -13.53
C THR B 261 -15.87 -3.96 -13.36
N LEU B 262 -16.71 -4.03 -12.32
CA LEU B 262 -17.44 -5.27 -12.03
C LEU B 262 -18.28 -5.66 -13.24
N ASN B 263 -19.06 -4.71 -13.76
CA ASN B 263 -19.91 -4.98 -14.93
C ASN B 263 -19.14 -5.52 -16.14
N LEU B 264 -18.01 -4.88 -16.49
CA LEU B 264 -17.24 -5.27 -17.67
C LEU B 264 -16.59 -6.65 -17.45
N ARG B 265 -16.13 -6.89 -16.22
CA ARG B 265 -15.50 -8.18 -15.88
C ARG B 265 -16.51 -9.31 -15.90
N MET B 266 -17.66 -9.07 -15.29
CA MET B 266 -18.70 -10.10 -15.24
C MET B 266 -19.23 -10.47 -16.63
N ASP B 267 -19.44 -9.46 -17.49
CA ASP B 267 -19.81 -9.72 -18.90
C ASP B 267 -18.81 -10.70 -19.56
N ARG B 268 -17.51 -10.42 -19.38
CA ARG B 268 -16.48 -11.22 -20.01
C ARG B 268 -16.33 -12.61 -19.39
N HIS B 269 -16.41 -12.69 -18.06
CA HIS B 269 -16.45 -13.97 -17.34
C HIS B 269 -17.54 -14.89 -17.89
N CYS B 270 -18.73 -14.33 -18.03
CA CYS B 270 -19.90 -15.05 -18.52
C CYS B 270 -19.80 -15.47 -19.98
N ALA B 271 -19.38 -14.57 -20.86
CA ALA B 271 -19.19 -14.91 -22.30
C ALA B 271 -18.16 -16.01 -22.48
N ASN B 272 -17.03 -15.91 -21.78
CA ASN B 272 -16.05 -17.00 -21.78
C ASN B 272 -16.60 -18.33 -21.25
N ALA B 273 -17.35 -18.29 -20.15
CA ALA B 273 -17.89 -19.51 -19.56
C ALA B 273 -18.98 -20.16 -20.45
N GLN B 274 -19.86 -19.36 -21.04
CA GLN B 274 -20.86 -19.87 -22.02
C GLN B 274 -20.20 -20.67 -23.14
N VAL B 275 -19.14 -20.12 -23.71
CA VAL B 275 -18.38 -20.81 -24.76
C VAL B 275 -17.76 -22.13 -24.24
N LEU B 276 -17.01 -22.08 -23.14
CA LEU B 276 -16.39 -23.30 -22.60
C LEU B 276 -17.43 -24.36 -22.18
N ALA B 277 -18.60 -23.91 -21.71
CA ALA B 277 -19.68 -24.82 -21.31
C ALA B 277 -20.24 -25.54 -22.53
N GLU B 278 -20.63 -24.77 -23.54
CA GLU B 278 -21.08 -25.31 -24.85
C GLU B 278 -20.07 -26.31 -25.42
N PHE B 279 -18.78 -26.02 -25.26
CA PHE B 279 -17.71 -26.92 -25.73
C PHE B 279 -17.69 -28.23 -24.93
N LEU B 280 -17.64 -28.12 -23.61
CA LEU B 280 -17.54 -29.30 -22.72
C LEU B 280 -18.76 -30.21 -22.76
N ALA B 281 -19.95 -29.62 -22.90
CA ALA B 281 -21.21 -30.38 -23.01
C ALA B 281 -21.23 -31.41 -24.16
N ARG B 282 -20.51 -31.15 -25.26
CA ARG B 282 -20.43 -32.07 -26.42
C ARG B 282 -19.26 -33.06 -26.38
N GLN B 283 -18.44 -33.03 -25.34
CA GLN B 283 -17.21 -33.86 -25.35
C GLN B 283 -17.43 -35.28 -24.82
N PRO B 284 -16.77 -36.27 -25.44
CA PRO B 284 -16.93 -37.68 -25.05
C PRO B 284 -16.33 -38.03 -23.68
N GLN B 285 -15.33 -37.28 -23.24
CA GLN B 285 -14.72 -37.43 -21.93
C GLN B 285 -15.64 -36.94 -20.78
N VAL B 286 -16.63 -36.09 -21.09
CA VAL B 286 -17.48 -35.38 -20.12
C VAL B 286 -18.82 -36.10 -19.90
N GLU B 287 -19.00 -36.75 -18.76
CA GLU B 287 -20.27 -37.42 -18.45
C GLU B 287 -21.40 -36.43 -18.18
N LEU B 288 -21.13 -35.41 -17.39
CA LEU B 288 -22.18 -34.53 -16.88
C LEU B 288 -21.62 -33.13 -16.65
N ILE B 289 -22.46 -32.11 -16.88
CA ILE B 289 -22.05 -30.72 -16.72
C ILE B 289 -23.14 -29.85 -16.08
N HIS B 290 -22.71 -29.01 -15.15
CA HIS B 290 -23.57 -28.02 -14.51
C HIS B 290 -23.12 -26.64 -14.93
N TYR B 291 -23.89 -26.01 -15.81
CA TYR B 291 -23.73 -24.59 -16.08
C TYR B 291 -25.11 -23.98 -16.34
N PRO B 292 -25.54 -22.99 -15.52
CA PRO B 292 -26.88 -22.39 -15.65
C PRO B 292 -27.31 -21.95 -17.06
N GLY B 293 -26.36 -21.57 -17.89
CA GLY B 293 -26.62 -21.15 -19.26
C GLY B 293 -26.98 -22.23 -20.26
N LEU B 294 -26.60 -23.47 -19.98
CA LEU B 294 -27.00 -24.62 -20.82
C LEU B 294 -28.49 -24.95 -20.62
N ALA B 295 -29.20 -25.13 -21.74
CA ALA B 295 -30.62 -25.53 -21.75
C ALA B 295 -30.91 -26.84 -21.00
N SER B 296 -29.92 -27.73 -20.93
CA SER B 296 -30.04 -28.97 -20.18
C SER B 296 -29.89 -28.81 -18.64
N PHE B 297 -29.57 -27.61 -18.16
CA PHE B 297 -29.35 -27.38 -16.73
C PHE B 297 -30.66 -27.57 -15.97
N PRO B 298 -30.70 -28.53 -15.01
CA PRO B 298 -31.94 -28.90 -14.33
C PRO B 298 -32.85 -27.76 -13.91
N GLN B 299 -32.30 -26.63 -13.45
CA GLN B 299 -33.13 -25.49 -12.98
C GLN B 299 -33.00 -24.26 -13.86
N TYR B 300 -32.97 -24.50 -15.18
CA TYR B 300 -32.74 -23.45 -16.19
C TYR B 300 -33.73 -22.28 -16.07
N THR B 301 -35.01 -22.60 -15.85
CA THR B 301 -36.06 -21.56 -15.79
C THR B 301 -35.90 -20.67 -14.55
N LEU B 302 -35.68 -21.32 -13.40
CA LEU B 302 -35.51 -20.63 -12.11
C LEU B 302 -34.25 -19.76 -12.09
N ALA B 303 -33.13 -20.32 -12.54
CA ALA B 303 -31.91 -19.54 -12.72
C ALA B 303 -32.21 -18.22 -13.46
N ARG B 304 -32.90 -18.28 -14.59
CA ARG B 304 -33.19 -17.09 -15.42
C ARG B 304 -34.20 -16.11 -14.81
N GLN B 305 -35.03 -16.56 -13.85
CA GLN B 305 -35.86 -15.63 -13.08
C GLN B 305 -35.05 -14.74 -12.14
N GLN B 306 -33.95 -15.30 -11.59
CA GLN B 306 -33.13 -14.66 -10.54
C GLN B 306 -31.80 -14.05 -11.03
N MET B 307 -31.19 -14.64 -12.05
CA MET B 307 -29.86 -14.26 -12.58
C MET B 307 -29.97 -13.64 -13.97
N SER B 308 -29.42 -12.43 -14.15
CA SER B 308 -29.45 -11.78 -15.47
C SER B 308 -28.44 -12.41 -16.46
N GLN B 309 -27.43 -13.12 -15.97
CA GLN B 309 -26.51 -13.86 -16.81
C GLN B 309 -26.10 -15.12 -16.04
N PRO B 310 -25.67 -16.17 -16.75
CA PRO B 310 -25.44 -17.45 -16.06
C PRO B 310 -24.11 -17.63 -15.31
N GLY B 311 -23.29 -16.58 -15.19
CA GLY B 311 -22.10 -16.61 -14.33
C GLY B 311 -20.82 -17.11 -14.99
N GLY B 312 -19.71 -17.05 -14.23
CA GLY B 312 -18.40 -17.50 -14.69
C GLY B 312 -17.93 -18.84 -14.17
N MET B 313 -18.77 -19.56 -13.44
CA MET B 313 -18.40 -20.84 -12.83
C MET B 313 -18.99 -22.01 -13.59
N ILE B 314 -18.19 -23.07 -13.78
CA ILE B 314 -18.64 -24.31 -14.41
C ILE B 314 -18.18 -25.47 -13.54
N ALA B 315 -19.05 -26.46 -13.35
CA ALA B 315 -18.63 -27.74 -12.76
C ALA B 315 -19.01 -28.85 -13.71
N PHE B 316 -18.14 -29.84 -13.84
CA PHE B 316 -18.40 -30.96 -14.72
C PHE B 316 -17.75 -32.22 -14.20
N GLU B 317 -18.22 -33.35 -14.72
CA GLU B 317 -17.79 -34.70 -14.32
C GLU B 317 -17.13 -35.36 -15.51
N LEU B 318 -15.93 -35.89 -15.31
CA LEU B 318 -15.26 -36.70 -16.32
C LEU B 318 -15.61 -38.18 -16.13
N LYS B 319 -15.75 -38.90 -17.25
CA LYS B 319 -16.15 -40.32 -17.23
C LYS B 319 -15.14 -41.21 -16.49
N GLY B 320 -13.85 -40.92 -16.65
CA GLY B 320 -12.80 -41.74 -16.04
C GLY B 320 -12.64 -41.65 -14.53
N GLY B 321 -13.50 -40.87 -13.86
CA GLY B 321 -13.51 -40.81 -12.40
C GLY B 321 -12.40 -39.95 -11.82
N ILE B 322 -11.84 -40.41 -10.70
CA ILE B 322 -10.82 -39.67 -9.96
C ILE B 322 -9.47 -39.58 -10.70
N GLY B 323 -9.08 -40.66 -11.37
CA GLY B 323 -7.78 -40.73 -12.05
C GLY B 323 -7.71 -39.84 -13.28
N ALA B 324 -8.82 -39.76 -14.00
CA ALA B 324 -8.95 -38.87 -15.17
C ALA B 324 -8.98 -37.41 -14.75
N GLY B 325 -9.67 -37.12 -13.66
CA GLY B 325 -9.66 -35.82 -13.03
C GLY B 325 -8.26 -35.33 -12.73
N ARG B 326 -7.43 -36.18 -12.14
CA ARG B 326 -6.04 -35.82 -11.86
C ARG B 326 -5.25 -35.52 -13.13
N ARG B 327 -5.36 -36.38 -14.13
CA ARG B 327 -4.61 -36.22 -15.38
C ARG B 327 -4.99 -34.93 -16.10
N PHE B 328 -6.30 -34.65 -16.16
CA PHE B 328 -6.82 -33.39 -16.73
C PHE B 328 -6.25 -32.14 -16.05
N MET B 329 -6.29 -32.15 -14.71
CA MET B 329 -5.80 -31.05 -13.90
C MET B 329 -4.33 -30.81 -14.08
N ASN B 330 -3.56 -31.90 -14.03
CA ASN B 330 -2.12 -31.83 -14.21
C ASN B 330 -1.68 -31.40 -15.62
N ALA B 331 -2.50 -31.62 -16.63
CA ALA B 331 -2.19 -31.21 -18.00
C ALA B 331 -2.49 -29.75 -18.32
N LEU B 332 -3.26 -29.03 -17.49
CA LEU B 332 -3.58 -27.61 -17.76
C LEU B 332 -2.31 -26.76 -17.67
N GLN B 333 -2.05 -25.99 -18.72
CA GLN B 333 -0.88 -25.09 -18.83
C GLN B 333 -1.21 -23.61 -18.55
N LEU B 334 -2.46 -23.21 -18.78
CA LEU B 334 -2.89 -21.81 -18.72
C LEU B 334 -3.80 -21.57 -17.50
N PHE B 335 -4.84 -22.40 -17.38
CA PHE B 335 -5.54 -22.58 -16.10
C PHE B 335 -4.51 -22.92 -15.00
N SER B 336 -4.68 -22.31 -13.83
CA SER B 336 -3.90 -22.67 -12.65
C SER B 336 -4.69 -23.65 -11.77
N ARG B 337 -3.99 -24.62 -11.17
CA ARG B 337 -4.55 -25.49 -10.12
C ARG B 337 -4.58 -24.72 -8.81
N ALA B 338 -5.75 -24.22 -8.45
CA ALA B 338 -5.93 -23.48 -7.21
C ALA B 338 -7.39 -23.45 -6.79
N VAL B 339 -7.62 -23.32 -5.49
CA VAL B 339 -8.96 -22.97 -4.99
C VAL B 339 -9.13 -21.46 -5.10
N SER B 340 -10.35 -20.99 -4.82
CA SER B 340 -10.77 -19.60 -5.05
C SER B 340 -11.33 -19.45 -6.45
N LEU B 341 -11.89 -18.28 -6.71
CA LEU B 341 -12.65 -17.99 -7.91
C LEU B 341 -12.79 -16.49 -8.09
N GLY B 342 -13.24 -16.09 -9.26
CA GLY B 342 -13.52 -14.68 -9.54
C GLY B 342 -12.33 -13.81 -9.85
N ASP B 343 -11.18 -14.42 -10.13
CA ASP B 343 -9.96 -13.69 -10.51
C ASP B 343 -9.92 -13.48 -12.03
N ALA B 344 -9.09 -12.56 -12.50
CA ALA B 344 -8.79 -12.47 -13.93
C ALA B 344 -8.19 -13.78 -14.48
N GLU B 345 -7.35 -14.42 -13.69
CA GLU B 345 -6.73 -15.69 -14.03
C GLU B 345 -7.76 -16.80 -13.92
N SER B 346 -7.81 -17.66 -14.93
CA SER B 346 -8.71 -18.81 -14.91
C SER B 346 -8.17 -19.85 -13.94
N LEU B 347 -9.06 -20.45 -13.14
CA LEU B 347 -8.67 -21.42 -12.10
C LEU B 347 -9.47 -22.70 -12.20
N ALA B 348 -8.82 -23.80 -11.84
CA ALA B 348 -9.46 -25.12 -11.82
C ALA B 348 -9.14 -25.78 -10.49
N SER B 349 -10.13 -26.45 -9.92
CA SER B 349 -9.92 -27.29 -8.77
C SER B 349 -10.65 -28.59 -8.98
N HIS B 350 -10.09 -29.64 -8.41
CA HIS B 350 -10.61 -31.00 -8.55
C HIS B 350 -10.74 -31.50 -7.12
N PRO B 351 -11.88 -31.15 -6.45
CA PRO B 351 -12.02 -31.46 -5.03
C PRO B 351 -11.87 -32.93 -4.62
N ALA B 352 -11.92 -33.86 -5.59
CA ALA B 352 -11.61 -35.27 -5.35
C ALA B 352 -10.10 -35.51 -5.17
N SER B 353 -9.27 -34.54 -5.57
CA SER B 353 -7.94 -34.34 -4.96
C SER B 353 -8.03 -33.31 -3.79
N MET B 354 -9.04 -33.55 -2.94
CA MET B 354 -9.18 -33.06 -1.56
C MET B 354 -9.18 -31.56 -1.28
N THR B 355 -10.36 -31.00 -1.52
CA THR B 355 -10.84 -29.82 -0.82
C THR B 355 -12.36 -30.10 -0.57
N HIS B 356 -13.01 -29.27 0.27
CA HIS B 356 -14.32 -29.54 0.92
C HIS B 356 -14.25 -30.56 2.11
N SER B 357 -13.03 -30.88 2.57
CA SER B 357 -12.74 -31.80 3.72
C SER B 357 -13.48 -33.18 3.80
N SER B 358 -12.95 -34.17 3.05
CA SER B 358 -13.37 -35.60 3.09
C SER B 358 -12.48 -36.48 2.17
N TYR B 359 -12.31 -37.77 2.52
CA TYR B 359 -11.19 -38.60 1.99
C TYR B 359 -11.46 -39.89 1.15
N THR B 360 -12.72 -40.31 0.96
CA THR B 360 -13.02 -41.54 0.17
C THR B 360 -14.44 -41.51 -0.46
N PRO B 361 -14.73 -42.38 -1.46
CA PRO B 361 -16.12 -42.49 -1.95
C PRO B 361 -17.05 -43.14 -0.93
N GLU B 362 -18.17 -42.46 -0.62
CA GLU B 362 -19.14 -42.79 0.46
C GLU B 362 -18.98 -41.87 1.68
N GLU B 363 -17.75 -41.45 1.97
CA GLU B 363 -17.48 -40.29 2.85
C GLU B 363 -17.79 -38.99 2.10
N ARG B 364 -17.61 -39.01 0.77
CA ARG B 364 -18.19 -38.03 -0.17
C ARG B 364 -19.69 -38.28 -0.38
N ALA B 365 -20.34 -37.33 -1.06
CA ALA B 365 -21.65 -37.56 -1.66
C ALA B 365 -22.83 -37.68 -0.68
N HIS B 366 -22.69 -37.20 0.56
CA HIS B 366 -23.86 -36.99 1.43
C HIS B 366 -24.57 -35.79 0.83
N TYR B 367 -23.78 -34.74 0.60
CA TYR B 367 -24.12 -33.58 -0.21
C TYR B 367 -23.21 -33.64 -1.44
N GLY B 368 -23.69 -33.14 -2.58
CA GLY B 368 -23.25 -33.57 -3.92
C GLY B 368 -21.83 -33.40 -4.45
N ILE B 369 -20.82 -33.68 -3.62
CA ILE B 369 -19.42 -33.64 -4.03
C ILE B 369 -19.02 -35.05 -4.45
N SER B 370 -18.52 -35.18 -5.68
CA SER B 370 -18.41 -36.47 -6.38
C SER B 370 -16.96 -36.96 -6.55
N GLU B 371 -16.71 -37.77 -7.59
CA GLU B 371 -15.44 -38.48 -7.77
C GLU B 371 -14.60 -37.91 -8.91
N GLY B 372 -15.22 -37.62 -10.05
CA GLY B 372 -14.53 -36.98 -11.17
C GLY B 372 -14.96 -35.55 -11.39
N LEU B 373 -15.45 -34.89 -10.32
CA LEU B 373 -15.90 -33.51 -10.40
C LEU B 373 -14.71 -32.57 -10.40
N VAL B 374 -14.60 -31.78 -11.47
CA VAL B 374 -13.67 -30.67 -11.55
C VAL B 374 -14.50 -29.42 -11.73
N ARG B 375 -14.13 -28.35 -11.01
CA ARG B 375 -14.79 -27.07 -11.20
C ARG B 375 -13.83 -25.97 -11.69
N LEU B 376 -14.33 -25.16 -12.62
CA LEU B 376 -13.56 -24.12 -13.31
C LEU B 376 -14.11 -22.75 -12.94
N SER B 377 -13.20 -21.85 -12.55
CA SER B 377 -13.48 -20.44 -12.51
C SER B 377 -12.95 -19.85 -13.80
N VAL B 378 -13.86 -19.46 -14.68
CA VAL B 378 -13.49 -19.03 -16.01
C VAL B 378 -13.10 -17.57 -15.96
N GLY B 379 -11.86 -17.30 -16.37
CA GLY B 379 -11.24 -15.99 -16.22
C GLY B 379 -11.48 -15.07 -17.40
N LEU B 380 -10.66 -14.02 -17.48
CA LEU B 380 -10.80 -12.97 -18.46
C LEU B 380 -9.89 -13.16 -19.68
N GLU B 381 -9.19 -14.29 -19.78
CA GLU B 381 -8.28 -14.51 -20.92
C GLU B 381 -9.05 -14.66 -22.25
N ASP B 382 -8.32 -14.63 -23.36
CA ASP B 382 -8.87 -14.85 -24.70
C ASP B 382 -9.41 -16.26 -24.77
N ILE B 383 -10.67 -16.39 -25.15
CA ILE B 383 -11.36 -17.66 -25.16
C ILE B 383 -10.70 -18.75 -26.02
N ASP B 384 -10.09 -18.36 -27.13
CA ASP B 384 -9.37 -19.33 -27.98
C ASP B 384 -8.18 -19.99 -27.24
N ASP B 385 -7.45 -19.21 -26.45
CA ASP B 385 -6.40 -19.76 -25.58
C ASP B 385 -6.95 -20.72 -24.49
N LEU B 386 -8.08 -20.35 -23.89
CA LEU B 386 -8.75 -21.17 -22.85
C LEU B 386 -9.29 -22.46 -23.43
N LEU B 387 -9.98 -22.36 -24.57
CA LEU B 387 -10.42 -23.56 -25.31
C LEU B 387 -9.26 -24.51 -25.66
N ALA B 388 -8.16 -23.97 -26.18
CA ALA B 388 -6.99 -24.80 -26.52
C ALA B 388 -6.47 -25.55 -25.31
N ASP B 389 -6.39 -24.84 -24.18
CA ASP B 389 -5.88 -25.44 -22.95
C ASP B 389 -6.80 -26.55 -22.41
N VAL B 390 -8.11 -26.31 -22.39
CA VAL B 390 -9.08 -27.33 -21.97
C VAL B 390 -9.04 -28.55 -22.93
N GLN B 391 -9.01 -28.29 -24.24
CA GLN B 391 -8.92 -29.35 -25.25
C GLN B 391 -7.77 -30.34 -25.05
N GLN B 392 -6.56 -29.83 -24.88
CA GLN B 392 -5.38 -30.70 -24.73
C GLN B 392 -5.38 -31.42 -23.37
N ALA B 393 -5.95 -30.75 -22.37
CA ALA B 393 -6.16 -31.35 -21.07
C ALA B 393 -7.18 -32.49 -21.11
N LEU B 394 -8.22 -32.34 -21.93
CA LEU B 394 -9.18 -33.43 -22.14
C LEU B 394 -8.54 -34.64 -22.80
N LYS B 395 -7.64 -34.43 -23.77
CA LYS B 395 -6.93 -35.52 -24.45
C LYS B 395 -6.00 -36.28 -23.50
N ALA B 396 -5.31 -35.54 -22.64
CA ALA B 396 -4.45 -36.15 -21.61
C ALA B 396 -5.21 -36.91 -20.53
N SER B 397 -6.50 -36.61 -20.34
CA SER B 397 -7.33 -37.28 -19.34
C SER B 397 -7.68 -38.74 -19.66
N ALA B 398 -7.58 -39.14 -20.94
CA ALA B 398 -7.92 -40.50 -21.36
C ALA B 398 -6.88 -41.55 -20.91
N LEU C 7 1.00 -18.12 -30.35
CA LEU C 7 1.20 -16.80 -29.68
C LEU C 7 -0.12 -16.36 -29.02
N PRO C 8 -0.17 -16.35 -27.66
CA PRO C 8 -1.44 -16.10 -26.97
C PRO C 8 -1.99 -14.69 -27.23
N GLY C 9 -3.31 -14.52 -27.10
CA GLY C 9 -3.98 -13.28 -27.42
C GLY C 9 -3.67 -12.15 -26.47
N PHE C 10 -4.11 -10.95 -26.82
CA PHE C 10 -3.74 -9.72 -26.11
C PHE C 10 -4.17 -9.73 -24.63
N ALA C 11 -5.41 -10.15 -24.38
CA ALA C 11 -5.97 -10.23 -23.02
C ALA C 11 -5.23 -11.26 -22.20
N THR C 12 -4.92 -12.40 -22.81
CA THR C 12 -4.16 -13.43 -22.13
C THR C 12 -2.80 -12.91 -21.67
N ARG C 13 -2.10 -12.19 -22.53
CA ARG C 13 -0.76 -11.67 -22.22
C ARG C 13 -0.83 -10.54 -21.16
N ALA C 14 -1.85 -9.67 -21.28
CA ALA C 14 -2.10 -8.62 -20.28
C ALA C 14 -2.38 -9.15 -18.85
N ILE C 15 -2.76 -10.42 -18.73
CA ILE C 15 -3.00 -11.06 -17.45
C ILE C 15 -1.81 -11.89 -16.98
N HIS C 16 -1.10 -12.53 -17.90
CA HIS C 16 -0.15 -13.60 -17.57
C HIS C 16 1.30 -13.38 -17.99
N HIS C 17 1.58 -12.53 -18.97
CA HIS C 17 2.92 -12.53 -19.57
C HIS C 17 4.03 -12.24 -18.54
N GLY C 18 5.06 -13.08 -18.59
CA GLY C 18 6.26 -12.87 -17.80
C GLY C 18 6.23 -13.45 -16.41
N TYR C 19 5.13 -14.10 -16.04
CA TYR C 19 4.92 -14.57 -14.67
C TYR C 19 4.40 -16.01 -14.62
N ASP C 20 5.15 -16.86 -13.92
CA ASP C 20 4.69 -18.19 -13.56
C ASP C 20 4.59 -18.23 -12.01
N PRO C 21 3.36 -18.44 -11.46
CA PRO C 21 3.21 -18.55 -10.01
C PRO C 21 4.16 -19.55 -9.33
N GLN C 22 4.53 -20.62 -10.02
CA GLN C 22 5.45 -21.62 -9.49
C GLN C 22 6.85 -21.14 -9.12
N ASP C 23 7.24 -19.94 -9.57
CA ASP C 23 8.55 -19.36 -9.22
C ASP C 23 8.52 -18.45 -7.99
N HIS C 24 7.36 -18.29 -7.35
CA HIS C 24 7.20 -17.40 -6.21
C HIS C 24 6.27 -18.02 -5.16
N GLY C 25 6.60 -19.26 -4.80
CA GLY C 25 5.84 -20.00 -3.81
C GLY C 25 4.37 -20.20 -4.15
N GLY C 26 4.06 -20.31 -5.44
CA GLY C 26 2.69 -20.49 -5.88
C GLY C 26 1.82 -19.24 -5.88
N ALA C 27 2.36 -18.09 -5.54
CA ALA C 27 1.53 -16.89 -5.43
C ALA C 27 0.82 -16.52 -6.76
N LEU C 28 -0.50 -16.44 -6.73
CA LEU C 28 -1.27 -16.12 -7.93
C LEU C 28 -0.98 -14.71 -8.41
N VAL C 29 -0.93 -13.75 -7.50
CA VAL C 29 -0.53 -12.38 -7.82
C VAL C 29 0.95 -12.26 -7.44
N PRO C 30 1.76 -11.65 -8.32
CA PRO C 30 3.20 -11.48 -8.00
C PRO C 30 3.46 -10.72 -6.68
N PRO C 31 4.37 -11.20 -5.83
CA PRO C 31 4.65 -10.41 -4.62
C PRO C 31 5.23 -9.03 -4.95
N VAL C 32 4.93 -8.04 -4.11
CA VAL C 32 5.37 -6.67 -4.37
C VAL C 32 6.74 -6.50 -3.72
N TYR C 33 7.74 -6.20 -4.53
CA TYR C 33 9.11 -5.99 -4.05
C TYR C 33 9.31 -4.53 -3.65
N GLN C 34 8.69 -4.16 -2.53
CA GLN C 34 8.78 -2.83 -1.95
C GLN C 34 10.09 -2.78 -1.17
N THR C 35 11.20 -2.66 -1.91
CA THR C 35 12.55 -2.66 -1.33
C THR C 35 13.46 -1.77 -2.19
N ALA C 36 14.26 -0.95 -1.54
CA ALA C 36 15.18 -0.06 -2.23
C ALA C 36 16.43 -0.82 -2.71
N THR C 37 16.95 -1.71 -1.87
CA THR C 37 18.23 -2.37 -2.18
C THR C 37 18.13 -3.89 -2.11
N PHE C 38 19.10 -4.53 -2.77
CA PHE C 38 19.17 -5.99 -2.89
C PHE C 38 20.55 -6.47 -2.47
N THR C 39 20.63 -7.54 -1.66
CA THR C 39 21.92 -8.05 -1.18
C THR C 39 22.53 -9.00 -2.18
N PHE C 40 23.84 -9.24 -2.02
CA PHE C 40 24.64 -10.16 -2.83
C PHE C 40 25.20 -11.29 -1.97
N PRO C 41 25.30 -12.52 -2.52
CA PRO C 41 25.92 -13.63 -1.77
C PRO C 41 27.45 -13.53 -1.64
N THR C 42 28.12 -13.02 -2.69
CA THR C 42 29.52 -12.57 -2.62
C THR C 42 29.66 -11.15 -3.21
N VAL C 43 30.76 -10.47 -2.94
CA VAL C 43 31.04 -9.14 -3.53
C VAL C 43 31.38 -9.25 -5.02
N GLU C 44 31.97 -10.39 -5.41
CA GLU C 44 32.21 -10.71 -6.83
C GLU C 44 30.89 -10.75 -7.61
N TYR C 45 29.88 -11.38 -7.03
CA TYR C 45 28.51 -11.32 -7.58
C TYR C 45 28.00 -9.88 -7.71
N GLY C 46 28.21 -9.08 -6.66
CA GLY C 46 27.83 -7.67 -6.66
C GLY C 46 28.54 -6.84 -7.73
N ALA C 47 29.86 -6.96 -7.80
CA ALA C 47 30.66 -6.31 -8.87
C ALA C 47 30.12 -6.65 -10.26
N ALA C 48 29.88 -7.94 -10.49
CA ALA C 48 29.31 -8.42 -11.75
C ALA C 48 27.95 -7.77 -12.08
N CYS C 49 27.09 -7.59 -11.07
CA CYS C 49 25.81 -6.88 -11.27
C CYS C 49 26.00 -5.45 -11.77
N PHE C 50 26.95 -4.72 -11.18
CA PHE C 50 27.27 -3.35 -11.60
C PHE C 50 27.92 -3.31 -12.99
N ALA C 51 28.83 -4.24 -13.24
CA ALA C 51 29.49 -4.37 -14.56
C ALA C 51 28.55 -4.75 -15.73
N GLY C 52 27.40 -5.37 -15.43
CA GLY C 52 26.45 -5.83 -16.44
C GLY C 52 26.57 -7.30 -16.85
N GLU C 53 27.69 -7.94 -16.51
CA GLU C 53 28.02 -9.31 -16.98
C GLU C 53 27.26 -10.48 -16.30
N GLN C 54 26.33 -10.18 -15.38
CA GLN C 54 25.48 -11.20 -14.76
C GLN C 54 24.11 -10.62 -14.37
N ALA C 55 23.07 -11.45 -14.46
CA ALA C 55 21.69 -11.05 -14.07
C ALA C 55 21.53 -10.91 -12.54
N GLY C 56 20.37 -10.42 -12.13
CA GLY C 56 20.11 -10.10 -10.73
C GLY C 56 19.87 -8.61 -10.53
N HIS C 57 19.78 -8.21 -9.26
CA HIS C 57 19.39 -6.86 -8.89
C HIS C 57 20.29 -6.30 -7.81
N PHE C 58 20.43 -4.98 -7.80
CA PHE C 58 21.22 -4.30 -6.76
C PHE C 58 20.53 -3.08 -6.15
N TYR C 59 19.85 -2.29 -6.97
CA TYR C 59 19.24 -1.06 -6.49
C TYR C 59 18.03 -0.69 -7.35
N SER C 60 16.90 -0.45 -6.70
CA SER C 60 15.62 -0.25 -7.38
C SER C 60 15.51 0.97 -8.31
N ARG C 61 16.33 2.01 -8.11
CA ARG C 61 16.41 3.12 -9.09
C ARG C 61 16.86 2.61 -10.49
N ILE C 62 17.80 1.66 -10.51
CA ILE C 62 18.26 1.03 -11.75
C ILE C 62 17.28 -0.05 -12.22
N SER C 63 16.92 -0.98 -11.31
CA SER C 63 16.10 -2.14 -11.68
C SER C 63 15.49 -2.84 -10.45
N ASN C 64 14.23 -3.26 -10.58
CA ASN C 64 13.45 -3.91 -9.51
C ASN C 64 12.52 -4.98 -10.11
N PRO C 65 12.49 -6.20 -9.53
CA PRO C 65 11.69 -7.29 -10.14
C PRO C 65 10.20 -6.99 -10.39
N THR C 66 9.56 -6.23 -9.51
CA THR C 66 8.16 -5.85 -9.76
C THR C 66 8.10 -4.92 -10.97
N LEU C 67 8.99 -3.95 -11.06
CA LEU C 67 9.06 -3.09 -12.25
C LEU C 67 9.41 -3.92 -13.51
N ASN C 68 10.28 -4.91 -13.39
CA ASN C 68 10.65 -5.76 -14.53
C ASN C 68 9.46 -6.51 -15.12
N LEU C 69 8.58 -7.03 -14.29
CA LEU C 69 7.39 -7.72 -14.79
C LEU C 69 6.49 -6.77 -15.59
N LEU C 70 6.17 -5.63 -15.01
CA LEU C 70 5.43 -4.58 -15.70
C LEU C 70 6.09 -4.23 -17.05
N GLU C 71 7.40 -4.04 -17.00
CA GLU C 71 8.19 -3.68 -18.18
C GLU C 71 8.07 -4.74 -19.30
N ALA C 72 8.43 -5.98 -18.96
CA ALA C 72 8.32 -7.12 -19.89
C ALA C 72 6.91 -7.28 -20.43
N ARG C 73 5.92 -7.13 -19.56
CA ARG C 73 4.52 -7.24 -19.94
C ARG C 73 4.10 -6.15 -20.91
N MET C 74 4.49 -4.91 -20.64
CA MET C 74 4.21 -3.79 -21.55
C MET C 74 4.94 -3.97 -22.90
N ALA C 75 6.13 -4.55 -22.88
CA ALA C 75 6.89 -4.83 -24.10
C ALA C 75 6.17 -5.83 -25.00
N SER C 76 5.61 -6.87 -24.40
CA SER C 76 4.78 -7.84 -25.12
C SER C 76 3.57 -7.18 -25.75
N LEU C 77 2.85 -6.37 -25.00
CA LEU C 77 1.65 -5.73 -25.52
C LEU C 77 1.96 -4.83 -26.72
N GLU C 78 2.99 -4.00 -26.59
CA GLU C 78 3.43 -3.09 -27.66
C GLU C 78 4.17 -3.77 -28.82
N GLY C 79 4.60 -5.02 -28.66
CA GLY C 79 5.39 -5.74 -29.66
C GLY C 79 6.87 -5.33 -29.69
N GLY C 80 7.39 -4.89 -28.55
CA GLY C 80 8.77 -4.45 -28.43
C GLY C 80 9.63 -5.47 -27.71
N GLU C 81 10.94 -5.30 -27.83
CA GLU C 81 11.92 -6.16 -27.18
C GLU C 81 12.04 -5.88 -25.67
N ALA C 82 11.94 -4.61 -25.27
CA ALA C 82 12.17 -4.24 -23.86
C ALA C 82 11.33 -3.07 -23.41
N GLY C 83 11.10 -3.03 -22.09
CA GLY C 83 10.30 -1.99 -21.46
C GLY C 83 11.07 -1.36 -20.31
N LEU C 84 10.67 -0.14 -19.97
CA LEU C 84 11.15 0.56 -18.79
C LEU C 84 9.97 1.30 -18.12
N ALA C 85 9.91 1.21 -16.79
CA ALA C 85 8.88 1.87 -15.99
C ALA C 85 9.46 3.08 -15.24
N LEU C 86 8.70 4.18 -15.23
CA LEU C 86 9.16 5.44 -14.65
C LEU C 86 8.07 6.07 -13.82
N ALA C 87 8.45 7.05 -13.02
CA ALA C 87 7.54 7.72 -12.05
C ALA C 87 6.39 8.51 -12.68
N SER C 88 6.53 8.88 -13.95
CA SER C 88 5.47 9.59 -14.67
C SER C 88 5.72 9.56 -16.18
N GLY C 89 4.68 9.93 -16.93
CA GLY C 89 4.82 10.13 -18.37
C GLY C 89 5.98 11.04 -18.72
N MET C 90 6.02 12.20 -18.07
CA MET C 90 7.11 13.15 -18.25
C MET C 90 8.46 12.55 -17.89
N GLY C 91 8.45 11.62 -16.93
CA GLY C 91 9.61 10.83 -16.60
C GLY C 91 10.10 9.99 -17.77
N ALA C 92 9.16 9.32 -18.43
CA ALA C 92 9.42 8.52 -19.63
C ALA C 92 9.97 9.37 -20.77
N ILE C 93 9.32 10.50 -21.05
CA ILE C 93 9.66 11.41 -22.15
C ILE C 93 11.03 12.05 -21.94
N THR C 94 11.21 12.70 -20.79
CA THR C 94 12.47 13.37 -20.49
C THR C 94 13.63 12.38 -20.40
N SER C 95 13.39 11.20 -19.80
CA SER C 95 14.46 10.22 -19.64
C SER C 95 14.89 9.76 -21.03
N THR C 96 13.92 9.56 -21.92
CA THR C 96 14.19 9.13 -23.28
C THR C 96 15.00 10.19 -24.05
N LEU C 97 14.50 11.43 -24.07
CA LEU C 97 15.11 12.51 -24.84
C LEU C 97 16.45 13.04 -24.28
N TRP C 98 16.62 13.07 -22.95
CA TRP C 98 17.91 13.43 -22.35
C TRP C 98 19.04 12.51 -22.75
N THR C 99 18.75 11.26 -23.12
CA THR C 99 19.83 10.29 -23.46
C THR C 99 20.08 10.18 -24.96
N LEU C 100 19.08 10.49 -25.77
CA LEU C 100 19.22 10.42 -27.22
C LEU C 100 19.82 11.68 -27.84
N LEU C 101 19.71 12.83 -27.15
CA LEU C 101 20.08 14.13 -27.70
C LEU C 101 21.27 14.75 -27.00
N ARG C 102 22.00 15.57 -27.74
CA ARG C 102 23.15 16.33 -27.25
C ARG C 102 23.18 17.69 -27.97
N PRO C 103 24.02 18.64 -27.50
CA PRO C 103 24.02 19.96 -28.17
C PRO C 103 24.45 19.89 -29.64
N GLY C 104 23.74 20.62 -30.49
CA GLY C 104 23.93 20.56 -31.94
C GLY C 104 23.12 19.51 -32.68
N ASP C 105 22.51 18.55 -31.97
CA ASP C 105 21.53 17.64 -32.56
C ASP C 105 20.24 18.42 -32.76
N GLU C 106 19.44 17.94 -33.69
CA GLU C 106 18.14 18.51 -34.00
C GLU C 106 17.08 17.47 -33.69
N VAL C 107 15.88 17.95 -33.34
CA VAL C 107 14.71 17.09 -33.17
C VAL C 107 13.48 17.71 -33.87
N LEU C 108 12.87 16.93 -34.76
CA LEU C 108 11.66 17.35 -35.46
C LEU C 108 10.45 16.91 -34.65
N LEU C 109 9.59 17.88 -34.33
CA LEU C 109 8.43 17.66 -33.48
C LEU C 109 7.15 17.70 -34.29
N GLY C 110 6.10 17.02 -33.79
CA GLY C 110 4.73 17.17 -34.30
C GLY C 110 4.24 18.59 -34.08
N ASN C 111 3.20 18.98 -34.80
CA ASN C 111 2.65 20.35 -34.70
C ASN C 111 2.09 20.65 -33.31
N THR C 112 1.34 19.71 -32.76
CA THR C 112 0.70 19.92 -31.47
C THR C 112 1.29 18.92 -30.48
N LEU C 113 1.58 19.41 -29.28
CA LEU C 113 2.14 18.59 -28.20
C LEU C 113 1.48 18.90 -26.87
N TYR C 114 1.56 17.93 -25.97
CA TYR C 114 1.10 18.07 -24.61
C TYR C 114 1.90 19.21 -23.93
N GLY C 115 1.20 20.06 -23.18
CA GLY C 115 1.79 21.25 -22.53
C GLY C 115 3.21 21.11 -21.97
N CYS C 116 3.38 20.19 -21.02
CA CYS C 116 4.69 20.01 -20.37
C CYS C 116 5.76 19.40 -21.28
N THR C 117 5.34 18.62 -22.29
CA THR C 117 6.29 18.17 -23.31
C THR C 117 6.81 19.36 -24.13
N PHE C 118 5.87 20.24 -24.52
CA PHE C 118 6.21 21.46 -25.24
C PHE C 118 7.12 22.33 -24.39
N ALA C 119 6.71 22.57 -23.14
CA ALA C 119 7.50 23.36 -22.18
C ALA C 119 8.88 22.75 -21.93
N PHE C 120 8.95 21.44 -21.80
CA PHE C 120 10.23 20.75 -21.67
C PHE C 120 11.10 20.98 -22.88
N LEU C 121 10.51 20.85 -24.07
CA LEU C 121 11.26 20.93 -25.32
C LEU C 121 11.80 22.34 -25.54
N HIS C 122 10.92 23.35 -25.44
CA HIS C 122 11.31 24.76 -25.71
C HIS C 122 12.07 25.44 -24.57
N HIS C 123 11.53 25.37 -23.35
CA HIS C 123 12.14 26.00 -22.17
C HIS C 123 13.10 25.11 -21.35
N GLY C 124 13.18 23.83 -21.68
CA GLY C 124 14.10 22.90 -21.01
C GLY C 124 15.27 22.50 -21.89
N ILE C 125 15.17 21.35 -22.54
CA ILE C 125 16.29 20.81 -23.33
C ILE C 125 16.68 21.71 -24.51
N GLY C 126 15.69 22.41 -25.08
CA GLY C 126 15.95 23.44 -26.10
C GLY C 126 16.91 24.53 -25.67
N GLU C 127 16.84 24.95 -24.40
CA GLU C 127 17.77 25.95 -23.86
C GLU C 127 19.17 25.39 -23.49
N PHE C 128 19.41 24.12 -23.79
CA PHE C 128 20.73 23.48 -23.58
C PHE C 128 21.39 23.08 -24.93
N GLY C 129 21.20 23.91 -25.96
CA GLY C 129 21.85 23.71 -27.26
C GLY C 129 21.23 22.70 -28.22
N VAL C 130 19.99 22.31 -28.01
CA VAL C 130 19.31 21.37 -28.90
C VAL C 130 18.34 22.16 -29.77
N LYS C 131 18.33 21.85 -31.07
CA LYS C 131 17.48 22.55 -32.05
C LYS C 131 16.11 21.88 -32.18
N LEU C 132 15.06 22.70 -32.10
CA LEU C 132 13.68 22.25 -32.34
C LEU C 132 13.18 22.76 -33.68
N ARG C 133 12.34 21.97 -34.34
CA ARG C 133 11.56 22.46 -35.48
C ARG C 133 10.27 21.65 -35.57
N HIS C 134 9.15 22.34 -35.76
CA HIS C 134 7.82 21.73 -35.80
C HIS C 134 7.33 21.47 -37.23
N VAL C 135 7.02 20.21 -37.55
CA VAL C 135 6.52 19.82 -38.87
C VAL C 135 5.19 19.06 -38.74
N ASP C 136 4.29 19.27 -39.70
CA ASP C 136 3.08 18.42 -39.80
C ASP C 136 3.48 16.98 -40.14
N MET C 137 3.20 16.04 -39.25
CA MET C 137 3.64 14.64 -39.40
C MET C 137 2.64 13.76 -40.20
N ALA C 138 1.58 14.38 -40.72
CA ALA C 138 0.73 13.79 -41.76
C ALA C 138 1.24 14.14 -43.20
N ASP C 139 2.06 15.19 -43.29
CA ASP C 139 2.60 15.73 -44.55
C ASP C 139 4.04 15.25 -44.77
N LEU C 140 4.18 14.14 -45.48
CA LEU C 140 5.49 13.49 -45.71
C LEU C 140 6.41 14.32 -46.59
N GLN C 141 5.84 15.18 -47.42
CA GLN C 141 6.61 16.07 -48.30
C GLN C 141 7.34 17.12 -47.47
N ALA C 142 6.60 17.77 -46.58
CA ALA C 142 7.17 18.74 -45.62
C ALA C 142 8.22 18.12 -44.69
N LEU C 143 7.95 16.91 -44.17
CA LEU C 143 8.89 16.23 -43.28
C LEU C 143 10.22 15.98 -43.97
N GLU C 144 10.17 15.39 -45.17
CA GLU C 144 11.37 15.16 -46.02
C GLU C 144 12.21 16.44 -46.22
N ALA C 145 11.55 17.57 -46.44
CA ALA C 145 12.22 18.87 -46.66
C ALA C 145 12.75 19.54 -45.38
N ALA C 146 12.38 19.02 -44.21
CA ALA C 146 12.94 19.46 -42.92
C ALA C 146 14.14 18.62 -42.46
N MET C 147 14.29 17.41 -42.98
CA MET C 147 15.38 16.51 -42.56
C MET C 147 16.78 17.04 -42.90
N THR C 148 17.45 17.63 -41.91
CA THR C 148 18.87 18.04 -42.03
C THR C 148 19.74 16.85 -41.57
N PRO C 149 21.06 16.87 -41.86
CA PRO C 149 21.93 15.78 -41.32
C PRO C 149 22.19 15.86 -39.79
N ALA C 150 21.83 16.98 -39.15
CA ALA C 150 21.80 17.08 -37.70
C ALA C 150 20.57 16.39 -37.06
N THR C 151 19.53 16.10 -37.85
CA THR C 151 18.31 15.43 -37.36
C THR C 151 18.60 14.04 -36.78
N ARG C 152 18.50 13.95 -35.45
CA ARG C 152 18.76 12.71 -34.71
C ARG C 152 17.47 12.05 -34.20
N VAL C 153 16.44 12.84 -33.90
CA VAL C 153 15.20 12.33 -33.30
C VAL C 153 13.96 12.95 -33.93
N ILE C 154 12.92 12.12 -34.10
CA ILE C 154 11.58 12.56 -34.53
C ILE C 154 10.58 12.19 -33.43
N TYR C 155 9.93 13.18 -32.85
CA TYR C 155 9.02 12.97 -31.73
C TYR C 155 7.63 13.52 -32.04
N PHE C 156 6.59 12.72 -31.79
CA PHE C 156 5.21 13.20 -31.91
C PHE C 156 4.21 12.34 -31.15
N GLU C 157 3.05 12.93 -30.87
CA GLU C 157 1.86 12.19 -30.42
C GLU C 157 0.99 11.89 -31.63
N SER C 158 0.35 10.72 -31.65
CA SER C 158 -0.74 10.45 -32.61
C SER C 158 -1.78 9.52 -31.96
N PRO C 159 -3.03 9.98 -31.81
CA PRO C 159 -3.59 11.32 -32.04
C PRO C 159 -3.01 12.36 -31.10
N ALA C 160 -2.94 13.61 -31.54
CA ALA C 160 -2.40 14.70 -30.73
C ALA C 160 -3.33 15.34 -29.72
N ASN C 161 -2.76 15.79 -28.61
CA ASN C 161 -3.45 16.39 -27.50
C ASN C 161 -3.38 17.88 -27.53
N PRO C 162 -4.53 18.65 -27.60
CA PRO C 162 -5.82 17.96 -27.60
C PRO C 162 -6.70 18.00 -28.86
N ASN C 163 -6.21 18.34 -30.03
CA ASN C 163 -7.04 18.43 -31.24
C ASN C 163 -7.32 17.18 -32.08
N MET C 164 -6.66 16.09 -31.76
CA MET C 164 -6.73 14.76 -32.42
C MET C 164 -6.02 14.64 -33.77
N HIS C 165 -4.94 15.39 -33.97
CA HIS C 165 -4.22 15.33 -35.25
C HIS C 165 -3.44 14.01 -35.35
N MET C 166 -3.66 13.26 -36.44
CA MET C 166 -2.94 12.01 -36.69
C MET C 166 -1.63 12.27 -37.42
N ALA C 167 -0.71 11.33 -37.26
CA ALA C 167 0.53 11.32 -38.00
C ALA C 167 0.58 10.02 -38.77
N ASP C 168 1.36 10.00 -39.84
CA ASP C 168 1.49 8.83 -40.70
C ASP C 168 2.70 8.05 -40.22
N ILE C 169 2.50 7.18 -39.24
CA ILE C 169 3.62 6.58 -38.52
C ILE C 169 4.53 5.78 -39.45
N ALA C 170 3.96 4.98 -40.33
CA ALA C 170 4.76 4.21 -41.31
C ALA C 170 5.42 5.12 -42.34
N GLY C 171 4.76 6.23 -42.70
CA GLY C 171 5.31 7.25 -43.60
C GLY C 171 6.54 7.94 -43.03
N VAL C 172 6.43 8.34 -41.77
CA VAL C 172 7.51 9.00 -41.04
C VAL C 172 8.68 8.04 -40.83
N ALA C 173 8.42 6.80 -40.43
CA ALA C 173 9.49 5.82 -40.16
C ALA C 173 10.29 5.47 -41.39
N LYS C 174 9.60 5.39 -42.53
CA LYS C 174 10.20 5.24 -43.86
C LYS C 174 11.29 6.28 -44.07
N ILE C 175 10.92 7.55 -43.90
CA ILE C 175 11.83 8.68 -44.04
C ILE C 175 12.97 8.63 -43.03
N ALA C 176 12.63 8.34 -41.77
CA ALA C 176 13.63 8.28 -40.69
C ALA C 176 14.66 7.17 -40.87
N ARG C 177 14.24 6.03 -41.43
CA ARG C 177 15.17 4.93 -41.73
C ARG C 177 16.23 5.33 -42.79
N LYS C 178 15.84 6.17 -43.77
CA LYS C 178 16.76 6.67 -44.80
C LYS C 178 17.83 7.63 -44.25
N HIS C 179 17.45 8.46 -43.29
CA HIS C 179 18.33 9.50 -42.71
C HIS C 179 18.95 9.12 -41.36
N GLY C 180 18.70 7.91 -40.85
CA GLY C 180 19.22 7.47 -39.54
C GLY C 180 18.67 8.15 -38.29
N ALA C 181 17.43 8.65 -38.36
CA ALA C 181 16.75 9.27 -37.21
C ALA C 181 15.99 8.23 -36.38
N THR C 182 15.92 8.49 -35.08
CA THR C 182 15.17 7.66 -34.13
C THR C 182 13.75 8.25 -34.01
N VAL C 183 12.74 7.41 -34.21
CA VAL C 183 11.34 7.85 -34.15
C VAL C 183 10.72 7.43 -32.81
N VAL C 184 10.18 8.42 -32.11
CA VAL C 184 9.60 8.26 -30.79
C VAL C 184 8.15 8.71 -30.81
N VAL C 185 7.25 7.81 -30.43
CA VAL C 185 5.81 8.07 -30.50
C VAL C 185 5.16 7.96 -29.12
N ASP C 186 4.49 9.03 -28.74
CA ASP C 186 3.75 9.07 -27.51
C ASP C 186 2.42 8.42 -27.82
N ASN C 187 2.26 7.17 -27.36
CA ASN C 187 1.07 6.34 -27.60
C ASN C 187 0.07 6.31 -26.42
N THR C 188 0.03 7.41 -25.66
CA THR C 188 -0.78 7.48 -24.44
C THR C 188 -2.28 7.31 -24.72
N TYR C 189 -2.79 8.07 -25.68
CA TYR C 189 -4.24 8.11 -26.00
C TYR C 189 -4.83 6.80 -26.49
N CYS C 190 -4.07 6.02 -27.24
CA CYS C 190 -4.57 4.79 -27.86
C CYS C 190 -4.35 3.56 -27.00
N THR C 191 -3.14 3.43 -26.45
CA THR C 191 -2.65 2.26 -25.69
C THR C 191 -2.30 1.17 -26.67
N PRO C 192 -1.46 0.21 -26.25
CA PRO C 192 -1.11 -0.88 -27.17
C PRO C 192 -2.34 -1.68 -27.66
N TYR C 193 -3.45 -1.60 -26.94
CA TYR C 193 -4.65 -2.30 -27.34
C TYR C 193 -5.26 -1.76 -28.65
N LEU C 194 -5.12 -0.46 -28.88
CA LEU C 194 -5.67 0.17 -30.08
C LEU C 194 -4.66 0.46 -31.19
N GLN C 195 -3.44 0.86 -30.83
CA GLN C 195 -2.42 1.24 -31.81
C GLN C 195 -1.09 0.78 -31.30
N ARG C 196 -0.28 0.18 -32.17
CA ARG C 196 1.07 -0.25 -31.83
C ARG C 196 2.10 0.37 -32.79
N PRO C 197 2.60 1.57 -32.45
CA PRO C 197 3.55 2.25 -33.35
C PRO C 197 4.86 1.53 -33.69
N LEU C 198 5.32 0.61 -32.84
CA LEU C 198 6.56 -0.15 -33.16
C LEU C 198 6.39 -1.06 -34.38
N GLU C 199 5.17 -1.59 -34.54
CA GLU C 199 4.81 -2.47 -35.67
C GLU C 199 4.61 -1.68 -36.98
N LEU C 200 4.40 -0.37 -36.85
CA LEU C 200 4.39 0.56 -37.99
C LEU C 200 5.75 1.26 -38.21
N GLY C 201 6.83 0.73 -37.61
CA GLY C 201 8.18 1.27 -37.81
C GLY C 201 8.77 2.23 -36.78
N ALA C 202 8.01 2.64 -35.75
CA ALA C 202 8.62 3.45 -34.67
C ALA C 202 9.72 2.67 -33.91
N ASP C 203 10.68 3.42 -33.37
CA ASP C 203 11.81 2.84 -32.63
C ASP C 203 11.54 2.74 -31.13
N LEU C 204 10.80 3.74 -30.61
CA LEU C 204 10.43 3.85 -29.22
C LEU C 204 8.98 4.33 -29.10
N VAL C 205 8.27 3.81 -28.10
CA VAL C 205 6.99 4.39 -27.68
C VAL C 205 7.09 4.79 -26.22
N VAL C 206 6.43 5.89 -25.88
CA VAL C 206 6.36 6.37 -24.52
C VAL C 206 4.87 6.49 -24.16
N HIS C 207 4.56 6.26 -22.87
CA HIS C 207 3.20 6.39 -22.35
C HIS C 207 3.19 7.19 -21.07
N SER C 208 2.14 7.97 -20.89
CA SER C 208 1.72 8.35 -19.55
C SER C 208 0.84 7.21 -19.09
N ALA C 209 1.40 6.30 -18.29
CA ALA C 209 0.64 5.17 -17.72
C ALA C 209 -0.33 5.64 -16.66
N THR C 210 -0.14 6.88 -16.20
CA THR C 210 -1.13 7.64 -15.43
C THR C 210 -2.56 7.54 -16.00
N LYS C 211 -2.68 7.41 -17.32
CA LYS C 211 -3.97 7.54 -18.00
C LYS C 211 -4.69 6.19 -18.19
N TYR C 212 -4.85 5.70 -19.42
CA TYR C 212 -5.66 4.50 -19.69
C TYR C 212 -5.05 3.21 -19.10
N LEU C 213 -3.73 3.10 -19.06
CA LEU C 213 -3.11 1.85 -18.65
C LEU C 213 -3.38 1.54 -17.18
N SER C 214 -3.27 2.56 -16.31
CA SER C 214 -3.73 2.42 -14.92
C SER C 214 -5.25 2.31 -14.90
N GLY C 215 -5.90 3.26 -15.55
CA GLY C 215 -7.35 3.22 -15.72
C GLY C 215 -8.20 3.79 -14.59
N HIS C 216 -7.64 3.93 -13.39
CA HIS C 216 -8.42 4.23 -12.18
C HIS C 216 -7.98 5.50 -11.45
N GLY C 217 -7.12 6.29 -12.07
CA GLY C 217 -6.71 7.60 -11.55
C GLY C 217 -5.95 7.68 -10.25
N ASP C 218 -5.36 6.58 -9.81
CA ASP C 218 -4.77 6.52 -8.48
C ASP C 218 -3.24 6.49 -8.46
N ILE C 219 -2.61 6.35 -9.62
CA ILE C 219 -1.16 6.40 -9.70
C ILE C 219 -0.70 7.39 -10.78
N THR C 220 0.53 7.88 -10.62
CA THR C 220 1.24 8.59 -11.64
C THR C 220 2.38 7.67 -12.09
N ALA C 221 2.54 7.49 -13.40
CA ALA C 221 3.50 6.51 -13.94
C ALA C 221 3.78 6.71 -15.42
N GLY C 222 4.95 6.23 -15.84
CA GLY C 222 5.44 6.32 -17.22
C GLY C 222 6.01 4.99 -17.70
N ILE C 223 5.91 4.76 -19.00
CA ILE C 223 6.48 3.57 -19.62
C ILE C 223 7.25 3.97 -20.88
N VAL C 224 8.38 3.31 -21.12
CA VAL C 224 9.09 3.38 -22.37
C VAL C 224 9.17 1.97 -22.92
N VAL C 225 8.87 1.78 -24.20
CA VAL C 225 9.07 0.49 -24.87
C VAL C 225 9.76 0.69 -26.22
N GLY C 226 10.72 -0.17 -26.51
CA GLY C 226 11.38 -0.19 -27.81
C GLY C 226 12.41 -1.31 -27.83
N SER C 227 13.50 -1.09 -28.57
CA SER C 227 14.56 -2.08 -28.67
C SER C 227 15.35 -2.22 -27.37
N GLN C 228 15.94 -3.39 -27.14
CA GLN C 228 16.83 -3.60 -26.00
C GLN C 228 17.93 -2.51 -25.90
N ALA C 229 18.62 -2.24 -27.01
CA ALA C 229 19.79 -1.35 -26.98
C ALA C 229 19.42 0.10 -26.65
N LEU C 230 18.28 0.59 -27.14
CA LEU C 230 17.82 1.94 -26.78
C LEU C 230 17.32 2.01 -25.32
N VAL C 231 16.51 1.03 -24.92
CA VAL C 231 15.99 0.99 -23.55
C VAL C 231 17.16 0.87 -22.54
N ASP C 232 18.11 -0.01 -22.80
CA ASP C 232 19.27 -0.13 -21.91
C ASP C 232 19.97 1.21 -21.69
N ARG C 233 20.10 2.00 -22.76
CA ARG C 233 20.72 3.32 -22.67
C ARG C 233 19.88 4.31 -21.85
N ILE C 234 18.56 4.28 -22.06
CA ILE C 234 17.64 5.17 -21.35
C ILE C 234 17.53 4.83 -19.85
N ARG C 235 17.53 3.54 -19.54
CA ARG C 235 17.59 3.07 -18.16
C ARG C 235 18.89 3.54 -17.49
N LEU C 236 20.04 3.23 -18.11
CA LEU C 236 21.35 3.46 -17.50
C LEU C 236 21.86 4.91 -17.56
N GLN C 237 21.22 5.78 -18.35
CA GLN C 237 21.64 7.19 -18.42
C GLN C 237 20.49 8.08 -18.00
N GLY C 238 19.44 8.13 -18.81
CA GLY C 238 18.30 9.01 -18.57
C GLY C 238 17.69 8.87 -17.19
N LEU C 239 17.34 7.65 -16.83
CA LEU C 239 16.70 7.37 -15.53
C LEU C 239 17.72 7.38 -14.40
N LYS C 240 18.77 6.59 -14.54
CA LYS C 240 19.76 6.44 -13.47
C LYS C 240 20.40 7.76 -13.07
N ASP C 241 20.84 8.55 -14.06
CA ASP C 241 21.67 9.73 -13.84
C ASP C 241 20.97 11.07 -14.05
N MET C 242 20.00 11.15 -14.96
CA MET C 242 19.52 12.45 -15.43
C MET C 242 18.12 12.89 -14.99
N THR C 243 17.32 11.96 -14.51
CA THR C 243 15.99 12.28 -14.00
C THR C 243 15.69 11.67 -12.62
N GLY C 244 16.17 10.45 -12.37
CA GLY C 244 15.81 9.73 -11.15
C GLY C 244 14.31 9.55 -11.01
N ALA C 245 13.60 9.40 -12.14
CA ALA C 245 12.13 9.24 -12.14
C ALA C 245 11.73 7.79 -11.84
N VAL C 246 11.99 7.36 -10.61
CA VAL C 246 11.82 5.97 -10.21
C VAL C 246 10.38 5.68 -9.84
N LEU C 247 9.80 4.62 -10.42
CA LEU C 247 8.43 4.21 -10.08
C LEU C 247 8.46 3.35 -8.81
N SER C 248 7.52 3.61 -7.92
CA SER C 248 7.31 2.80 -6.72
C SER C 248 6.81 1.43 -7.11
N PRO C 249 7.39 0.38 -6.49
CA PRO C 249 6.86 -0.97 -6.72
C PRO C 249 5.36 -1.10 -6.43
N HIS C 250 4.89 -0.46 -5.34
CA HIS C 250 3.46 -0.36 -5.03
C HIS C 250 2.62 0.15 -6.20
N ASP C 251 3.05 1.26 -6.80
CA ASP C 251 2.37 1.85 -7.96
C ASP C 251 2.46 0.96 -9.20
N ALA C 252 3.57 0.25 -9.36
CA ALA C 252 3.74 -0.67 -10.47
C ALA C 252 2.80 -1.86 -10.36
N ALA C 253 2.55 -2.34 -9.14
CA ALA C 253 1.58 -3.43 -8.92
C ALA C 253 0.12 -2.97 -9.20
N LEU C 254 -0.22 -1.74 -8.79
CA LEU C 254 -1.49 -1.14 -9.20
C LEU C 254 -1.61 -0.97 -10.72
N LEU C 255 -0.50 -0.61 -11.38
CA LEU C 255 -0.50 -0.45 -12.83
C LEU C 255 -0.72 -1.80 -13.49
N MET C 256 0.03 -2.83 -13.09
CA MET C 256 -0.22 -4.21 -13.57
C MET C 256 -1.68 -4.64 -13.34
N ARG C 257 -2.22 -4.35 -12.16
CA ARG C 257 -3.64 -4.62 -11.86
C ARG C 257 -4.57 -3.93 -12.88
N GLY C 258 -4.29 -2.67 -13.18
CA GLY C 258 -5.09 -1.94 -14.18
C GLY C 258 -5.02 -2.53 -15.59
N ILE C 259 -3.81 -2.87 -16.00
CA ILE C 259 -3.56 -3.42 -17.31
C ILE C 259 -4.37 -4.70 -17.53
N LYS C 260 -4.63 -5.46 -16.47
CA LYS C 260 -5.43 -6.69 -16.60
C LYS C 260 -6.85 -6.53 -17.14
N THR C 261 -7.42 -5.33 -17.10
CA THR C 261 -8.72 -5.03 -17.69
C THR C 261 -8.67 -4.00 -18.84
N LEU C 262 -7.48 -3.76 -19.38
CA LEU C 262 -7.30 -2.70 -20.41
C LEU C 262 -8.24 -2.90 -21.61
N ASN C 263 -8.24 -4.12 -22.15
CA ASN C 263 -9.09 -4.45 -23.29
C ASN C 263 -10.59 -4.19 -23.07
N LEU C 264 -11.09 -4.55 -21.89
CA LEU C 264 -12.51 -4.39 -21.57
C LEU C 264 -12.83 -2.93 -21.34
N ARG C 265 -11.94 -2.25 -20.64
CA ARG C 265 -12.07 -0.83 -20.36
C ARG C 265 -12.03 0.00 -21.65
N MET C 266 -11.06 -0.28 -22.51
CA MET C 266 -10.94 0.45 -23.78
C MET C 266 -12.18 0.24 -24.67
N ASP C 267 -12.65 -1.00 -24.82
CA ASP C 267 -13.93 -1.27 -25.50
C ASP C 267 -15.06 -0.36 -25.01
N ARG C 268 -15.18 -0.17 -23.69
CA ARG C 268 -16.33 0.58 -23.15
C ARG C 268 -16.13 2.08 -23.33
N HIS C 269 -14.90 2.56 -23.07
CA HIS C 269 -14.52 3.94 -23.41
C HIS C 269 -14.90 4.28 -24.86
N CYS C 270 -14.53 3.39 -25.79
CA CYS C 270 -14.73 3.60 -27.21
C CYS C 270 -16.22 3.62 -27.59
N ALA C 271 -16.95 2.60 -27.12
CA ALA C 271 -18.40 2.51 -27.30
C ALA C 271 -19.12 3.75 -26.74
N ASN C 272 -18.82 4.13 -25.51
CA ASN C 272 -19.41 5.33 -24.91
C ASN C 272 -19.09 6.62 -25.67
N ALA C 273 -17.84 6.74 -26.12
CA ALA C 273 -17.39 7.95 -26.80
C ALA C 273 -18.00 8.07 -28.20
N GLN C 274 -18.24 6.93 -28.85
CA GLN C 274 -18.87 6.90 -30.17
C GLN C 274 -20.28 7.47 -30.10
N VAL C 275 -21.07 6.95 -29.17
CA VAL C 275 -22.45 7.40 -28.97
C VAL C 275 -22.48 8.90 -28.65
N LEU C 276 -21.55 9.34 -27.81
CA LEU C 276 -21.52 10.73 -27.36
C LEU C 276 -21.06 11.67 -28.47
N ALA C 277 -20.12 11.22 -29.30
CA ALA C 277 -19.61 12.01 -30.42
C ALA C 277 -20.74 12.22 -31.44
N GLU C 278 -21.37 11.12 -31.85
CA GLU C 278 -22.51 11.14 -32.78
C GLU C 278 -23.63 12.05 -32.29
N PHE C 279 -23.90 12.00 -30.99
CA PHE C 279 -24.86 12.92 -30.36
C PHE C 279 -24.42 14.37 -30.52
N LEU C 280 -23.16 14.67 -30.20
CA LEU C 280 -22.67 16.05 -30.26
C LEU C 280 -22.63 16.64 -31.68
N ALA C 281 -22.41 15.79 -32.68
CA ALA C 281 -22.51 16.20 -34.10
C ALA C 281 -23.90 16.77 -34.43
N ARG C 282 -24.96 16.10 -33.98
CA ARG C 282 -26.36 16.48 -34.27
C ARG C 282 -26.90 17.71 -33.52
N GLN C 283 -26.13 18.31 -32.61
CA GLN C 283 -26.63 19.41 -31.78
C GLN C 283 -26.31 20.77 -32.40
N PRO C 284 -27.28 21.73 -32.34
CA PRO C 284 -27.09 23.06 -32.93
C PRO C 284 -26.05 23.94 -32.23
N GLN C 285 -25.79 23.74 -30.94
CA GLN C 285 -24.81 24.55 -30.19
C GLN C 285 -23.34 24.25 -30.55
N VAL C 286 -23.09 23.13 -31.25
CA VAL C 286 -21.73 22.65 -31.58
C VAL C 286 -21.27 23.13 -32.97
N GLU C 287 -20.22 23.94 -33.01
CA GLU C 287 -19.65 24.41 -34.28
C GLU C 287 -18.91 23.28 -35.01
N LEU C 288 -17.95 22.66 -34.34
CA LEU C 288 -17.21 21.54 -34.91
C LEU C 288 -16.90 20.50 -33.82
N ILE C 289 -16.37 19.36 -34.24
CA ILE C 289 -16.04 18.27 -33.33
C ILE C 289 -14.92 17.41 -33.93
N HIS C 290 -13.99 16.96 -33.08
CA HIS C 290 -12.88 16.09 -33.50
C HIS C 290 -12.97 14.72 -32.82
N TYR C 291 -13.71 13.79 -33.43
CA TYR C 291 -13.72 12.41 -32.98
C TYR C 291 -13.38 11.51 -34.16
N PRO C 292 -12.26 10.74 -34.09
CA PRO C 292 -11.83 9.81 -35.15
C PRO C 292 -12.84 8.81 -35.71
N GLY C 293 -13.92 8.54 -34.99
CA GLY C 293 -14.97 7.61 -35.44
C GLY C 293 -16.17 8.23 -36.14
N LEU C 294 -16.16 9.54 -36.34
CA LEU C 294 -17.11 10.21 -37.24
C LEU C 294 -16.54 10.25 -38.66
N ALA C 295 -17.40 10.05 -39.66
CA ALA C 295 -17.04 10.27 -41.06
C ALA C 295 -16.57 11.71 -41.32
N SER C 296 -17.19 12.66 -40.62
CA SER C 296 -16.80 14.09 -40.62
C SER C 296 -15.31 14.37 -40.30
N PHE C 297 -14.67 13.45 -39.58
CA PHE C 297 -13.26 13.58 -39.19
C PHE C 297 -12.30 13.69 -40.39
N PRO C 298 -11.59 14.84 -40.53
CA PRO C 298 -10.69 15.09 -41.68
C PRO C 298 -9.75 13.95 -42.05
N GLN C 299 -9.16 13.29 -41.05
CA GLN C 299 -8.16 12.24 -41.28
C GLN C 299 -8.69 10.81 -41.07
N TYR C 300 -10.00 10.63 -41.29
CA TYR C 300 -10.72 9.37 -41.00
C TYR C 300 -10.03 8.11 -41.51
N THR C 301 -9.52 8.19 -42.74
CA THR C 301 -8.90 7.06 -43.43
C THR C 301 -7.58 6.64 -42.78
N LEU C 302 -6.76 7.62 -42.40
CA LEU C 302 -5.48 7.35 -41.72
C LEU C 302 -5.68 6.80 -40.29
N ALA C 303 -6.73 7.27 -39.61
CA ALA C 303 -7.12 6.77 -38.29
C ALA C 303 -7.52 5.29 -38.32
N ARG C 304 -8.21 4.87 -39.38
CA ARG C 304 -8.60 3.45 -39.54
C ARG C 304 -7.42 2.50 -39.84
N GLN C 305 -6.35 3.04 -40.41
CA GLN C 305 -5.16 2.23 -40.73
C GLN C 305 -4.22 2.02 -39.54
N GLN C 306 -4.23 2.95 -38.58
CA GLN C 306 -3.37 2.88 -37.40
C GLN C 306 -4.09 2.42 -36.10
N MET C 307 -5.29 2.95 -35.84
CA MET C 307 -6.07 2.66 -34.65
C MET C 307 -7.19 1.67 -34.96
N SER C 308 -7.20 0.54 -34.25
CA SER C 308 -8.27 -0.45 -34.39
C SER C 308 -9.65 0.01 -33.86
N GLN C 309 -9.66 1.00 -32.96
CA GLN C 309 -10.93 1.67 -32.56
C GLN C 309 -10.64 3.17 -32.36
N PRO C 310 -11.67 4.03 -32.39
CA PRO C 310 -11.46 5.50 -32.37
C PRO C 310 -11.15 6.21 -31.02
N GLY C 311 -11.06 5.46 -29.91
CA GLY C 311 -10.64 6.00 -28.62
C GLY C 311 -11.74 6.59 -27.75
N GLY C 312 -11.33 7.07 -26.58
CA GLY C 312 -12.25 7.57 -25.55
C GLY C 312 -12.34 9.07 -25.47
N MET C 313 -11.50 9.78 -26.24
CA MET C 313 -11.38 11.24 -26.17
C MET C 313 -12.14 11.98 -27.27
N ILE C 314 -12.93 12.97 -26.88
CA ILE C 314 -13.58 13.89 -27.81
C ILE C 314 -13.06 15.31 -27.55
N ALA C 315 -12.85 16.07 -28.63
CA ALA C 315 -12.67 17.53 -28.56
C ALA C 315 -13.77 18.22 -29.37
N PHE C 316 -14.32 19.31 -28.86
CA PHE C 316 -15.30 20.07 -29.63
C PHE C 316 -15.36 21.56 -29.26
N GLU C 317 -15.96 22.35 -30.15
CA GLU C 317 -16.22 23.79 -29.93
C GLU C 317 -17.70 24.06 -29.91
N LEU C 318 -18.13 25.00 -29.07
CA LEU C 318 -19.50 25.49 -29.07
C LEU C 318 -19.60 26.83 -29.80
N LYS C 319 -20.68 27.02 -30.54
CA LYS C 319 -21.05 28.36 -31.05
C LYS C 319 -21.49 29.16 -29.83
N GLY C 320 -20.85 30.32 -29.63
CA GLY C 320 -20.87 30.99 -28.33
C GLY C 320 -19.47 31.12 -27.78
N GLY C 321 -18.59 30.18 -28.18
CA GLY C 321 -17.15 30.29 -27.96
C GLY C 321 -16.68 30.04 -26.53
N ILE C 322 -15.81 30.93 -26.04
CA ILE C 322 -15.22 30.83 -24.71
C ILE C 322 -16.24 30.97 -23.57
N GLY C 323 -17.21 31.86 -23.73
CA GLY C 323 -18.25 32.08 -22.72
C GLY C 323 -19.18 30.89 -22.55
N ALA C 324 -19.56 30.26 -23.67
CA ALA C 324 -20.44 29.09 -23.66
C ALA C 324 -19.75 27.86 -23.10
N GLY C 325 -18.43 27.75 -23.31
CA GLY C 325 -17.60 26.74 -22.66
C GLY C 325 -17.77 26.77 -21.15
N ARG C 326 -17.50 27.92 -20.56
CA ARG C 326 -17.66 28.12 -19.11
C ARG C 326 -19.03 27.67 -18.57
N ARG C 327 -20.10 28.09 -19.23
CA ARG C 327 -21.46 27.76 -18.77
C ARG C 327 -21.75 26.26 -18.91
N PHE C 328 -21.22 25.65 -19.97
CA PHE C 328 -21.39 24.21 -20.23
C PHE C 328 -20.69 23.38 -19.15
N MET C 329 -19.40 23.69 -18.94
CA MET C 329 -18.56 22.99 -18.00
C MET C 329 -19.12 23.10 -16.61
N ASN C 330 -19.44 24.32 -16.20
CA ASN C 330 -19.92 24.59 -14.84
C ASN C 330 -21.26 23.94 -14.52
N ALA C 331 -22.01 23.55 -15.54
CA ALA C 331 -23.30 22.87 -15.38
C ALA C 331 -23.26 21.34 -15.42
N LEU C 332 -22.13 20.75 -15.78
CA LEU C 332 -21.97 19.28 -15.77
C LEU C 332 -22.05 18.77 -14.34
N GLN C 333 -22.89 17.78 -14.10
CA GLN C 333 -23.09 17.23 -12.76
C GLN C 333 -22.61 15.79 -12.55
N LEU C 334 -22.24 15.10 -13.63
CA LEU C 334 -21.73 13.72 -13.55
C LEU C 334 -20.28 13.71 -14.03
N PHE C 335 -20.04 14.26 -15.23
CA PHE C 335 -18.70 14.69 -15.62
C PHE C 335 -18.15 15.57 -14.49
N SER C 336 -16.84 15.50 -14.29
CA SER C 336 -16.13 16.36 -13.34
C SER C 336 -15.21 17.28 -14.14
N ARG C 337 -15.04 18.50 -13.63
CA ARG C 337 -14.11 19.44 -14.24
C ARG C 337 -12.71 19.14 -13.70
N ALA C 338 -11.89 18.53 -14.53
CA ALA C 338 -10.52 18.19 -14.13
C ALA C 338 -9.68 17.92 -15.36
N VAL C 339 -8.36 18.02 -15.20
CA VAL C 339 -7.42 17.60 -16.24
C VAL C 339 -7.21 16.09 -16.10
N SER C 340 -6.40 15.50 -16.98
CA SER C 340 -6.16 14.05 -17.07
C SER C 340 -7.26 13.36 -17.89
N LEU C 341 -7.01 12.07 -18.14
CA LEU C 341 -7.89 11.26 -18.95
C LEU C 341 -7.66 9.78 -18.68
N GLY C 342 -8.58 8.96 -19.19
CA GLY C 342 -8.47 7.51 -19.14
C GLY C 342 -8.82 6.93 -17.79
N ASP C 343 -9.61 7.66 -17.02
CA ASP C 343 -10.08 7.19 -15.72
C ASP C 343 -11.45 6.58 -15.93
N ALA C 344 -11.90 5.79 -14.96
CA ALA C 344 -13.27 5.31 -14.93
C ALA C 344 -14.30 6.44 -14.91
N GLU C 345 -13.96 7.52 -14.24
CA GLU C 345 -14.81 8.72 -14.14
C GLU C 345 -14.64 9.53 -15.41
N SER C 346 -15.74 10.12 -15.89
CA SER C 346 -15.72 11.00 -17.08
C SER C 346 -15.20 12.37 -16.68
N LEU C 347 -14.27 12.91 -17.48
CA LEU C 347 -13.67 14.23 -17.19
C LEU C 347 -13.84 15.25 -18.34
N ALA C 348 -13.97 16.53 -17.98
CA ALA C 348 -14.08 17.67 -18.90
C ALA C 348 -12.99 18.68 -18.63
N SER C 349 -12.42 19.26 -19.69
CA SER C 349 -11.21 20.11 -19.60
C SER C 349 -11.23 21.23 -20.67
N HIS C 350 -10.69 22.41 -20.32
CA HIS C 350 -10.52 23.58 -21.25
C HIS C 350 -9.00 23.85 -21.46
N PRO C 351 -8.37 23.20 -22.48
CA PRO C 351 -6.91 23.19 -22.59
C PRO C 351 -6.13 24.52 -22.57
N ALA C 352 -6.74 25.62 -23.00
CA ALA C 352 -6.07 26.93 -22.99
C ALA C 352 -5.71 27.37 -21.56
N SER C 353 -6.69 27.34 -20.67
CA SER C 353 -6.51 27.73 -19.27
C SER C 353 -5.88 26.63 -18.39
N MET C 354 -5.96 25.37 -18.83
CA MET C 354 -5.61 24.22 -17.98
C MET C 354 -4.38 23.43 -18.51
N THR C 355 -4.61 22.36 -19.25
CA THR C 355 -3.56 21.48 -19.73
C THR C 355 -2.53 22.08 -20.65
N HIS C 356 -2.92 23.10 -21.40
CA HIS C 356 -1.99 23.76 -22.31
C HIS C 356 -1.63 25.19 -21.92
N SER C 357 -1.74 25.48 -20.63
CA SER C 357 -1.44 26.78 -20.07
C SER C 357 0.02 27.16 -20.23
N SER C 358 0.88 26.17 -20.36
CA SER C 358 2.32 26.36 -20.61
C SER C 358 2.64 27.10 -21.91
N TYR C 359 1.68 27.15 -22.84
CA TYR C 359 1.76 28.00 -24.05
C TYR C 359 1.31 29.42 -23.71
N THR C 360 1.99 30.42 -24.29
CA THR C 360 1.57 31.84 -24.13
C THR C 360 0.26 32.08 -24.89
N PRO C 361 -0.44 33.21 -24.61
CA PRO C 361 -1.65 33.51 -25.39
C PRO C 361 -1.34 33.65 -26.89
N GLU C 362 -2.12 32.97 -27.70
CA GLU C 362 -1.91 32.85 -29.16
C GLU C 362 -0.53 32.26 -29.59
N GLU C 363 0.11 31.49 -28.71
CA GLU C 363 1.08 30.45 -29.10
C GLU C 363 0.31 29.12 -29.18
N ARG C 364 -0.71 28.99 -28.32
CA ARG C 364 -1.84 28.07 -28.53
C ARG C 364 -2.38 28.09 -29.98
N ALA C 365 -2.58 29.28 -30.56
CA ALA C 365 -3.23 29.43 -31.86
C ALA C 365 -2.29 29.11 -33.04
N HIS C 366 -0.98 29.38 -32.88
CA HIS C 366 0.03 28.96 -33.86
C HIS C 366 0.07 27.41 -34.02
N TYR C 367 -0.09 26.68 -32.90
CA TYR C 367 -0.05 25.21 -32.89
C TYR C 367 -1.44 24.54 -32.68
N GLY C 368 -2.52 25.21 -33.12
CA GLY C 368 -3.85 24.60 -33.24
C GLY C 368 -4.67 24.34 -31.97
N ILE C 369 -4.49 25.14 -30.92
CA ILE C 369 -5.30 25.03 -29.68
C ILE C 369 -6.33 26.17 -29.64
N SER C 370 -7.59 25.81 -29.88
CA SER C 370 -8.68 26.77 -30.08
C SER C 370 -9.14 27.53 -28.82
N GLU C 371 -10.08 28.44 -29.03
CA GLU C 371 -10.63 29.34 -27.98
C GLU C 371 -11.63 28.64 -27.06
N GLY C 372 -12.61 27.97 -27.67
CA GLY C 372 -13.75 27.39 -26.95
C GLY C 372 -13.73 25.88 -27.10
N LEU C 373 -12.51 25.32 -27.16
CA LEU C 373 -12.34 23.87 -27.24
C LEU C 373 -12.57 23.26 -25.86
N VAL C 374 -13.59 22.40 -25.77
CA VAL C 374 -13.81 21.56 -24.58
C VAL C 374 -13.37 20.14 -24.95
N ARG C 375 -12.47 19.58 -24.14
CA ARG C 375 -11.99 18.22 -24.28
C ARG C 375 -12.75 17.35 -23.28
N LEU C 376 -13.23 16.20 -23.75
CA LEU C 376 -13.86 15.20 -22.90
C LEU C 376 -13.02 13.95 -22.90
N SER C 377 -12.70 13.43 -21.70
CA SER C 377 -12.26 12.04 -21.55
C SER C 377 -13.49 11.25 -21.13
N VAL C 378 -13.99 10.40 -22.02
CA VAL C 378 -15.25 9.69 -21.76
C VAL C 378 -14.92 8.47 -20.93
N GLY C 379 -15.68 8.32 -19.83
CA GLY C 379 -15.47 7.28 -18.85
C GLY C 379 -16.32 6.05 -19.07
N LEU C 380 -16.44 5.25 -18.01
CA LEU C 380 -17.06 3.93 -18.05
C LEU C 380 -18.48 3.92 -17.46
N GLU C 381 -19.03 5.10 -17.19
CA GLU C 381 -20.38 5.19 -16.63
C GLU C 381 -21.40 4.76 -17.66
N ASP C 382 -22.63 4.53 -17.20
CA ASP C 382 -23.77 4.21 -18.06
C ASP C 382 -23.96 5.39 -19.06
N ILE C 383 -23.96 5.06 -20.34
CA ILE C 383 -24.10 6.05 -21.43
C ILE C 383 -25.35 6.98 -21.32
N ASP C 384 -26.50 6.43 -20.95
CA ASP C 384 -27.71 7.24 -20.81
C ASP C 384 -27.54 8.36 -19.79
N ASP C 385 -26.89 8.04 -18.66
CA ASP C 385 -26.56 9.05 -17.64
C ASP C 385 -25.57 10.09 -18.18
N LEU C 386 -24.62 9.64 -19.00
CA LEU C 386 -23.65 10.55 -19.64
C LEU C 386 -24.28 11.45 -20.71
N LEU C 387 -25.20 10.90 -21.51
CA LEU C 387 -26.01 11.69 -22.45
C LEU C 387 -26.90 12.73 -21.75
N ALA C 388 -27.65 12.30 -20.73
CA ALA C 388 -28.51 13.21 -19.97
C ALA C 388 -27.72 14.38 -19.39
N ASP C 389 -26.56 14.08 -18.82
CA ASP C 389 -25.70 15.11 -18.22
C ASP C 389 -25.20 16.10 -19.30
N VAL C 390 -24.76 15.58 -20.44
CA VAL C 390 -24.29 16.42 -21.55
C VAL C 390 -25.46 17.20 -22.14
N GLN C 391 -26.62 16.54 -22.25
CA GLN C 391 -27.85 17.17 -22.72
C GLN C 391 -28.14 18.44 -21.92
N GLN C 392 -28.38 18.30 -20.62
CA GLN C 392 -28.75 19.45 -19.76
C GLN C 392 -27.67 20.55 -19.67
N ALA C 393 -26.41 20.18 -19.90
CA ALA C 393 -25.30 21.13 -19.91
C ALA C 393 -25.27 22.01 -21.16
N LEU C 394 -25.61 21.43 -22.31
CA LEU C 394 -25.79 22.20 -23.55
C LEU C 394 -26.95 23.21 -23.45
N LYS C 395 -28.05 22.78 -22.80
CA LYS C 395 -29.19 23.67 -22.50
C LYS C 395 -28.81 24.89 -21.65
N ALA C 396 -27.93 24.69 -20.66
CA ALA C 396 -27.49 25.76 -19.77
C ALA C 396 -26.42 26.67 -20.36
N SER C 397 -25.75 26.23 -21.43
CA SER C 397 -24.73 27.07 -22.10
C SER C 397 -25.31 28.11 -23.07
N ALA C 398 -26.63 28.06 -23.32
CA ALA C 398 -27.32 29.02 -24.20
C ALA C 398 -27.19 30.48 -23.77
N LEU D 7 8.93 27.66 19.71
CA LEU D 7 9.17 26.51 18.79
C LEU D 7 9.22 25.16 19.55
N PRO D 8 8.32 24.20 19.20
CA PRO D 8 8.44 22.84 19.76
C PRO D 8 9.74 22.13 19.38
N GLY D 9 10.08 21.07 20.13
CA GLY D 9 11.31 20.31 19.90
C GLY D 9 11.29 19.46 18.62
N PHE D 10 12.48 19.01 18.20
CA PHE D 10 12.64 18.28 16.95
C PHE D 10 11.71 17.05 16.86
N ALA D 11 11.64 16.26 17.92
CA ALA D 11 10.80 15.07 17.96
C ALA D 11 9.32 15.41 17.85
N THR D 12 8.91 16.47 18.51
CA THR D 12 7.52 16.91 18.47
C THR D 12 7.12 17.34 17.06
N ARG D 13 8.01 18.05 16.37
CA ARG D 13 7.74 18.50 15.00
C ARG D 13 7.80 17.36 13.98
N ALA D 14 8.70 16.41 14.20
CA ALA D 14 8.86 15.26 13.30
C ALA D 14 7.63 14.36 13.30
N ILE D 15 6.87 14.43 14.39
CA ILE D 15 5.63 13.72 14.56
C ILE D 15 4.40 14.54 14.21
N HIS D 16 4.38 15.82 14.57
CA HIS D 16 3.15 16.64 14.47
C HIS D 16 3.14 17.74 13.39
N HIS D 17 4.30 18.30 13.02
CA HIS D 17 4.29 19.56 12.27
C HIS D 17 3.46 19.51 10.99
N GLY D 18 2.66 20.58 10.82
CA GLY D 18 1.88 20.80 9.63
C GLY D 18 0.57 20.04 9.55
N TYR D 19 0.21 19.30 10.61
CA TYR D 19 -0.99 18.48 10.60
C TYR D 19 -1.82 18.70 11.84
N ASP D 20 -3.09 18.99 11.64
CA ASP D 20 -4.08 19.00 12.72
C ASP D 20 -5.10 17.93 12.32
N PRO D 21 -5.31 16.92 13.18
CA PRO D 21 -6.32 15.90 12.87
C PRO D 21 -7.75 16.41 12.68
N GLN D 22 -8.08 17.59 13.22
CA GLN D 22 -9.45 18.09 13.17
C GLN D 22 -9.89 18.66 11.80
N ASP D 23 -8.94 18.88 10.88
CA ASP D 23 -9.27 19.26 9.49
C ASP D 23 -9.50 18.06 8.59
N HIS D 24 -9.33 16.83 9.11
CA HIS D 24 -9.43 15.61 8.30
C HIS D 24 -10.24 14.53 9.03
N GLY D 25 -11.43 14.92 9.47
CA GLY D 25 -12.38 14.03 10.15
C GLY D 25 -11.91 13.48 11.49
N GLY D 26 -10.88 14.11 12.08
CA GLY D 26 -10.26 13.59 13.29
C GLY D 26 -9.17 12.54 13.07
N ALA D 27 -8.89 12.15 11.83
CA ALA D 27 -7.91 11.10 11.57
C ALA D 27 -6.59 11.41 12.26
N LEU D 28 -6.16 10.53 13.17
CA LEU D 28 -4.88 10.72 13.86
C LEU D 28 -3.72 10.69 12.86
N VAL D 29 -3.71 9.69 11.99
CA VAL D 29 -2.76 9.61 10.88
C VAL D 29 -3.38 10.33 9.67
N PRO D 30 -2.60 11.15 8.96
CA PRO D 30 -3.15 11.81 7.75
C PRO D 30 -3.63 10.82 6.68
N PRO D 31 -4.86 10.99 6.14
CA PRO D 31 -5.28 10.11 5.06
C PRO D 31 -4.36 10.24 3.87
N VAL D 32 -4.23 9.17 3.09
CA VAL D 32 -3.33 9.14 1.93
C VAL D 32 -4.08 9.52 0.65
N TYR D 33 -3.63 10.60 0.01
CA TYR D 33 -4.21 11.11 -1.23
C TYR D 33 -3.54 10.42 -2.42
N GLN D 34 -3.85 9.13 -2.57
CA GLN D 34 -3.42 8.32 -3.69
C GLN D 34 -4.38 8.61 -4.85
N THR D 35 -4.17 9.79 -5.43
CA THR D 35 -4.97 10.29 -6.55
C THR D 35 -4.08 11.07 -7.52
N ALA D 36 -4.22 10.82 -8.82
CA ALA D 36 -3.47 11.56 -9.85
C ALA D 36 -4.02 12.97 -10.05
N THR D 37 -5.34 13.11 -10.09
CA THR D 37 -5.98 14.39 -10.42
C THR D 37 -7.02 14.82 -9.37
N PHE D 38 -7.35 16.12 -9.42
CA PHE D 38 -8.26 16.77 -8.48
C PHE D 38 -9.25 17.59 -9.30
N THR D 39 -10.52 17.58 -8.90
CA THR D 39 -11.58 18.24 -9.65
C THR D 39 -11.79 19.64 -9.14
N PHE D 40 -12.54 20.42 -9.92
CA PHE D 40 -12.83 21.82 -9.61
C PHE D 40 -14.35 22.06 -9.48
N PRO D 41 -14.75 22.99 -8.60
CA PRO D 41 -16.17 23.37 -8.51
C PRO D 41 -16.67 24.21 -9.71
N THR D 42 -15.81 25.09 -10.22
CA THR D 42 -16.06 25.84 -11.46
C THR D 42 -14.76 25.89 -12.28
N VAL D 43 -14.86 26.17 -13.59
CA VAL D 43 -13.66 26.30 -14.43
C VAL D 43 -12.85 27.57 -14.20
N GLU D 44 -13.48 28.62 -13.68
CA GLU D 44 -12.74 29.85 -13.31
C GLU D 44 -11.87 29.57 -12.07
N TYR D 45 -12.42 28.85 -11.08
CA TYR D 45 -11.65 28.35 -9.91
C TYR D 45 -10.48 27.45 -10.37
N GLY D 46 -10.76 26.52 -11.27
CA GLY D 46 -9.73 25.68 -11.86
C GLY D 46 -8.68 26.47 -12.60
N ALA D 47 -9.11 27.47 -13.37
CA ALA D 47 -8.18 28.33 -14.13
C ALA D 47 -7.30 29.20 -13.23
N ALA D 48 -7.88 29.67 -12.12
CA ALA D 48 -7.13 30.41 -11.10
C ALA D 48 -6.01 29.53 -10.47
N CYS D 49 -6.31 28.25 -10.20
CA CYS D 49 -5.31 27.29 -9.69
C CYS D 49 -4.08 27.19 -10.60
N PHE D 50 -4.30 27.09 -11.90
CA PHE D 50 -3.19 27.03 -12.88
C PHE D 50 -2.41 28.35 -12.96
N ALA D 51 -3.10 29.47 -12.73
CA ALA D 51 -2.45 30.78 -12.66
C ALA D 51 -1.61 30.99 -11.40
N GLY D 52 -1.93 30.27 -10.33
CA GLY D 52 -1.35 30.49 -9.00
C GLY D 52 -2.16 31.47 -8.16
N GLU D 53 -3.22 32.06 -8.74
CA GLU D 53 -4.01 33.11 -8.08
C GLU D 53 -4.92 32.57 -6.94
N GLN D 54 -5.20 31.26 -6.98
CA GLN D 54 -6.02 30.57 -5.99
C GLN D 54 -5.24 29.36 -5.46
N ALA D 55 -5.41 29.04 -4.17
CA ALA D 55 -4.72 27.94 -3.51
C ALA D 55 -5.51 26.65 -3.67
N GLY D 56 -4.87 25.62 -4.22
CA GLY D 56 -5.54 24.34 -4.43
C GLY D 56 -4.69 23.33 -5.19
N HIS D 57 -5.29 22.17 -5.45
CA HIS D 57 -4.64 21.09 -6.18
C HIS D 57 -5.34 20.78 -7.48
N PHE D 58 -4.55 20.36 -8.47
CA PHE D 58 -5.06 19.90 -9.76
C PHE D 58 -4.42 18.62 -10.30
N TYR D 59 -3.12 18.43 -10.10
CA TYR D 59 -2.45 17.26 -10.65
C TYR D 59 -1.22 16.92 -9.83
N SER D 60 -1.15 15.67 -9.38
CA SER D 60 -0.15 15.21 -8.40
C SER D 60 1.34 15.34 -8.81
N ARG D 61 1.63 15.33 -10.11
CA ARG D 61 3.01 15.58 -10.56
C ARG D 61 3.46 16.98 -10.11
N ILE D 62 2.54 17.96 -10.13
CA ILE D 62 2.88 19.33 -9.70
C ILE D 62 2.86 19.41 -8.18
N SER D 63 1.78 18.93 -7.56
CA SER D 63 1.59 19.07 -6.12
C SER D 63 0.45 18.17 -5.62
N ASN D 64 0.65 17.56 -4.44
CA ASN D 64 -0.29 16.61 -3.82
C ASN D 64 -0.28 16.83 -2.29
N PRO D 65 -1.47 16.83 -1.64
CA PRO D 65 -1.57 17.12 -0.19
C PRO D 65 -0.74 16.23 0.75
N THR D 66 -0.69 14.93 0.48
CA THR D 66 0.18 14.01 1.23
C THR D 66 1.64 14.40 1.10
N LEU D 67 2.08 14.67 -0.13
CA LEU D 67 3.41 15.16 -0.41
C LEU D 67 3.68 16.54 0.20
N ASN D 68 2.71 17.44 0.19
CA ASN D 68 2.89 18.76 0.80
C ASN D 68 3.14 18.73 2.30
N LEU D 69 2.42 17.86 2.99
CA LEU D 69 2.63 17.68 4.43
C LEU D 69 4.04 17.15 4.72
N LEU D 70 4.47 16.17 3.93
CA LEU D 70 5.85 15.68 3.99
C LEU D 70 6.85 16.82 3.76
N GLU D 71 6.59 17.60 2.72
CA GLU D 71 7.43 18.75 2.36
C GLU D 71 7.50 19.81 3.47
N ALA D 72 6.35 20.15 4.05
CA ALA D 72 6.30 21.13 5.14
C ALA D 72 7.03 20.65 6.41
N ARG D 73 6.85 19.37 6.71
CA ARG D 73 7.48 18.75 7.87
C ARG D 73 8.99 18.75 7.70
N MET D 74 9.46 18.37 6.52
CA MET D 74 10.89 18.33 6.24
C MET D 74 11.53 19.71 6.23
N ALA D 75 10.80 20.71 5.74
CA ALA D 75 11.25 22.08 5.80
C ALA D 75 11.42 22.54 7.24
N SER D 76 10.44 22.24 8.08
CA SER D 76 10.53 22.53 9.50
C SER D 76 11.75 21.89 10.13
N LEU D 77 11.97 20.62 9.81
CA LEU D 77 13.09 19.89 10.38
C LEU D 77 14.43 20.47 9.91
N GLU D 78 14.53 20.85 8.64
CA GLU D 78 15.76 21.49 8.14
C GLU D 78 15.87 22.98 8.53
N GLY D 79 14.79 23.54 9.07
CA GLY D 79 14.73 24.95 9.44
C GLY D 79 14.51 25.91 8.27
N GLY D 80 14.06 25.38 7.14
CA GLY D 80 13.88 26.17 5.91
C GLY D 80 12.42 26.47 5.66
N GLU D 81 12.17 27.20 4.58
CA GLU D 81 10.87 27.83 4.33
C GLU D 81 9.92 26.87 3.60
N ALA D 82 10.43 26.22 2.55
CA ALA D 82 9.63 25.33 1.71
C ALA D 82 10.39 24.05 1.39
N GLY D 83 9.63 23.02 1.00
CA GLY D 83 10.18 21.71 0.66
C GLY D 83 9.52 21.12 -0.58
N LEU D 84 10.24 20.21 -1.24
CA LEU D 84 9.74 19.50 -2.41
C LEU D 84 10.11 18.01 -2.30
N ALA D 85 9.16 17.14 -2.62
CA ALA D 85 9.33 15.71 -2.53
C ALA D 85 9.42 15.13 -3.93
N LEU D 86 10.36 14.20 -4.13
CA LEU D 86 10.62 13.60 -5.44
C LEU D 86 10.83 12.08 -5.37
N ALA D 87 10.78 11.45 -6.53
CA ALA D 87 10.85 9.99 -6.67
C ALA D 87 12.14 9.35 -6.19
N SER D 88 13.22 10.12 -6.14
CA SER D 88 14.49 9.61 -5.62
C SER D 88 15.45 10.73 -5.29
N GLY D 89 16.50 10.40 -4.56
CA GLY D 89 17.59 11.34 -4.31
C GLY D 89 18.17 11.95 -5.59
N MET D 90 18.38 11.13 -6.60
CA MET D 90 18.79 11.62 -7.89
C MET D 90 17.75 12.56 -8.49
N GLY D 91 16.47 12.27 -8.23
CA GLY D 91 15.37 13.18 -8.58
C GLY D 91 15.50 14.55 -7.94
N ALA D 92 15.91 14.59 -6.68
CA ALA D 92 16.19 15.84 -5.98
C ALA D 92 17.31 16.64 -6.64
N ILE D 93 18.43 15.96 -6.87
CA ILE D 93 19.66 16.58 -7.37
C ILE D 93 19.51 17.03 -8.82
N THR D 94 18.93 16.18 -9.66
CA THR D 94 18.75 16.52 -11.07
C THR D 94 17.67 17.58 -11.25
N SER D 95 16.50 17.40 -10.62
CA SER D 95 15.48 18.45 -10.70
C SER D 95 16.06 19.78 -10.29
N THR D 96 16.83 19.81 -9.20
CA THR D 96 17.45 21.02 -8.70
C THR D 96 18.44 21.69 -9.68
N LEU D 97 19.42 20.93 -10.17
CA LEU D 97 20.52 21.50 -10.98
C LEU D 97 20.12 21.85 -12.42
N TRP D 98 19.21 21.07 -13.02
CA TRP D 98 18.63 21.42 -14.33
C TRP D 98 17.91 22.78 -14.28
N THR D 99 17.28 23.13 -13.15
CA THR D 99 16.53 24.38 -13.10
C THR D 99 17.42 25.57 -12.75
N LEU D 100 18.58 25.34 -12.13
CA LEU D 100 19.46 26.42 -11.70
C LEU D 100 20.61 26.70 -12.66
N LEU D 101 20.90 25.78 -13.57
CA LEU D 101 22.05 25.92 -14.48
C LEU D 101 21.65 25.98 -15.94
N ARG D 102 22.44 26.70 -16.73
CA ARG D 102 22.32 26.78 -18.19
C ARG D 102 23.73 26.80 -18.81
N PRO D 103 23.85 26.55 -20.12
CA PRO D 103 25.20 26.49 -20.72
C PRO D 103 26.02 27.75 -20.49
N GLY D 104 27.29 27.57 -20.17
CA GLY D 104 28.15 28.68 -19.84
C GLY D 104 28.27 28.95 -18.35
N ASP D 105 27.23 28.59 -17.58
CA ASP D 105 27.35 28.59 -16.12
C ASP D 105 28.45 27.62 -15.69
N GLU D 106 29.08 27.95 -14.57
CA GLU D 106 30.12 27.11 -13.98
C GLU D 106 29.59 26.60 -12.65
N VAL D 107 29.90 25.35 -12.34
CA VAL D 107 29.54 24.78 -11.05
C VAL D 107 30.81 24.34 -10.32
N LEU D 108 30.93 24.70 -9.06
CA LEU D 108 32.00 24.22 -8.23
C LEU D 108 31.58 22.97 -7.41
N LEU D 109 32.31 21.88 -7.62
CA LEU D 109 31.99 20.59 -7.01
C LEU D 109 32.95 20.26 -5.89
N GLY D 110 32.44 19.61 -4.84
CA GLY D 110 33.30 18.97 -3.84
C GLY D 110 34.23 17.96 -4.51
N ASN D 111 35.38 17.70 -3.90
CA ASN D 111 36.36 16.76 -4.47
C ASN D 111 35.85 15.33 -4.68
N THR D 112 35.01 14.84 -3.78
CA THR D 112 34.46 13.48 -3.87
C THR D 112 32.93 13.54 -3.79
N LEU D 113 32.27 12.75 -4.61
CA LEU D 113 30.81 12.77 -4.75
C LEU D 113 30.31 11.35 -4.98
N TYR D 114 29.07 11.14 -4.52
CA TYR D 114 28.30 9.95 -4.82
C TYR D 114 28.35 9.68 -6.35
N GLY D 115 28.52 8.40 -6.72
CA GLY D 115 28.74 7.99 -8.11
C GLY D 115 27.80 8.47 -9.20
N CYS D 116 26.49 8.41 -8.97
CA CYS D 116 25.52 8.87 -9.97
C CYS D 116 25.45 10.39 -10.03
N THR D 117 25.72 11.07 -8.91
CA THR D 117 25.88 12.52 -8.93
C THR D 117 27.06 12.91 -9.83
N PHE D 118 28.19 12.22 -9.66
CA PHE D 118 29.40 12.44 -10.46
C PHE D 118 29.12 12.20 -11.93
N ALA D 119 28.43 11.10 -12.24
CA ALA D 119 28.10 10.74 -13.62
C ALA D 119 27.12 11.73 -14.22
N PHE D 120 26.09 12.10 -13.46
CA PHE D 120 25.16 13.12 -13.90
C PHE D 120 25.89 14.38 -14.30
N LEU D 121 26.77 14.85 -13.42
CA LEU D 121 27.53 16.07 -13.70
C LEU D 121 28.43 15.93 -14.92
N HIS D 122 29.33 14.95 -14.90
CA HIS D 122 30.33 14.81 -15.96
C HIS D 122 29.83 14.25 -17.31
N HIS D 123 28.94 13.27 -17.30
CA HIS D 123 28.43 12.67 -18.54
C HIS D 123 27.01 13.11 -18.88
N GLY D 124 26.38 13.90 -18.01
CA GLY D 124 25.02 14.37 -18.25
C GLY D 124 25.03 15.87 -18.51
N ILE D 125 24.68 16.65 -17.50
CA ILE D 125 24.56 18.10 -17.65
C ILE D 125 25.86 18.79 -18.10
N GLY D 126 27.02 18.22 -17.77
CA GLY D 126 28.32 18.68 -18.31
C GLY D 126 28.57 18.50 -19.80
N GLU D 127 27.88 17.53 -20.42
CA GLU D 127 27.87 17.33 -21.89
C GLU D 127 26.83 18.20 -22.63
N PHE D 128 26.06 18.99 -21.87
CA PHE D 128 25.12 19.98 -22.38
C PHE D 128 25.61 21.44 -22.17
N GLY D 129 26.92 21.61 -21.93
CA GLY D 129 27.55 22.95 -21.94
C GLY D 129 27.74 23.66 -20.61
N VAL D 130 27.66 22.90 -19.51
CA VAL D 130 27.88 23.45 -18.17
C VAL D 130 29.32 23.13 -17.78
N LYS D 131 30.07 24.16 -17.39
CA LYS D 131 31.45 23.99 -16.89
C LYS D 131 31.42 23.39 -15.48
N LEU D 132 32.37 22.49 -15.22
CA LEU D 132 32.52 21.82 -13.93
C LEU D 132 33.95 22.00 -13.48
N ARG D 133 34.16 22.19 -12.19
CA ARG D 133 35.50 22.15 -11.64
C ARG D 133 35.43 21.66 -10.21
N HIS D 134 36.33 20.73 -9.90
CA HIS D 134 36.37 20.09 -8.60
C HIS D 134 37.34 20.87 -7.75
N VAL D 135 36.94 21.14 -6.50
CA VAL D 135 37.76 21.86 -5.52
C VAL D 135 37.64 21.16 -4.15
N ASP D 136 38.69 21.25 -3.33
CA ASP D 136 38.65 20.81 -1.94
C ASP D 136 37.93 21.87 -1.06
N MET D 137 36.66 21.63 -0.79
CA MET D 137 35.79 22.56 -0.04
C MET D 137 36.20 22.77 1.44
N ALA D 138 37.14 21.98 1.94
CA ALA D 138 37.75 22.21 3.28
C ALA D 138 38.91 23.21 3.25
N ASP D 139 39.42 23.51 2.06
CA ASP D 139 40.51 24.47 1.83
C ASP D 139 39.92 25.77 1.26
N LEU D 140 39.56 26.70 2.14
CA LEU D 140 38.80 27.90 1.75
C LEU D 140 39.56 28.85 0.84
N GLN D 141 40.89 28.93 1.00
CA GLN D 141 41.75 29.69 0.07
C GLN D 141 41.57 29.21 -1.36
N ALA D 142 41.64 27.90 -1.55
CA ALA D 142 41.54 27.30 -2.88
C ALA D 142 40.17 27.49 -3.50
N LEU D 143 39.11 27.43 -2.68
CA LEU D 143 37.73 27.70 -3.13
C LEU D 143 37.59 29.14 -3.60
N GLU D 144 38.05 30.08 -2.78
CA GLU D 144 38.09 31.51 -3.12
C GLU D 144 38.80 31.75 -4.45
N ALA D 145 39.96 31.12 -4.61
CA ALA D 145 40.75 31.24 -5.84
C ALA D 145 40.06 30.64 -7.06
N ALA D 146 39.25 29.60 -6.86
CA ALA D 146 38.53 28.97 -7.97
C ALA D 146 37.23 29.70 -8.40
N MET D 147 36.75 30.65 -7.61
CA MET D 147 35.53 31.43 -7.94
C MET D 147 35.74 32.34 -9.16
N THR D 148 34.82 32.25 -10.13
CA THR D 148 34.77 33.11 -11.32
C THR D 148 33.40 33.83 -11.32
N PRO D 149 33.16 34.79 -12.25
CA PRO D 149 31.82 35.40 -12.28
C PRO D 149 30.75 34.45 -12.84
N ALA D 150 31.17 33.57 -13.74
CA ALA D 150 30.33 32.48 -14.25
C ALA D 150 30.01 31.35 -13.23
N THR D 151 30.62 31.37 -12.04
CA THR D 151 30.27 30.41 -11.00
C THR D 151 28.87 30.70 -10.45
N ARG D 152 27.89 29.90 -10.84
CA ARG D 152 26.50 30.06 -10.37
C ARG D 152 26.14 29.15 -9.18
N VAL D 153 26.80 28.00 -9.06
CA VAL D 153 26.46 27.00 -8.05
C VAL D 153 27.71 26.35 -7.46
N ILE D 154 27.73 26.25 -6.13
CA ILE D 154 28.68 25.43 -5.39
C ILE D 154 27.85 24.28 -4.83
N TYR D 155 28.20 23.05 -5.22
CA TYR D 155 27.49 21.84 -4.81
C TYR D 155 28.49 20.88 -4.16
N PHE D 156 28.17 20.39 -2.96
CA PHE D 156 28.98 19.35 -2.30
C PHE D 156 28.18 18.50 -1.31
N GLU D 157 28.80 17.41 -0.86
CA GLU D 157 28.31 16.59 0.26
C GLU D 157 29.24 16.78 1.44
N SER D 158 28.66 16.86 2.64
CA SER D 158 29.46 16.88 3.87
C SER D 158 28.73 16.08 4.97
N PRO D 159 29.24 14.95 5.41
CA PRO D 159 30.47 14.32 4.91
C PRO D 159 30.31 13.68 3.55
N ALA D 160 31.40 13.57 2.82
CA ALA D 160 31.38 12.98 1.53
C ALA D 160 31.36 11.47 1.46
N ASN D 161 30.63 10.99 0.49
CA ASN D 161 30.47 9.60 0.22
C ASN D 161 31.54 9.25 -0.77
N PRO D 162 32.52 8.31 -0.47
CA PRO D 162 32.41 7.63 0.81
C PRO D 162 33.56 7.78 1.81
N ASN D 163 34.51 8.68 1.62
CA ASN D 163 35.62 8.83 2.56
C ASN D 163 35.41 9.69 3.78
N MET D 164 34.26 10.32 3.87
CA MET D 164 33.84 11.17 5.01
C MET D 164 34.51 12.55 5.03
N HIS D 165 35.08 12.98 3.91
CA HIS D 165 35.65 14.33 3.83
C HIS D 165 34.57 15.40 4.09
N MET D 166 34.96 16.39 4.88
CA MET D 166 34.05 17.36 5.45
C MET D 166 34.31 18.67 4.73
N ALA D 167 33.33 19.55 4.75
CA ALA D 167 33.53 20.95 4.36
C ALA D 167 33.01 21.88 5.44
N ASP D 168 33.68 23.02 5.61
CA ASP D 168 33.20 24.10 6.49
C ASP D 168 32.06 24.85 5.78
N ILE D 169 30.81 24.52 6.13
CA ILE D 169 29.63 25.01 5.39
C ILE D 169 29.46 26.54 5.47
N ALA D 170 29.61 27.10 6.67
CA ALA D 170 29.49 28.56 6.87
C ALA D 170 30.61 29.32 6.20
N GLY D 171 31.81 28.74 6.19
CA GLY D 171 32.95 29.31 5.48
C GLY D 171 32.76 29.33 3.98
N VAL D 172 32.13 28.29 3.45
CA VAL D 172 31.80 28.23 2.01
C VAL D 172 30.72 29.24 1.68
N ALA D 173 29.72 29.33 2.55
CA ALA D 173 28.59 30.23 2.37
C ALA D 173 29.05 31.67 2.35
N LYS D 174 29.97 32.01 3.26
CA LYS D 174 30.63 33.33 3.28
C LYS D 174 31.22 33.70 1.91
N ILE D 175 32.03 32.81 1.34
CA ILE D 175 32.63 33.00 0.02
C ILE D 175 31.58 33.11 -1.11
N ALA D 176 30.54 32.30 -1.04
CA ALA D 176 29.43 32.39 -2.00
C ALA D 176 28.62 33.69 -1.90
N ARG D 177 28.41 34.21 -0.69
CA ARG D 177 27.81 35.53 -0.50
C ARG D 177 28.68 36.64 -1.10
N LYS D 178 29.96 36.57 -0.79
CA LYS D 178 30.99 37.44 -1.35
C LYS D 178 30.93 37.50 -2.88
N HIS D 179 30.90 36.35 -3.56
CA HIS D 179 30.94 36.33 -5.04
C HIS D 179 29.59 36.20 -5.76
N GLY D 180 28.52 35.86 -5.04
CA GLY D 180 27.17 35.70 -5.61
C GLY D 180 26.89 34.33 -6.21
N ALA D 181 27.08 33.25 -5.44
CA ALA D 181 26.75 31.89 -5.89
C ALA D 181 25.72 31.23 -4.96
N THR D 182 24.97 30.29 -5.51
CA THR D 182 24.00 29.51 -4.75
C THR D 182 24.71 28.27 -4.17
N VAL D 183 24.69 28.09 -2.85
CA VAL D 183 25.30 26.90 -2.20
C VAL D 183 24.24 25.81 -2.05
N VAL D 184 24.51 24.64 -2.63
CA VAL D 184 23.61 23.49 -2.56
C VAL D 184 24.33 22.36 -1.85
N VAL D 185 23.84 21.95 -0.66
CA VAL D 185 24.49 20.88 0.11
C VAL D 185 23.65 19.60 0.14
N ASP D 186 24.27 18.47 -0.21
CA ASP D 186 23.65 17.15 -0.05
C ASP D 186 23.82 16.74 1.41
N ASN D 187 22.70 16.74 2.16
CA ASN D 187 22.70 16.45 3.59
C ASN D 187 22.20 15.03 3.94
N THR D 188 22.36 14.08 3.01
CA THR D 188 21.84 12.71 3.15
C THR D 188 22.36 12.02 4.43
N TYR D 189 23.68 11.96 4.58
CA TYR D 189 24.33 11.22 5.65
C TYR D 189 23.91 11.66 7.04
N CYS D 190 23.82 12.97 7.25
CA CYS D 190 23.56 13.50 8.58
C CYS D 190 22.08 13.51 8.91
N THR D 191 21.24 13.91 7.97
CA THR D 191 19.84 14.27 8.24
C THR D 191 19.73 15.62 8.97
N PRO D 192 18.54 16.25 8.93
CA PRO D 192 18.34 17.47 9.73
C PRO D 192 18.53 17.27 11.23
N TYR D 193 18.42 16.03 11.70
CA TYR D 193 18.63 15.76 13.11
C TYR D 193 20.05 16.05 13.57
N LEU D 194 21.04 15.79 12.71
CA LEU D 194 22.43 15.97 13.08
C LEU D 194 23.12 17.19 12.48
N GLN D 195 22.62 17.70 11.35
CA GLN D 195 23.28 18.83 10.69
C GLN D 195 22.27 19.60 9.83
N ARG D 196 22.30 20.92 9.92
CA ARG D 196 21.31 21.73 9.22
C ARG D 196 22.04 22.79 8.42
N PRO D 197 22.37 22.45 7.15
CA PRO D 197 23.18 23.37 6.35
C PRO D 197 22.51 24.69 6.03
N LEU D 198 21.17 24.76 6.06
CA LEU D 198 20.50 26.06 5.86
C LEU D 198 20.82 27.05 6.99
N GLU D 199 20.99 26.53 8.20
CA GLU D 199 21.32 27.36 9.36
C GLU D 199 22.79 27.80 9.37
N LEU D 200 23.59 27.31 8.43
CA LEU D 200 24.99 27.71 8.26
C LEU D 200 25.20 28.41 6.90
N GLY D 201 24.14 28.95 6.31
CA GLY D 201 24.24 29.80 5.12
C GLY D 201 24.08 29.15 3.76
N ALA D 202 23.74 27.86 3.73
CA ALA D 202 23.42 27.21 2.47
C ALA D 202 22.05 27.71 2.03
N ASP D 203 21.82 27.66 0.72
CA ASP D 203 20.55 28.07 0.10
C ASP D 203 19.58 26.90 -0.09
N LEU D 204 20.11 25.75 -0.51
CA LEU D 204 19.33 24.53 -0.71
C LEU D 204 20.03 23.32 -0.10
N VAL D 205 19.23 22.41 0.46
CA VAL D 205 19.71 21.09 0.83
C VAL D 205 18.94 20.05 0.07
N VAL D 206 19.62 18.95 -0.25
CA VAL D 206 19.00 17.81 -0.91
C VAL D 206 19.27 16.54 -0.09
N HIS D 207 18.29 15.64 -0.11
CA HIS D 207 18.44 14.31 0.49
C HIS D 207 17.98 13.22 -0.46
N SER D 208 18.72 12.12 -0.41
CA SER D 208 18.18 10.80 -0.67
C SER D 208 17.41 10.38 0.59
N ALA D 209 16.10 10.54 0.56
CA ALA D 209 15.21 10.10 1.65
C ALA D 209 15.06 8.57 1.66
N THR D 210 15.45 7.92 0.57
CA THR D 210 15.72 6.49 0.55
C THR D 210 16.53 5.99 1.78
N LYS D 211 17.41 6.84 2.31
CA LYS D 211 18.34 6.42 3.38
C LYS D 211 17.78 6.64 4.81
N TYR D 212 18.44 7.42 5.65
CA TYR D 212 18.05 7.54 7.04
C TYR D 212 16.65 8.05 7.28
N LEU D 213 16.17 8.96 6.41
CA LEU D 213 14.87 9.57 6.65
C LEU D 213 13.75 8.53 6.60
N SER D 214 13.79 7.66 5.58
CA SER D 214 12.93 6.46 5.54
C SER D 214 13.25 5.52 6.68
N GLY D 215 14.53 5.20 6.80
CA GLY D 215 15.05 4.34 7.88
C GLY D 215 14.90 2.83 7.73
N HIS D 216 14.01 2.38 6.86
CA HIS D 216 13.61 0.97 6.78
C HIS D 216 13.77 0.33 5.39
N GLY D 217 14.42 1.03 4.46
CA GLY D 217 14.84 0.45 3.19
C GLY D 217 13.75 0.08 2.21
N ASP D 218 12.53 0.58 2.41
CA ASP D 218 11.37 0.12 1.65
C ASP D 218 10.84 1.09 0.60
N ILE D 219 11.41 2.28 0.50
CA ILE D 219 11.03 3.23 -0.54
C ILE D 219 12.26 3.86 -1.17
N THR D 220 12.06 4.45 -2.33
CA THR D 220 13.04 5.35 -2.91
C THR D 220 12.40 6.73 -2.95
N ALA D 221 13.13 7.75 -2.53
CA ALA D 221 12.58 9.11 -2.40
C ALA D 221 13.67 10.14 -2.21
N GLY D 222 13.32 11.38 -2.57
CA GLY D 222 14.22 12.52 -2.48
C GLY D 222 13.51 13.72 -1.90
N ILE D 223 14.28 14.57 -1.22
CA ILE D 223 13.76 15.80 -0.67
C ILE D 223 14.65 16.96 -1.08
N VAL D 224 14.02 18.09 -1.39
CA VAL D 224 14.71 19.37 -1.53
C VAL D 224 14.06 20.33 -0.53
N VAL D 225 14.90 21.01 0.26
CA VAL D 225 14.47 22.11 1.14
C VAL D 225 15.29 23.37 0.86
N GLY D 226 14.61 24.51 0.90
CA GLY D 226 15.24 25.83 0.83
C GLY D 226 14.18 26.92 0.85
N SER D 227 14.49 28.03 0.19
CA SER D 227 13.54 29.15 0.09
C SER D 227 12.36 28.87 -0.84
N GLN D 228 11.24 29.53 -0.56
CA GLN D 228 10.02 29.37 -1.37
C GLN D 228 10.30 29.72 -2.83
N ALA D 229 11.07 30.78 -3.06
CA ALA D 229 11.45 31.19 -4.43
C ALA D 229 12.19 30.12 -5.22
N LEU D 230 13.27 29.58 -4.65
CA LEU D 230 14.05 28.48 -5.26
C LEU D 230 13.25 27.18 -5.38
N VAL D 231 12.56 26.78 -4.31
CA VAL D 231 11.77 25.54 -4.35
C VAL D 231 10.64 25.61 -5.38
N ASP D 232 10.00 26.78 -5.53
CA ASP D 232 8.93 26.96 -6.55
C ASP D 232 9.46 26.79 -7.97
N ARG D 233 10.64 27.33 -8.26
CA ARG D 233 11.29 27.09 -9.54
C ARG D 233 11.65 25.62 -9.75
N ILE D 234 12.13 24.92 -8.72
CA ILE D 234 12.48 23.50 -8.88
C ILE D 234 11.23 22.66 -9.12
N ARG D 235 10.15 22.96 -8.39
CA ARG D 235 8.87 22.27 -8.57
C ARG D 235 8.29 22.48 -9.97
N LEU D 236 8.08 23.74 -10.36
CA LEU D 236 7.44 24.11 -11.65
C LEU D 236 8.31 23.97 -12.91
N GLN D 237 9.60 23.67 -12.78
CA GLN D 237 10.48 23.48 -13.95
C GLN D 237 11.26 22.17 -13.90
N GLY D 238 12.15 22.02 -12.92
CA GLY D 238 12.91 20.78 -12.77
C GLY D 238 12.03 19.52 -12.69
N LEU D 239 11.04 19.56 -11.80
CA LEU D 239 10.19 18.41 -11.57
C LEU D 239 9.15 18.30 -12.66
N LYS D 240 8.39 19.39 -12.86
CA LYS D 240 7.24 19.37 -13.77
C LYS D 240 7.62 19.01 -15.18
N ASP D 241 8.70 19.61 -15.68
CA ASP D 241 9.06 19.58 -17.11
C ASP D 241 10.31 18.77 -17.44
N MET D 242 11.32 18.77 -16.56
CA MET D 242 12.64 18.25 -16.93
C MET D 242 13.02 16.86 -16.39
N THR D 243 12.43 16.42 -15.28
CA THR D 243 12.69 15.07 -14.74
C THR D 243 11.46 14.19 -14.57
N GLY D 244 10.34 14.80 -14.19
CA GLY D 244 9.12 14.06 -13.94
C GLY D 244 9.27 13.04 -12.83
N ALA D 245 10.13 13.35 -11.86
CA ALA D 245 10.43 12.44 -10.76
C ALA D 245 9.43 12.65 -9.64
N VAL D 246 8.22 12.16 -9.87
CA VAL D 246 7.10 12.32 -8.95
C VAL D 246 7.16 11.21 -7.91
N LEU D 247 7.01 11.59 -6.63
CA LEU D 247 6.91 10.61 -5.55
C LEU D 247 5.46 10.11 -5.40
N SER D 248 5.30 8.79 -5.32
CA SER D 248 4.04 8.18 -4.94
C SER D 248 3.57 8.65 -3.57
N PRO D 249 2.29 9.09 -3.45
CA PRO D 249 1.69 9.36 -2.14
C PRO D 249 1.87 8.23 -1.11
N HIS D 250 1.78 6.99 -1.59
CA HIS D 250 2.05 5.81 -0.77
C HIS D 250 3.45 5.81 -0.16
N ASP D 251 4.45 6.10 -0.98
CA ASP D 251 5.83 6.18 -0.50
C ASP D 251 6.06 7.41 0.38
N ALA D 252 5.39 8.52 0.06
CA ALA D 252 5.43 9.71 0.93
C ALA D 252 4.85 9.42 2.32
N ALA D 253 3.75 8.69 2.38
CA ALA D 253 3.17 8.30 3.68
C ALA D 253 4.16 7.44 4.49
N LEU D 254 4.83 6.50 3.84
CA LEU D 254 5.83 5.67 4.52
C LEU D 254 7.04 6.49 4.97
N LEU D 255 7.46 7.44 4.16
CA LEU D 255 8.56 8.33 4.55
C LEU D 255 8.20 9.08 5.83
N MET D 256 6.99 9.63 5.90
CA MET D 256 6.52 10.31 7.11
C MET D 256 6.51 9.37 8.30
N ARG D 257 6.04 8.15 8.08
CA ARG D 257 6.09 7.12 9.13
C ARG D 257 7.53 6.92 9.66
N GLY D 258 8.48 6.78 8.74
CA GLY D 258 9.90 6.67 9.09
C GLY D 258 10.46 7.88 9.82
N ILE D 259 10.12 9.07 9.33
CA ILE D 259 10.55 10.34 9.94
C ILE D 259 10.15 10.49 11.41
N LYS D 260 9.05 9.88 11.83
CA LYS D 260 8.59 10.00 13.23
C LYS D 260 9.49 9.32 14.29
N THR D 261 10.42 8.45 13.87
CA THR D 261 11.37 7.83 14.80
C THR D 261 12.81 8.21 14.46
N LEU D 262 12.98 9.26 13.62
CA LEU D 262 14.29 9.65 13.12
C LEU D 262 15.26 9.90 14.26
N ASN D 263 14.88 10.75 15.21
CA ASN D 263 15.73 11.05 16.36
C ASN D 263 16.15 9.79 17.14
N LEU D 264 15.21 8.88 17.35
CA LEU D 264 15.51 7.66 18.09
C LEU D 264 16.42 6.76 17.26
N ARG D 265 16.16 6.67 15.96
CA ARG D 265 17.01 5.85 15.09
C ARG D 265 18.43 6.39 15.00
N MET D 266 18.57 7.68 14.75
CA MET D 266 19.90 8.27 14.61
C MET D 266 20.72 8.13 15.89
N ASP D 267 20.08 8.32 17.03
CA ASP D 267 20.74 8.13 18.31
C ASP D 267 21.37 6.72 18.41
N ARG D 268 20.60 5.70 18.02
CA ARG D 268 21.07 4.33 18.11
C ARG D 268 22.12 4.00 17.03
N HIS D 269 21.93 4.54 15.83
CA HIS D 269 22.89 4.40 14.72
C HIS D 269 24.24 4.94 15.15
N CYS D 270 24.21 6.15 15.72
CA CYS D 270 25.41 6.85 16.16
C CYS D 270 26.12 6.15 17.31
N ALA D 271 25.38 5.70 18.32
CA ALA D 271 25.96 4.97 19.47
C ALA D 271 26.56 3.62 19.07
N ASN D 272 25.89 2.88 18.18
CA ASN D 272 26.44 1.63 17.65
C ASN D 272 27.69 1.89 16.83
N ALA D 273 27.67 2.93 16.00
CA ALA D 273 28.79 3.20 15.12
C ALA D 273 30.04 3.66 15.89
N GLN D 274 29.86 4.49 16.90
CA GLN D 274 30.92 4.89 17.80
C GLN D 274 31.64 3.68 18.42
N VAL D 275 30.87 2.74 18.99
CA VAL D 275 31.45 1.55 19.62
C VAL D 275 32.20 0.70 18.59
N LEU D 276 31.60 0.54 17.42
CA LEU D 276 32.19 -0.23 16.32
C LEU D 276 33.48 0.41 15.77
N ALA D 277 33.46 1.74 15.59
CA ALA D 277 34.63 2.49 15.14
C ALA D 277 35.80 2.36 16.14
N GLU D 278 35.52 2.53 17.41
CA GLU D 278 36.54 2.36 18.46
C GLU D 278 37.13 0.94 18.45
N PHE D 279 36.25 -0.05 18.26
CA PHE D 279 36.67 -1.43 18.10
C PHE D 279 37.63 -1.59 16.91
N LEU D 280 37.17 -1.22 15.72
CA LEU D 280 37.98 -1.33 14.52
C LEU D 280 39.33 -0.65 14.62
N ALA D 281 39.40 0.48 15.31
CA ALA D 281 40.63 1.24 15.47
C ALA D 281 41.71 0.48 16.25
N ARG D 282 41.30 -0.42 17.12
CA ARG D 282 42.21 -1.27 17.92
C ARG D 282 42.56 -2.61 17.26
N GLN D 283 42.10 -2.89 16.04
CA GLN D 283 42.31 -4.23 15.46
C GLN D 283 43.54 -4.26 14.56
N PRO D 284 44.31 -5.36 14.63
CA PRO D 284 45.55 -5.46 13.83
C PRO D 284 45.39 -5.46 12.30
N GLN D 285 44.23 -5.88 11.79
CA GLN D 285 44.00 -6.00 10.33
C GLN D 285 43.65 -4.67 9.68
N VAL D 286 43.23 -3.68 10.50
CA VAL D 286 42.81 -2.35 10.01
C VAL D 286 44.02 -1.43 9.74
N GLU D 287 44.08 -0.86 8.54
CA GLU D 287 45.17 0.04 8.13
C GLU D 287 44.86 1.46 8.55
N LEU D 288 43.67 1.93 8.19
CA LEU D 288 43.15 3.19 8.72
C LEU D 288 41.63 3.22 8.74
N ILE D 289 41.09 4.15 9.49
CA ILE D 289 39.66 4.28 9.68
C ILE D 289 39.24 5.75 9.72
N HIS D 290 38.23 6.09 8.90
CA HIS D 290 37.56 7.38 8.94
C HIS D 290 36.22 7.27 9.67
N TYR D 291 36.15 7.82 10.87
CA TYR D 291 34.86 8.03 11.56
C TYR D 291 34.89 9.39 12.26
N PRO D 292 33.92 10.28 11.96
CA PRO D 292 33.93 11.62 12.61
C PRO D 292 34.03 11.63 14.13
N GLY D 293 33.51 10.59 14.77
CA GLY D 293 33.58 10.44 16.23
C GLY D 293 34.92 10.00 16.82
N LEU D 294 35.91 9.67 15.98
CA LEU D 294 37.26 9.31 16.47
C LEU D 294 38.16 10.55 16.54
N ALA D 295 38.78 10.77 17.70
CA ALA D 295 39.78 11.85 17.89
C ALA D 295 40.87 11.89 16.83
N SER D 296 41.19 10.74 16.22
CA SER D 296 42.12 10.67 15.10
C SER D 296 41.58 11.14 13.73
N PHE D 297 40.28 11.44 13.64
CA PHE D 297 39.65 11.90 12.37
C PHE D 297 40.29 13.22 12.00
N PRO D 298 40.82 13.35 10.76
CA PRO D 298 41.56 14.58 10.41
C PRO D 298 40.78 15.87 10.72
N GLN D 299 39.47 15.87 10.48
CA GLN D 299 38.65 17.04 10.69
C GLN D 299 37.71 16.88 11.88
N TYR D 300 38.25 16.35 12.98
CA TYR D 300 37.48 16.08 14.18
C TYR D 300 36.87 17.35 14.75
N THR D 301 37.66 18.43 14.79
CA THR D 301 37.20 19.71 15.34
C THR D 301 36.02 20.26 14.54
N LEU D 302 36.16 20.26 13.22
CA LEU D 302 35.08 20.68 12.34
C LEU D 302 33.84 19.78 12.47
N ALA D 303 34.06 18.46 12.58
CA ALA D 303 32.97 17.51 12.85
C ALA D 303 32.14 17.84 14.08
N ARG D 304 32.79 18.15 15.19
CA ARG D 304 32.07 18.53 16.42
C ARG D 304 31.42 19.89 16.35
N GLN D 305 31.92 20.73 15.46
CA GLN D 305 31.40 22.07 15.23
C GLN D 305 30.07 22.04 14.47
N GLN D 306 29.96 21.12 13.52
CA GLN D 306 28.92 21.17 12.49
C GLN D 306 27.84 20.10 12.64
N MET D 307 28.23 18.93 13.13
CA MET D 307 27.34 17.80 13.36
C MET D 307 27.14 17.62 14.86
N SER D 308 25.90 17.43 15.30
CA SER D 308 25.63 17.24 16.73
C SER D 308 26.05 15.84 17.24
N GLN D 309 26.14 14.85 16.34
CA GLN D 309 26.66 13.49 16.63
C GLN D 309 27.41 13.00 15.39
N PRO D 310 28.33 12.04 15.55
CA PRO D 310 29.21 11.66 14.44
C PRO D 310 28.63 10.73 13.35
N GLY D 311 27.35 10.35 13.44
CA GLY D 311 26.67 9.63 12.36
C GLY D 311 26.83 8.13 12.46
N GLY D 312 26.20 7.42 11.53
CA GLY D 312 26.21 5.95 11.51
C GLY D 312 27.07 5.28 10.44
N MET D 313 27.83 6.07 9.69
CA MET D 313 28.66 5.56 8.61
C MET D 313 30.13 5.45 9.01
N ILE D 314 30.77 4.33 8.67
CA ILE D 314 32.21 4.13 8.89
C ILE D 314 32.88 3.75 7.58
N ALA D 315 34.06 4.31 7.32
CA ALA D 315 34.89 3.86 6.20
C ALA D 315 36.24 3.47 6.75
N PHE D 316 36.74 2.32 6.33
CA PHE D 316 38.05 1.88 6.78
C PHE D 316 38.75 1.13 5.67
N GLU D 317 40.06 0.96 5.81
CA GLU D 317 40.83 0.13 4.90
C GLU D 317 41.50 -0.96 5.68
N LEU D 318 41.65 -2.12 5.06
CA LEU D 318 42.35 -3.24 5.66
C LEU D 318 43.76 -3.32 5.12
N LYS D 319 44.67 -3.80 5.97
CA LYS D 319 46.10 -3.91 5.61
C LYS D 319 46.35 -4.71 4.34
N GLY D 320 45.62 -5.83 4.18
CA GLY D 320 45.76 -6.69 3.00
C GLY D 320 45.15 -6.23 1.68
N GLY D 321 44.73 -4.97 1.59
CA GLY D 321 44.24 -4.38 0.34
C GLY D 321 42.90 -4.91 -0.10
N ILE D 322 42.66 -4.92 -1.40
CA ILE D 322 41.40 -5.39 -2.00
C ILE D 322 41.09 -6.87 -1.69
N GLY D 323 42.10 -7.74 -1.68
CA GLY D 323 41.94 -9.16 -1.39
C GLY D 323 41.35 -9.39 -0.02
N ALA D 324 41.88 -8.71 0.98
CA ALA D 324 41.38 -8.81 2.36
C ALA D 324 39.98 -8.22 2.50
N GLY D 325 39.73 -7.11 1.81
CA GLY D 325 38.43 -6.47 1.79
C GLY D 325 37.38 -7.40 1.23
N ARG D 326 37.65 -8.02 0.08
CA ARG D 326 36.76 -9.05 -0.48
C ARG D 326 36.41 -10.13 0.55
N ARG D 327 37.44 -10.69 1.17
CA ARG D 327 37.26 -11.79 2.10
C ARG D 327 36.55 -11.37 3.38
N PHE D 328 36.82 -10.16 3.87
CA PHE D 328 36.10 -9.57 4.99
C PHE D 328 34.61 -9.53 4.70
N MET D 329 34.29 -9.06 3.50
CA MET D 329 32.92 -8.86 3.09
C MET D 329 32.12 -10.14 2.90
N ASN D 330 32.76 -11.14 2.31
CA ASN D 330 32.17 -12.46 2.12
C ASN D 330 31.97 -13.20 3.42
N ALA D 331 32.75 -12.86 4.45
CA ALA D 331 32.67 -13.51 5.73
C ALA D 331 31.51 -13.00 6.63
N LEU D 332 30.99 -11.82 6.35
CA LEU D 332 29.89 -11.24 7.13
C LEU D 332 28.63 -12.10 7.03
N GLN D 333 28.00 -12.38 8.17
CA GLN D 333 26.76 -13.14 8.27
C GLN D 333 25.57 -12.32 8.76
N LEU D 334 25.82 -11.25 9.52
CA LEU D 334 24.75 -10.42 10.06
C LEU D 334 24.66 -9.15 9.22
N PHE D 335 25.78 -8.44 9.06
CA PHE D 335 25.89 -7.41 8.02
C PHE D 335 25.54 -8.08 6.70
N SER D 336 24.77 -7.39 5.86
CA SER D 336 24.50 -7.81 4.50
C SER D 336 25.44 -7.09 3.54
N ARG D 337 25.79 -7.75 2.44
CA ARG D 337 26.57 -7.12 1.36
C ARG D 337 25.62 -6.40 0.42
N ALA D 338 25.64 -5.08 0.47
CA ALA D 338 24.67 -4.29 -0.29
C ALA D 338 25.07 -2.83 -0.30
N VAL D 339 24.76 -2.15 -1.39
CA VAL D 339 24.80 -0.70 -1.42
C VAL D 339 23.60 -0.15 -0.63
N SER D 340 23.48 1.17 -0.58
CA SER D 340 22.49 1.86 0.25
C SER D 340 23.00 1.96 1.67
N LEU D 341 22.28 2.74 2.46
CA LEU D 341 22.63 3.03 3.85
C LEU D 341 21.43 3.56 4.63
N GLY D 342 21.60 3.69 5.93
CA GLY D 342 20.55 4.21 6.79
C GLY D 342 19.32 3.34 6.94
N ASP D 343 19.48 2.01 6.83
CA ASP D 343 18.41 1.07 7.12
C ASP D 343 18.63 0.51 8.50
N ALA D 344 17.60 -0.08 9.08
CA ALA D 344 17.73 -0.85 10.31
C ALA D 344 18.76 -1.98 10.20
N GLU D 345 18.90 -2.55 9.00
CA GLU D 345 19.85 -3.61 8.74
C GLU D 345 21.23 -3.00 8.49
N SER D 346 22.25 -3.57 9.15
CA SER D 346 23.64 -3.16 8.93
C SER D 346 24.10 -3.62 7.55
N LEU D 347 24.81 -2.76 6.82
CA LEU D 347 25.24 -3.04 5.43
C LEU D 347 26.73 -2.75 5.18
N ALA D 348 27.35 -3.50 4.28
CA ALA D 348 28.76 -3.27 3.90
C ALA D 348 28.90 -3.30 2.39
N SER D 349 29.91 -2.59 1.88
CA SER D 349 30.09 -2.41 0.43
C SER D 349 31.51 -1.97 0.11
N HIS D 350 31.94 -2.26 -1.14
CA HIS D 350 33.26 -1.90 -1.71
C HIS D 350 32.99 -0.84 -2.79
N PRO D 351 33.20 0.46 -2.49
CA PRO D 351 32.73 1.52 -3.39
C PRO D 351 33.31 1.56 -4.79
N ALA D 352 34.54 1.09 -4.97
CA ALA D 352 35.16 1.07 -6.31
C ALA D 352 34.41 0.16 -7.30
N SER D 353 33.92 -1.00 -6.84
CA SER D 353 33.18 -1.95 -7.68
C SER D 353 31.66 -1.74 -7.67
N MET D 354 31.16 -0.76 -6.91
CA MET D 354 29.74 -0.64 -6.65
C MET D 354 29.26 0.83 -6.76
N THR D 355 29.18 1.52 -5.65
CA THR D 355 28.65 2.89 -5.60
C THR D 355 29.41 3.89 -6.45
N HIS D 356 30.70 3.66 -6.57
CA HIS D 356 31.60 4.51 -7.33
C HIS D 356 32.17 3.89 -8.58
N SER D 357 31.40 2.96 -9.15
CA SER D 357 31.68 2.26 -10.40
C SER D 357 31.65 3.19 -11.59
N SER D 358 30.73 4.15 -11.53
CA SER D 358 30.54 5.22 -12.50
C SER D 358 31.83 6.02 -12.79
N TYR D 359 32.77 6.02 -11.84
CA TYR D 359 34.12 6.56 -12.03
C TYR D 359 35.00 5.54 -12.76
N THR D 360 35.96 6.05 -13.53
CA THR D 360 37.07 5.22 -14.04
C THR D 360 38.10 5.01 -12.90
N PRO D 361 39.01 4.01 -13.03
CA PRO D 361 40.14 3.81 -12.08
C PRO D 361 40.98 5.04 -11.78
N GLU D 362 41.16 5.90 -12.80
CA GLU D 362 41.94 7.15 -12.72
C GLU D 362 41.20 8.25 -11.92
N GLU D 363 39.89 8.35 -12.14
CA GLU D 363 39.04 9.31 -11.42
C GLU D 363 38.89 8.99 -9.93
N ARG D 364 38.67 7.72 -9.61
CA ARG D 364 38.65 7.24 -8.21
C ARG D 364 39.94 7.59 -7.46
N ALA D 365 41.09 7.31 -8.09
CA ALA D 365 42.40 7.60 -7.48
C ALA D 365 42.63 9.10 -7.32
N HIS D 366 42.18 9.88 -8.30
CA HIS D 366 42.28 11.34 -8.25
C HIS D 366 41.32 11.99 -7.24
N TYR D 367 40.08 11.51 -7.18
CA TYR D 367 39.03 12.10 -6.32
C TYR D 367 38.87 11.39 -4.95
N GLY D 368 39.75 10.44 -4.64
CA GLY D 368 39.88 9.88 -3.28
C GLY D 368 39.18 8.56 -2.94
N ILE D 369 38.69 7.83 -3.95
CA ILE D 369 38.07 6.53 -3.72
C ILE D 369 39.14 5.45 -3.89
N SER D 370 39.68 5.00 -2.77
CA SER D 370 40.65 3.90 -2.73
C SER D 370 40.05 2.59 -3.25
N GLU D 371 40.93 1.67 -3.61
CA GLU D 371 40.54 0.33 -4.07
C GLU D 371 40.33 -0.66 -2.89
N GLY D 372 41.08 -0.52 -1.81
CA GLY D 372 40.92 -1.39 -0.61
C GLY D 372 39.92 -0.91 0.45
N LEU D 373 39.16 0.17 0.15
CA LEU D 373 38.23 0.79 1.10
C LEU D 373 36.96 -0.03 1.24
N VAL D 374 36.51 -0.22 2.49
CA VAL D 374 35.15 -0.73 2.73
C VAL D 374 34.33 0.26 3.58
N ARG D 375 33.05 0.38 3.23
CA ARG D 375 32.11 1.26 3.89
C ARG D 375 31.06 0.45 4.64
N LEU D 376 30.82 0.80 5.89
CA LEU D 376 29.79 0.21 6.71
C LEU D 376 28.72 1.25 7.02
N SER D 377 27.47 0.90 6.72
CA SER D 377 26.29 1.56 7.29
C SER D 377 25.92 0.78 8.51
N VAL D 378 26.17 1.34 9.70
CA VAL D 378 25.89 0.66 10.95
C VAL D 378 24.41 0.78 11.30
N GLY D 379 23.77 -0.39 11.44
CA GLY D 379 22.33 -0.49 11.63
C GLY D 379 21.94 -0.42 13.08
N LEU D 380 20.71 -0.83 13.36
CA LEU D 380 20.12 -0.77 14.70
C LEU D 380 20.17 -2.07 15.47
N GLU D 381 20.90 -3.08 14.98
CA GLU D 381 21.03 -4.34 15.72
C GLU D 381 21.77 -4.14 17.05
N ASP D 382 21.61 -5.13 17.95
CA ASP D 382 22.38 -5.23 19.20
C ASP D 382 23.87 -5.19 18.89
N ILE D 383 24.55 -4.23 19.53
CA ILE D 383 25.98 -3.97 19.30
C ILE D 383 26.90 -5.19 19.56
N ASP D 384 26.57 -6.06 20.52
CA ASP D 384 27.36 -7.27 20.73
C ASP D 384 27.31 -8.21 19.52
N ASP D 385 26.13 -8.33 18.90
CA ASP D 385 25.97 -9.16 17.72
C ASP D 385 26.78 -8.61 16.52
N LEU D 386 26.77 -7.29 16.35
CA LEU D 386 27.48 -6.65 15.25
C LEU D 386 28.99 -6.73 15.42
N LEU D 387 29.46 -6.57 16.65
CA LEU D 387 30.88 -6.74 16.98
C LEU D 387 31.35 -8.17 16.74
N ALA D 388 30.58 -9.14 17.21
CA ALA D 388 30.93 -10.56 17.02
C ALA D 388 30.99 -10.91 15.53
N ASP D 389 30.10 -10.33 14.74
CA ASP D 389 30.12 -10.53 13.28
C ASP D 389 31.39 -9.93 12.66
N VAL D 390 31.75 -8.72 13.09
CA VAL D 390 32.90 -7.99 12.56
C VAL D 390 34.22 -8.65 12.96
N GLN D 391 34.35 -9.04 14.23
CA GLN D 391 35.54 -9.74 14.74
C GLN D 391 35.87 -10.94 13.86
N GLN D 392 34.90 -11.81 13.62
CA GLN D 392 35.17 -13.06 12.87
C GLN D 392 35.45 -12.80 11.37
N ALA D 393 34.86 -11.74 10.82
CA ALA D 393 35.15 -11.35 9.45
C ALA D 393 36.58 -10.79 9.29
N LEU D 394 37.12 -10.17 10.34
CA LEU D 394 38.52 -9.71 10.32
C LEU D 394 39.51 -10.88 10.36
N LYS D 395 39.22 -11.89 11.18
CA LYS D 395 40.03 -13.12 11.17
C LYS D 395 40.01 -13.77 9.80
N ALA D 396 38.83 -13.81 9.19
CA ALA D 396 38.66 -14.36 7.87
C ALA D 396 39.27 -13.51 6.76
N SER D 397 39.52 -12.23 7.02
CA SER D 397 40.08 -11.33 6.01
C SER D 397 41.53 -11.66 5.65
N ALA D 398 42.28 -12.19 6.61
CA ALA D 398 43.70 -12.47 6.42
C ALA D 398 43.93 -13.54 5.34
C 3LM E . -8.10 1.38 24.09
N 3LM E . -7.85 -0.94 23.31
O1 3LM E . -7.61 1.07 25.20
P 3LM E . -8.07 -4.05 18.75
N1 3LM E . -6.86 -5.71 24.33
C2 3LM E . -6.40 -4.55 24.94
C3 3LM E . -6.65 -3.34 24.32
O3 3LM E . -6.18 -2.22 24.93
C4 3LM E . -7.33 -3.24 23.07
C5 3LM E . -7.78 -4.47 22.52
C6 3LM E . -7.52 -5.67 23.19
CA 3LM E . -8.26 0.32 22.97
CB 3LM E . -9.00 0.61 21.64
SD 3LM E . -11.74 1.30 21.11
CE 3LM E . -13.00 1.39 22.37
CG 3LM E . -10.19 1.51 22.07
C2A 3LM E . -5.70 -4.66 26.16
C4A 3LM E . -7.60 -1.98 22.48
C5A 3LM E . -8.52 -4.61 21.30
OP1 3LM E . -6.78 -4.25 18.08
OP2 3LM E . -8.44 -2.67 19.09
OP3 3LM E . -9.15 -5.06 18.52
OP4 3LM E . -7.63 -4.61 20.22
O2 3LM E . -8.46 2.56 23.92
N MET F . -11.67 -20.06 -0.68
CA MET F . -11.61 -21.31 -1.50
C MET F . -12.87 -21.44 -2.40
O MET F . -13.43 -20.44 -2.83
CB MET F . -11.42 -22.57 -0.61
CG MET F . -10.49 -22.42 0.61
SD MET F . -10.64 -23.84 1.71
CE MET F . -9.65 -23.33 3.11
OXT MET F . -13.36 -22.52 -2.73
C 3LM G . -3.82 16.03 -19.77
N 3LM G . -1.68 14.93 -19.71
O1 3LM G . -4.77 16.63 -19.23
P 3LM G . 2.42 12.47 -16.68
N1 3LM G . 1.71 12.52 -22.54
C2 3LM G . 0.36 12.87 -22.76
C3 3LM G . -0.33 13.48 -21.71
O3 3LM G . -1.63 13.81 -21.97
C4 3LM G . 0.27 13.76 -20.44
C5 3LM G . 1.64 13.37 -20.29
C6 3LM G . 2.30 12.77 -21.38
CA 3LM G . -2.60 15.58 -18.96
CB 3LM G . -2.59 15.84 -17.46
SD 3LM G . -2.03 18.33 -16.29
CE 3LM G . -0.65 19.45 -16.43
CG 3LM G . -1.43 16.76 -17.08
C2A 3LM G . -0.23 12.62 -24.00
C4A 3LM G . -0.48 14.39 -19.41
C5A 3LM G . 2.40 13.56 -19.11
OP1 3LM G . 2.20 11.04 -16.42
OP2 3LM G . 1.31 13.39 -16.41
OP3 3LM G . 3.80 12.97 -16.61
OP4 3LM G . 2.28 12.38 -18.31
O2 3LM G . -3.87 15.82 -21.01
C 3LM H . 24.73 4.44 -1.82
N 3LM H . 23.58 6.41 -2.57
O1 3LM H . 25.31 5.17 -0.99
P 3LM H . 18.74 7.75 -4.64
N1 3LM H . 23.02 11.38 -2.46
C2 3LM H . 23.81 10.51 -1.71
C3 3LM H . 23.67 9.16 -1.95
O3 3LM H . 24.45 8.31 -1.21
C4 3LM H . 22.75 8.65 -2.92
C5 3LM H . 21.97 9.58 -3.66
C6 3LM H . 22.16 10.94 -3.38
CA 3LM H . 23.68 5.07 -2.75
CB 3LM H . 22.96 4.32 -3.92
SD 3LM H . 23.64 2.58 -6.16
CE 3LM H . 25.03 3.22 -7.07
CG 3LM H . 23.88 3.17 -4.41
C2A 3LM H . 24.71 10.98 -0.74
C4A 3LM H . 22.70 7.26 -3.17
C5A 3LM H . 21.01 9.24 -4.67
OP1 3LM H . 17.69 7.84 -3.61
OP2 3LM H . 19.65 6.60 -4.62
OP3 3LM H . 18.47 8.40 -5.93
OP4 3LM H . 19.80 8.84 -4.01
O2 3LM H . 25.03 3.23 -1.81
#